data_7HN5
# 
_entry.id   7HN5 
# 
_audit_conform.dict_name       mmcif_pdbx.dic 
_audit_conform.dict_version    5.399 
_audit_conform.dict_location   http://mmcif.pdb.org/dictionaries/ascii/mmcif_pdbx.dic 
# 
loop_
_database_2.database_id 
_database_2.database_code 
_database_2.pdbx_database_accession 
_database_2.pdbx_DOI 
PDB   7HN5         pdb_00007hn5 10.2210/pdb7hn5/pdb 
WWPDB D_1001407683 ?            ?                   
# 
_pdbx_audit_revision_history.ordinal             1 
_pdbx_audit_revision_history.data_content_type   'Structure model' 
_pdbx_audit_revision_history.major_revision      1 
_pdbx_audit_revision_history.minor_revision      0 
_pdbx_audit_revision_history.revision_date       2024-11-27 
# 
_pdbx_audit_revision_details.ordinal             1 
_pdbx_audit_revision_details.revision_ordinal    1 
_pdbx_audit_revision_details.data_content_type   'Structure model' 
_pdbx_audit_revision_details.provider            repository 
_pdbx_audit_revision_details.type                'Initial release' 
_pdbx_audit_revision_details.description         ? 
_pdbx_audit_revision_details.details             ? 
# 
_pdbx_database_status.entry_id                        7HN5 
_pdbx_database_status.status_code                     REL 
_pdbx_database_status.status_code_sf                  REL 
_pdbx_database_status.status_code_mr                  ? 
_pdbx_database_status.status_code_cs                  ? 
_pdbx_database_status.recvd_initial_deposition_date   2024-11-04 
_pdbx_database_status.status_code_nmr_data            ? 
_pdbx_database_status.deposit_site                    RCSB 
_pdbx_database_status.process_site                    RCSB 
_pdbx_database_status.SG_entry                        ? 
_pdbx_database_status.pdb_format_compatible           Y 
_pdbx_database_status.methods_development_category    ? 
# 
_pdbx_contact_author.id                 1 
_pdbx_contact_author.email              knapp@pharmchem.uni-frankfurt.de 
_pdbx_contact_author.name_first         Stefan 
_pdbx_contact_author.name_last          Knapp 
_pdbx_contact_author.role               'principal investigator/group leader' 
_pdbx_contact_author.identifier_ORCID   0000-0001-5995-6494 
_pdbx_contact_author.name_mi            ? 
# 
loop_
_audit_author.name 
_audit_author.pdbx_ordinal 
'Kim, Y.'                              1 
'Marples, P.'                          2 
'Fearon, D.'                           3 
'von Delft, F.'                        4 
'Knapp, S.'                            5 
'Kraemer, A.'                          6 
'Structural Genomics Consortium (SGC)' 7 
# 
_citation.id                        primary 
_citation.title                     'PanDDA analysis group deposition' 
_citation.journal_abbrev            'To Be Published' 
_citation.journal_volume            ? 
_citation.page_first                ? 
_citation.page_last                 ? 
_citation.year                      ? 
_citation.journal_id_ASTM           ? 
_citation.country                   ? 
_citation.journal_id_ISSN           ? 
_citation.journal_id_CSD            0353 
_citation.book_publisher            ? 
_citation.pdbx_database_id_PubMed   ? 
_citation.pdbx_database_id_DOI      ? 
# 
loop_
_citation_author.citation_id 
_citation_author.name 
_citation_author.identifier_ORCID 
_citation_author.ordinal 
primary 'Kim, Y.'                              ? 1 
primary 'Marples, P.'                          ? 2 
primary 'Fearon, D.'                           ? 3 
primary 'von Delft, F.'                        ? 4 
primary 'Knapp, S.'                            ? 5 
primary 'Kraemer, A.'                          ? 6 
primary 'Structural Genomics Consortium (SGC)' ? 7 
# 
loop_
_entity.id 
_entity.type 
_entity.src_method 
_entity.pdbx_description 
_entity.formula_weight 
_entity.pdbx_number_of_molecules 
_entity.pdbx_ec 
_entity.pdbx_mutation 
_entity.pdbx_fragment 
_entity.details 
1 polymer     man 'E3 ubiquitin-protein ligase TRIM21'  21596.361 1   2.3.2.27 ? ? ? 
2 non-polymer syn 'N-(2-phenylethyl)methanesulfonamide' 199.270   1   ?        ? ? ? 
3 non-polymer syn 1,2-ETHANEDIOL                        62.068    1   ?        ? ? ? 
4 non-polymer syn 'SULFATE ION'                         96.063    1   ?        ? ? ? 
5 water       nat water                                 18.015    144 ?        ? ? ? 
# 
_entity_name_com.entity_id   1 
_entity_name_com.name        
;52 kDa Ro protein,52 kDa ribonucleoprotein autoantigen Ro/SS-A,Ro(SS-A),Sjoegren syndrome type A antigen,SS-A,Tripartite motif-containing protein 21
;
# 
_entity_poly.entity_id                      1 
_entity_poly.type                           'polypeptide(L)' 
_entity_poly.nstd_linkage                   no 
_entity_poly.nstd_monomer                   no 
_entity_poly.pdbx_seq_one_letter_code       
;MHHHHHHMVHITLDRNTANSWLIISKDRRQVRMGDTHQNVSDNKERFSNYPMVLGAQRFSSGKMYWEVDVTQKEAWDLGV
CRDSVQRKGQFSLSPENGFWTIWLWQDSYEAGTSPQTTLHIQVPPCQIGIFVDYEAGVVSFYNITDHGSLIYTFSECVFA
GPLRPFFNVGFNYSGGNAAPLKLCPLKM
;
_entity_poly.pdbx_seq_one_letter_code_can   
;MHHHHHHMVHITLDRNTANSWLIISKDRRQVRMGDTHQNVSDNKERFSNYPMVLGAQRFSSGKMYWEVDVTQKEAWDLGV
CRDSVQRKGQFSLSPENGFWTIWLWQDSYEAGTSPQTTLHIQVPPCQIGIFVDYEAGVVSFYNITDHGSLIYTFSECVFA
GPLRPFFNVGFNYSGGNAAPLKLCPLKM
;
_entity_poly.pdbx_strand_id                 B 
_entity_poly.pdbx_target_identifier         ? 
# 
loop_
_pdbx_entity_nonpoly.entity_id 
_pdbx_entity_nonpoly.name 
_pdbx_entity_nonpoly.comp_id 
2 'N-(2-phenylethyl)methanesulfonamide' JFM 
3 1,2-ETHANEDIOL                        EDO 
4 'SULFATE ION'                         SO4 
5 water                                 HOH 
# 
loop_
_entity_poly_seq.entity_id 
_entity_poly_seq.num 
_entity_poly_seq.mon_id 
_entity_poly_seq.hetero 
1 1   MET n 
1 2   HIS n 
1 3   HIS n 
1 4   HIS n 
1 5   HIS n 
1 6   HIS n 
1 7   HIS n 
1 8   MET n 
1 9   VAL n 
1 10  HIS n 
1 11  ILE n 
1 12  THR n 
1 13  LEU n 
1 14  ASP n 
1 15  ARG n 
1 16  ASN n 
1 17  THR n 
1 18  ALA n 
1 19  ASN n 
1 20  SER n 
1 21  TRP n 
1 22  LEU n 
1 23  ILE n 
1 24  ILE n 
1 25  SER n 
1 26  LYS n 
1 27  ASP n 
1 28  ARG n 
1 29  ARG n 
1 30  GLN n 
1 31  VAL n 
1 32  ARG n 
1 33  MET n 
1 34  GLY n 
1 35  ASP n 
1 36  THR n 
1 37  HIS n 
1 38  GLN n 
1 39  ASN n 
1 40  VAL n 
1 41  SER n 
1 42  ASP n 
1 43  ASN n 
1 44  LYS n 
1 45  GLU n 
1 46  ARG n 
1 47  PHE n 
1 48  SER n 
1 49  ASN n 
1 50  TYR n 
1 51  PRO n 
1 52  MET n 
1 53  VAL n 
1 54  LEU n 
1 55  GLY n 
1 56  ALA n 
1 57  GLN n 
1 58  ARG n 
1 59  PHE n 
1 60  SER n 
1 61  SER n 
1 62  GLY n 
1 63  LYS n 
1 64  MET n 
1 65  TYR n 
1 66  TRP n 
1 67  GLU n 
1 68  VAL n 
1 69  ASP n 
1 70  VAL n 
1 71  THR n 
1 72  GLN n 
1 73  LYS n 
1 74  GLU n 
1 75  ALA n 
1 76  TRP n 
1 77  ASP n 
1 78  LEU n 
1 79  GLY n 
1 80  VAL n 
1 81  CYS n 
1 82  ARG n 
1 83  ASP n 
1 84  SER n 
1 85  VAL n 
1 86  GLN n 
1 87  ARG n 
1 88  LYS n 
1 89  GLY n 
1 90  GLN n 
1 91  PHE n 
1 92  SER n 
1 93  LEU n 
1 94  SER n 
1 95  PRO n 
1 96  GLU n 
1 97  ASN n 
1 98  GLY n 
1 99  PHE n 
1 100 TRP n 
1 101 THR n 
1 102 ILE n 
1 103 TRP n 
1 104 LEU n 
1 105 TRP n 
1 106 GLN n 
1 107 ASP n 
1 108 SER n 
1 109 TYR n 
1 110 GLU n 
1 111 ALA n 
1 112 GLY n 
1 113 THR n 
1 114 SER n 
1 115 PRO n 
1 116 GLN n 
1 117 THR n 
1 118 THR n 
1 119 LEU n 
1 120 HIS n 
1 121 ILE n 
1 122 GLN n 
1 123 VAL n 
1 124 PRO n 
1 125 PRO n 
1 126 CYS n 
1 127 GLN n 
1 128 ILE n 
1 129 GLY n 
1 130 ILE n 
1 131 PHE n 
1 132 VAL n 
1 133 ASP n 
1 134 TYR n 
1 135 GLU n 
1 136 ALA n 
1 137 GLY n 
1 138 VAL n 
1 139 VAL n 
1 140 SER n 
1 141 PHE n 
1 142 TYR n 
1 143 ASN n 
1 144 ILE n 
1 145 THR n 
1 146 ASP n 
1 147 HIS n 
1 148 GLY n 
1 149 SER n 
1 150 LEU n 
1 151 ILE n 
1 152 TYR n 
1 153 THR n 
1 154 PHE n 
1 155 SER n 
1 156 GLU n 
1 157 CYS n 
1 158 VAL n 
1 159 PHE n 
1 160 ALA n 
1 161 GLY n 
1 162 PRO n 
1 163 LEU n 
1 164 ARG n 
1 165 PRO n 
1 166 PHE n 
1 167 PHE n 
1 168 ASN n 
1 169 VAL n 
1 170 GLY n 
1 171 PHE n 
1 172 ASN n 
1 173 TYR n 
1 174 SER n 
1 175 GLY n 
1 176 GLY n 
1 177 ASN n 
1 178 ALA n 
1 179 ALA n 
1 180 PRO n 
1 181 LEU n 
1 182 LYS n 
1 183 LEU n 
1 184 CYS n 
1 185 PRO n 
1 186 LEU n 
1 187 LYS n 
1 188 MET n 
# 
_entity_src_gen.entity_id                          1 
_entity_src_gen.pdbx_src_id                        1 
_entity_src_gen.pdbx_alt_source_flag               sample 
_entity_src_gen.pdbx_seq_type                      'Biological sequence' 
_entity_src_gen.pdbx_beg_seq_num                   1 
_entity_src_gen.pdbx_end_seq_num                   188 
_entity_src_gen.gene_src_common_name               'house mouse' 
_entity_src_gen.gene_src_genus                     ? 
_entity_src_gen.pdbx_gene_src_gene                 'Trim21, Ro52, Ssa1' 
_entity_src_gen.gene_src_species                   ? 
_entity_src_gen.gene_src_strain                    ? 
_entity_src_gen.gene_src_tissue                    ? 
_entity_src_gen.gene_src_tissue_fraction           ? 
_entity_src_gen.gene_src_details                   ? 
_entity_src_gen.pdbx_gene_src_fragment             ? 
_entity_src_gen.pdbx_gene_src_scientific_name      'Mus musculus' 
_entity_src_gen.pdbx_gene_src_ncbi_taxonomy_id     10090 
_entity_src_gen.pdbx_gene_src_variant              ? 
_entity_src_gen.pdbx_gene_src_cell_line            ? 
_entity_src_gen.pdbx_gene_src_atcc                 ? 
_entity_src_gen.pdbx_gene_src_organ                ? 
_entity_src_gen.pdbx_gene_src_organelle            ? 
_entity_src_gen.pdbx_gene_src_cell                 ? 
_entity_src_gen.pdbx_gene_src_cellular_location    ? 
_entity_src_gen.host_org_common_name               ? 
_entity_src_gen.pdbx_host_org_scientific_name      'Escherichia coli' 
_entity_src_gen.pdbx_host_org_ncbi_taxonomy_id     562 
_entity_src_gen.host_org_genus                     ? 
_entity_src_gen.pdbx_host_org_gene                 ? 
_entity_src_gen.pdbx_host_org_organ                ? 
_entity_src_gen.host_org_species                   ? 
_entity_src_gen.pdbx_host_org_tissue               ? 
_entity_src_gen.pdbx_host_org_tissue_fraction      ? 
_entity_src_gen.pdbx_host_org_strain               ? 
_entity_src_gen.pdbx_host_org_variant              ? 
_entity_src_gen.pdbx_host_org_cell_line            ? 
_entity_src_gen.pdbx_host_org_atcc                 ? 
_entity_src_gen.pdbx_host_org_culture_collection   ? 
_entity_src_gen.pdbx_host_org_cell                 ? 
_entity_src_gen.pdbx_host_org_organelle            ? 
_entity_src_gen.pdbx_host_org_cellular_location    ? 
_entity_src_gen.pdbx_host_org_vector_type          ? 
_entity_src_gen.pdbx_host_org_vector               ? 
_entity_src_gen.host_org_details                   ? 
_entity_src_gen.expression_system_id               ? 
_entity_src_gen.plasmid_name                       ? 
_entity_src_gen.plasmid_details                    ? 
_entity_src_gen.pdbx_description                   ? 
# 
loop_
_chem_comp.id 
_chem_comp.type 
_chem_comp.mon_nstd_flag 
_chem_comp.name 
_chem_comp.pdbx_synonyms 
_chem_comp.formula 
_chem_comp.formula_weight 
ALA 'L-peptide linking' y ALANINE                               ?                 'C3 H7 N O2'     89.093  
ARG 'L-peptide linking' y ARGININE                              ?                 'C6 H15 N4 O2 1' 175.209 
ASN 'L-peptide linking' y ASPARAGINE                            ?                 'C4 H8 N2 O3'    132.118 
ASP 'L-peptide linking' y 'ASPARTIC ACID'                       ?                 'C4 H7 N O4'     133.103 
CYS 'L-peptide linking' y CYSTEINE                              ?                 'C3 H7 N O2 S'   121.158 
EDO non-polymer         . 1,2-ETHANEDIOL                        'ETHYLENE GLYCOL' 'C2 H6 O2'       62.068  
GLN 'L-peptide linking' y GLUTAMINE                             ?                 'C5 H10 N2 O3'   146.144 
GLU 'L-peptide linking' y 'GLUTAMIC ACID'                       ?                 'C5 H9 N O4'     147.129 
GLY 'peptide linking'   y GLYCINE                               ?                 'C2 H5 N O2'     75.067  
HIS 'L-peptide linking' y HISTIDINE                             ?                 'C6 H10 N3 O2 1' 156.162 
HOH non-polymer         . WATER                                 ?                 'H2 O'           18.015  
ILE 'L-peptide linking' y ISOLEUCINE                            ?                 'C6 H13 N O2'    131.173 
JFM non-polymer         . 'N-(2-phenylethyl)methanesulfonamide' ?                 'C9 H13 N O2 S'  199.270 
LEU 'L-peptide linking' y LEUCINE                               ?                 'C6 H13 N O2'    131.173 
LYS 'L-peptide linking' y LYSINE                                ?                 'C6 H15 N2 O2 1' 147.195 
MET 'L-peptide linking' y METHIONINE                            ?                 'C5 H11 N O2 S'  149.211 
PHE 'L-peptide linking' y PHENYLALANINE                         ?                 'C9 H11 N O2'    165.189 
PRO 'L-peptide linking' y PROLINE                               ?                 'C5 H9 N O2'     115.130 
SER 'L-peptide linking' y SERINE                                ?                 'C3 H7 N O3'     105.093 
SO4 non-polymer         . 'SULFATE ION'                         ?                 'O4 S -2'        96.063  
THR 'L-peptide linking' y THREONINE                             ?                 'C4 H9 N O3'     119.119 
TRP 'L-peptide linking' y TRYPTOPHAN                            ?                 'C11 H12 N2 O2'  204.225 
TYR 'L-peptide linking' y TYROSINE                              ?                 'C9 H11 N O3'    181.189 
VAL 'L-peptide linking' y VALINE                                ?                 'C5 H11 N O2'    117.146 
# 
loop_
_pdbx_poly_seq_scheme.asym_id 
_pdbx_poly_seq_scheme.entity_id 
_pdbx_poly_seq_scheme.seq_id 
_pdbx_poly_seq_scheme.mon_id 
_pdbx_poly_seq_scheme.ndb_seq_num 
_pdbx_poly_seq_scheme.pdb_seq_num 
_pdbx_poly_seq_scheme.auth_seq_num 
_pdbx_poly_seq_scheme.pdb_mon_id 
_pdbx_poly_seq_scheme.auth_mon_id 
_pdbx_poly_seq_scheme.pdb_strand_id 
_pdbx_poly_seq_scheme.pdb_ins_code 
_pdbx_poly_seq_scheme.hetero 
A 1 1   MET 1   7   ?   ?   ?   B . n 
A 1 2   HIS 2   8   8   HIS HIS B . n 
A 1 3   HIS 3   9   9   HIS HIS B . n 
A 1 4   HIS 4   10  10  HIS HIS B . n 
A 1 5   HIS 5   11  11  HIS HIS B . n 
A 1 6   HIS 6   12  12  HIS HIS B . n 
A 1 7   HIS 7   13  13  HIS HIS B . n 
A 1 8   MET 8   14  14  MET MET B . n 
A 1 9   VAL 9   15  15  VAL VAL B . n 
A 1 10  HIS 10  16  16  HIS HIS B . n 
A 1 11  ILE 11  17  17  ILE ILE B . n 
A 1 12  THR 12  18  18  THR THR B . n 
A 1 13  LEU 13  19  19  LEU LEU B . n 
A 1 14  ASP 14  20  20  ASP ASP B . n 
A 1 15  ARG 15  21  21  ARG ARG B . n 
A 1 16  ASN 16  22  22  ASN ASN B . n 
A 1 17  THR 17  23  23  THR THR B . n 
A 1 18  ALA 18  24  24  ALA ALA B . n 
A 1 19  ASN 19  25  25  ASN ASN B . n 
A 1 20  SER 20  26  26  SER SER B . n 
A 1 21  TRP 21  27  27  TRP TRP B . n 
A 1 22  LEU 22  28  28  LEU LEU B . n 
A 1 23  ILE 23  29  29  ILE ILE B . n 
A 1 24  ILE 24  30  30  ILE ILE B . n 
A 1 25  SER 25  31  31  SER SER B . n 
A 1 26  LYS 26  32  32  LYS LYS B . n 
A 1 27  ASP 27  33  33  ASP ASP B . n 
A 1 28  ARG 28  34  34  ARG ARG B . n 
A 1 29  ARG 29  35  35  ARG ARG B . n 
A 1 30  GLN 30  36  36  GLN GLN B . n 
A 1 31  VAL 31  37  37  VAL VAL B . n 
A 1 32  ARG 32  38  38  ARG ARG B . n 
A 1 33  MET 33  39  39  MET MET B . n 
A 1 34  GLY 34  40  40  GLY GLY B . n 
A 1 35  ASP 35  41  41  ASP ASP B . n 
A 1 36  THR 36  42  42  THR THR B . n 
A 1 37  HIS 37  43  43  HIS HIS B . n 
A 1 38  GLN 38  44  44  GLN GLN B . n 
A 1 39  ASN 39  45  45  ASN ASN B . n 
A 1 40  VAL 40  46  46  VAL VAL B . n 
A 1 41  SER 41  47  47  SER SER B . n 
A 1 42  ASP 42  48  48  ASP ASP B . n 
A 1 43  ASN 43  49  49  ASN ASN B . n 
A 1 44  LYS 44  50  50  LYS LYS B . n 
A 1 45  GLU 45  51  51  GLU GLU B . n 
A 1 46  ARG 46  52  52  ARG ARG B . n 
A 1 47  PHE 47  53  53  PHE PHE B . n 
A 1 48  SER 48  54  54  SER SER B . n 
A 1 49  ASN 49  55  55  ASN ASN B . n 
A 1 50  TYR 50  56  56  TYR TYR B . n 
A 1 51  PRO 51  57  57  PRO PRO B . n 
A 1 52  MET 52  58  58  MET MET B . n 
A 1 53  VAL 53  59  59  VAL VAL B . n 
A 1 54  LEU 54  60  60  LEU LEU B . n 
A 1 55  GLY 55  61  61  GLY GLY B . n 
A 1 56  ALA 56  62  62  ALA ALA B . n 
A 1 57  GLN 57  63  63  GLN GLN B . n 
A 1 58  ARG 58  64  64  ARG ARG B . n 
A 1 59  PHE 59  65  65  PHE PHE B . n 
A 1 60  SER 60  66  66  SER SER B . n 
A 1 61  SER 61  67  67  SER SER B . n 
A 1 62  GLY 62  68  68  GLY GLY B . n 
A 1 63  LYS 63  69  69  LYS LYS B . n 
A 1 64  MET 64  70  70  MET MET B . n 
A 1 65  TYR 65  71  71  TYR TYR B . n 
A 1 66  TRP 66  72  72  TRP TRP B . n 
A 1 67  GLU 67  73  73  GLU GLU B . n 
A 1 68  VAL 68  74  74  VAL VAL B . n 
A 1 69  ASP 69  75  75  ASP ASP B . n 
A 1 70  VAL 70  76  76  VAL VAL B . n 
A 1 71  THR 71  77  77  THR THR B . n 
A 1 72  GLN 72  78  78  GLN GLN B . n 
A 1 73  LYS 73  79  79  LYS LYS B . n 
A 1 74  GLU 74  80  80  GLU GLU B . n 
A 1 75  ALA 75  81  81  ALA ALA B . n 
A 1 76  TRP 76  82  82  TRP TRP B . n 
A 1 77  ASP 77  83  83  ASP ASP B . n 
A 1 78  LEU 78  84  84  LEU LEU B . n 
A 1 79  GLY 79  85  85  GLY GLY B . n 
A 1 80  VAL 80  86  86  VAL VAL B . n 
A 1 81  CYS 81  87  87  CYS CYS B . n 
A 1 82  ARG 82  88  88  ARG ARG B . n 
A 1 83  ASP 83  89  89  ASP ASP B . n 
A 1 84  SER 84  90  90  SER SER B . n 
A 1 85  VAL 85  91  91  VAL VAL B . n 
A 1 86  GLN 86  92  92  GLN GLN B . n 
A 1 87  ARG 87  93  93  ARG ARG B . n 
A 1 88  LYS 88  94  94  LYS LYS B . n 
A 1 89  GLY 89  95  95  GLY GLY B . n 
A 1 90  GLN 90  96  96  GLN GLN B . n 
A 1 91  PHE 91  97  97  PHE PHE B . n 
A 1 92  SER 92  98  98  SER SER B . n 
A 1 93  LEU 93  99  99  LEU LEU B . n 
A 1 94  SER 94  100 100 SER SER B . n 
A 1 95  PRO 95  101 101 PRO PRO B . n 
A 1 96  GLU 96  102 102 GLU GLU B . n 
A 1 97  ASN 97  103 103 ASN ASN B . n 
A 1 98  GLY 98  104 104 GLY GLY B . n 
A 1 99  PHE 99  105 105 PHE PHE B . n 
A 1 100 TRP 100 106 106 TRP TRP B . n 
A 1 101 THR 101 107 107 THR THR B . n 
A 1 102 ILE 102 108 108 ILE ILE B . n 
A 1 103 TRP 103 109 109 TRP TRP B . n 
A 1 104 LEU 104 110 110 LEU LEU B . n 
A 1 105 TRP 105 111 111 TRP TRP B . n 
A 1 106 GLN 106 112 112 GLN GLN B . n 
A 1 107 ASP 107 113 113 ASP ASP B . n 
A 1 108 SER 108 114 114 SER SER B . n 
A 1 109 TYR 109 115 115 TYR TYR B . n 
A 1 110 GLU 110 116 116 GLU GLU B . n 
A 1 111 ALA 111 117 117 ALA ALA B . n 
A 1 112 GLY 112 118 118 GLY GLY B . n 
A 1 113 THR 113 119 119 THR THR B . n 
A 1 114 SER 114 120 120 SER SER B . n 
A 1 115 PRO 115 121 121 PRO PRO B . n 
A 1 116 GLN 116 122 122 GLN GLN B . n 
A 1 117 THR 117 123 123 THR THR B . n 
A 1 118 THR 118 124 124 THR THR B . n 
A 1 119 LEU 119 125 125 LEU LEU B . n 
A 1 120 HIS 120 126 126 HIS HIS B . n 
A 1 121 ILE 121 127 127 ILE ILE B . n 
A 1 122 GLN 122 128 128 GLN GLN B . n 
A 1 123 VAL 123 129 129 VAL VAL B . n 
A 1 124 PRO 124 130 130 PRO PRO B . n 
A 1 125 PRO 125 131 131 PRO PRO B . n 
A 1 126 CYS 126 132 132 CYS CYS B . n 
A 1 127 GLN 127 133 133 GLN GLN B . n 
A 1 128 ILE 128 134 134 ILE ILE B . n 
A 1 129 GLY 129 135 135 GLY GLY B . n 
A 1 130 ILE 130 136 136 ILE ILE B . n 
A 1 131 PHE 131 137 137 PHE PHE B . n 
A 1 132 VAL 132 138 138 VAL VAL B . n 
A 1 133 ASP 133 139 139 ASP ASP B . n 
A 1 134 TYR 134 140 140 TYR TYR B . n 
A 1 135 GLU 135 141 141 GLU GLU B . n 
A 1 136 ALA 136 142 142 ALA ALA B . n 
A 1 137 GLY 137 143 143 GLY GLY B . n 
A 1 138 VAL 138 144 144 VAL VAL B . n 
A 1 139 VAL 139 145 145 VAL VAL B . n 
A 1 140 SER 140 146 146 SER SER B . n 
A 1 141 PHE 141 147 147 PHE PHE B . n 
A 1 142 TYR 142 148 148 TYR TYR B . n 
A 1 143 ASN 143 149 149 ASN ASN B . n 
A 1 144 ILE 144 150 150 ILE ILE B . n 
A 1 145 THR 145 151 151 THR THR B . n 
A 1 146 ASP 146 152 152 ASP ASP B . n 
A 1 147 HIS 147 153 153 HIS HIS B . n 
A 1 148 GLY 148 154 154 GLY GLY B . n 
A 1 149 SER 149 155 155 SER SER B . n 
A 1 150 LEU 150 156 156 LEU LEU B . n 
A 1 151 ILE 151 157 157 ILE ILE B . n 
A 1 152 TYR 152 158 158 TYR TYR B . n 
A 1 153 THR 153 159 159 THR THR B . n 
A 1 154 PHE 154 160 160 PHE PHE B . n 
A 1 155 SER 155 161 161 SER SER B . n 
A 1 156 GLU 156 162 162 GLU GLU B . n 
A 1 157 CYS 157 163 163 CYS CYS B . n 
A 1 158 VAL 158 164 164 VAL VAL B . n 
A 1 159 PHE 159 165 165 PHE PHE B . n 
A 1 160 ALA 160 166 166 ALA ALA B . n 
A 1 161 GLY 161 167 167 GLY GLY B . n 
A 1 162 PRO 162 168 168 PRO PRO B . n 
A 1 163 LEU 163 169 169 LEU LEU B . n 
A 1 164 ARG 164 170 170 ARG ARG B . n 
A 1 165 PRO 165 171 171 PRO PRO B . n 
A 1 166 PHE 166 172 172 PHE PHE B . n 
A 1 167 PHE 167 173 173 PHE PHE B . n 
A 1 168 ASN 168 174 174 ASN ASN B . n 
A 1 169 VAL 169 175 175 VAL VAL B . n 
A 1 170 GLY 170 176 176 GLY GLY B . n 
A 1 171 PHE 171 177 177 PHE PHE B . n 
A 1 172 ASN 172 178 178 ASN ASN B . n 
A 1 173 TYR 173 179 179 TYR TYR B . n 
A 1 174 SER 174 180 180 SER SER B . n 
A 1 175 GLY 175 181 181 GLY GLY B . n 
A 1 176 GLY 176 182 182 GLY GLY B . n 
A 1 177 ASN 177 183 183 ASN ASN B . n 
A 1 178 ALA 178 184 184 ALA ALA B . n 
A 1 179 ALA 179 185 185 ALA ALA B . n 
A 1 180 PRO 180 186 186 PRO PRO B . n 
A 1 181 LEU 181 187 187 LEU LEU B . n 
A 1 182 LYS 182 188 188 LYS LYS B . n 
A 1 183 LEU 183 189 189 LEU LEU B . n 
A 1 184 CYS 184 190 190 CYS CYS B . n 
A 1 185 PRO 185 191 191 PRO PRO B . n 
A 1 186 LEU 186 192 192 LEU LEU B . n 
A 1 187 LYS 187 193 ?   ?   ?   B . n 
A 1 188 MET 188 194 ?   ?   ?   B . n 
# 
_pdbx_entity_instance_feature.ordinal        1 
_pdbx_entity_instance_feature.comp_id        JFM 
_pdbx_entity_instance_feature.asym_id        ? 
_pdbx_entity_instance_feature.seq_num        ? 
_pdbx_entity_instance_feature.auth_comp_id   JFM 
_pdbx_entity_instance_feature.auth_asym_id   ? 
_pdbx_entity_instance_feature.auth_seq_num   ? 
_pdbx_entity_instance_feature.feature_type   'SUBJECT OF INVESTIGATION' 
_pdbx_entity_instance_feature.details        ? 
# 
loop_
_pdbx_nonpoly_scheme.asym_id 
_pdbx_nonpoly_scheme.entity_id 
_pdbx_nonpoly_scheme.mon_id 
_pdbx_nonpoly_scheme.ndb_seq_num 
_pdbx_nonpoly_scheme.pdb_seq_num 
_pdbx_nonpoly_scheme.auth_seq_num 
_pdbx_nonpoly_scheme.pdb_mon_id 
_pdbx_nonpoly_scheme.auth_mon_id 
_pdbx_nonpoly_scheme.pdb_strand_id 
_pdbx_nonpoly_scheme.pdb_ins_code 
B 2 JFM 1   201 201 JFM LIG B . 
C 3 EDO 1   202 305 EDO EDO B . 
D 4 SO4 1   203 1   SO4 SO4 B . 
E 5 HOH 1   301 26  HOH HOH B . 
E 5 HOH 2   302 12  HOH HOH B . 
E 5 HOH 3   303 40  HOH HOH B . 
E 5 HOH 4   304 29  HOH HOH B . 
E 5 HOH 5   305 9   HOH HOH B . 
E 5 HOH 6   306 2   HOH HOH B . 
E 5 HOH 7   307 11  HOH HOH B . 
E 5 HOH 8   308 4   HOH HOH B . 
E 5 HOH 9   309 107 HOH HOH B . 
E 5 HOH 10  310 1   HOH HOH B . 
E 5 HOH 11  311 66  HOH HOH B . 
E 5 HOH 12  312 33  HOH HOH B . 
E 5 HOH 13  313 99  HOH HOH B . 
E 5 HOH 14  314 16  HOH HOH B . 
E 5 HOH 15  315 63  HOH HOH B . 
E 5 HOH 16  316 100 HOH HOH B . 
E 5 HOH 17  317 21  HOH HOH B . 
E 5 HOH 18  318 51  HOH HOH B . 
E 5 HOH 19  319 90  HOH HOH B . 
E 5 HOH 20  320 5   HOH HOH B . 
E 5 HOH 21  321 95  HOH HOH B . 
E 5 HOH 22  322 267 HOH HOH B . 
E 5 HOH 23  323 11  HOH HOH B . 
E 5 HOH 24  324 10  HOH HOH B . 
E 5 HOH 25  325 31  HOH HOH B . 
E 5 HOH 26  326 80  HOH HOH B . 
E 5 HOH 27  327 184 HOH HOH B . 
E 5 HOH 28  328 25  HOH HOH B . 
E 5 HOH 29  329 72  HOH HOH B . 
E 5 HOH 30  330 157 HOH HOH B . 
E 5 HOH 31  331 34  HOH HOH B . 
E 5 HOH 32  332 39  HOH HOH B . 
E 5 HOH 33  333 70  HOH HOH B . 
E 5 HOH 34  334 2   HOH HOH B . 
E 5 HOH 35  335 16  HOH HOH B . 
E 5 HOH 36  336 58  HOH HOH B . 
E 5 HOH 37  337 102 HOH HOH B . 
E 5 HOH 38  338 27  HOH HOH B . 
E 5 HOH 39  339 93  HOH HOH B . 
E 5 HOH 40  340 62  HOH HOH B . 
E 5 HOH 41  341 36  HOH HOH B . 
E 5 HOH 42  342 81  HOH HOH B . 
E 5 HOH 43  343 19  HOH HOH B . 
E 5 HOH 44  344 22  HOH HOH B . 
E 5 HOH 45  345 28  HOH HOH B . 
E 5 HOH 46  346 20  HOH HOH B . 
E 5 HOH 47  347 29  HOH HOH B . 
E 5 HOH 48  348 18  HOH HOH B . 
E 5 HOH 49  349 27  HOH HOH B . 
E 5 HOH 50  350 89  HOH HOH B . 
E 5 HOH 51  351 10  HOH HOH B . 
E 5 HOH 52  352 50  HOH HOH B . 
E 5 HOH 53  353 86  HOH HOH B . 
E 5 HOH 54  354 7   HOH HOH B . 
E 5 HOH 55  355 68  HOH HOH B . 
E 5 HOH 56  356 47  HOH HOH B . 
E 5 HOH 57  357 26  HOH HOH B . 
E 5 HOH 58  358 43  HOH HOH B . 
E 5 HOH 59  359 6   HOH HOH B . 
E 5 HOH 60  360 59  HOH HOH B . 
E 5 HOH 61  361 15  HOH HOH B . 
E 5 HOH 62  362 129 HOH HOH B . 
E 5 HOH 63  363 55  HOH HOH B . 
E 5 HOH 64  364 85  HOH HOH B . 
E 5 HOH 65  365 126 HOH HOH B . 
E 5 HOH 66  366 71  HOH HOH B . 
E 5 HOH 67  367 1   HOH HOH B . 
E 5 HOH 68  368 61  HOH HOH B . 
E 5 HOH 69  369 137 HOH HOH B . 
E 5 HOH 70  370 76  HOH HOH B . 
E 5 HOH 71  371 3   HOH HOH B . 
E 5 HOH 72  372 211 HOH HOH B . 
E 5 HOH 73  373 73  HOH HOH B . 
E 5 HOH 74  374 4   HOH HOH B . 
E 5 HOH 75  375 60  HOH HOH B . 
E 5 HOH 76  376 30  HOH HOH B . 
E 5 HOH 77  377 24  HOH HOH B . 
E 5 HOH 78  378 32  HOH HOH B . 
E 5 HOH 79  379 8   HOH HOH B . 
E 5 HOH 80  380 32  HOH HOH B . 
E 5 HOH 81  381 214 HOH HOH B . 
E 5 HOH 82  382 23  HOH HOH B . 
E 5 HOH 83  383 25  HOH HOH B . 
E 5 HOH 84  384 304 HOH HOH B . 
E 5 HOH 85  385 303 HOH HOH B . 
E 5 HOH 86  386 48  HOH HOH B . 
E 5 HOH 87  387 3   HOH HOH B . 
E 5 HOH 88  388 64  HOH HOH B . 
E 5 HOH 89  389 14  HOH HOH B . 
E 5 HOH 90  390 45  HOH HOH B . 
E 5 HOH 91  391 12  HOH HOH B . 
E 5 HOH 92  392 46  HOH HOH B . 
E 5 HOH 93  393 172 HOH HOH B . 
E 5 HOH 94  394 42  HOH HOH B . 
E 5 HOH 95  395 125 HOH HOH B . 
E 5 HOH 96  396 13  HOH HOH B . 
E 5 HOH 97  397 22  HOH HOH B . 
E 5 HOH 98  398 103 HOH HOH B . 
E 5 HOH 99  399 5   HOH HOH B . 
E 5 HOH 100 400 156 HOH HOH B . 
E 5 HOH 101 401 97  HOH HOH B . 
E 5 HOH 102 402 197 HOH HOH B . 
E 5 HOH 103 403 56  HOH HOH B . 
E 5 HOH 104 404 17  HOH HOH B . 
E 5 HOH 105 405 7   HOH HOH B . 
E 5 HOH 106 406 49  HOH HOH B . 
E 5 HOH 107 407 54  HOH HOH B . 
E 5 HOH 108 408 120 HOH HOH B . 
E 5 HOH 109 409 112 HOH HOH B . 
E 5 HOH 110 410 57  HOH HOH B . 
E 5 HOH 111 411 263 HOH HOH B . 
E 5 HOH 112 412 33  HOH HOH B . 
E 5 HOH 113 413 8   HOH HOH B . 
E 5 HOH 114 414 38  HOH HOH B . 
E 5 HOH 115 415 20  HOH HOH B . 
E 5 HOH 116 416 69  HOH HOH B . 
E 5 HOH 117 417 281 HOH HOH B . 
E 5 HOH 118 418 15  HOH HOH B . 
E 5 HOH 119 419 154 HOH HOH B . 
E 5 HOH 120 420 140 HOH HOH B . 
E 5 HOH 121 421 53  HOH HOH B . 
E 5 HOH 122 422 18  HOH HOH B . 
E 5 HOH 123 423 257 HOH HOH B . 
E 5 HOH 124 424 41  HOH HOH B . 
E 5 HOH 125 425 19  HOH HOH B . 
E 5 HOH 126 426 114 HOH HOH B . 
E 5 HOH 127 427 44  HOH HOH B . 
E 5 HOH 128 428 30  HOH HOH B . 
E 5 HOH 129 429 133 HOH HOH B . 
E 5 HOH 130 430 266 HOH HOH B . 
E 5 HOH 131 431 115 HOH HOH B . 
E 5 HOH 132 432 23  HOH HOH B . 
E 5 HOH 133 433 13  HOH HOH B . 
E 5 HOH 134 434 98  HOH HOH B . 
E 5 HOH 135 435 21  HOH HOH B . 
E 5 HOH 136 436 82  HOH HOH B . 
E 5 HOH 137 437 104 HOH HOH B . 
E 5 HOH 138 438 166 HOH HOH B . 
E 5 HOH 139 439 205 HOH HOH B . 
E 5 HOH 140 440 127 HOH HOH B . 
E 5 HOH 141 441 131 HOH HOH B . 
E 5 HOH 142 442 14  HOH HOH B . 
E 5 HOH 143 443 270 HOH HOH B . 
E 5 HOH 144 444 259 HOH HOH B . 
# 
loop_
_pdbx_unobs_or_zero_occ_atoms.id 
_pdbx_unobs_or_zero_occ_atoms.PDB_model_num 
_pdbx_unobs_or_zero_occ_atoms.polymer_flag 
_pdbx_unobs_or_zero_occ_atoms.occupancy_flag 
_pdbx_unobs_or_zero_occ_atoms.auth_asym_id 
_pdbx_unobs_or_zero_occ_atoms.auth_comp_id 
_pdbx_unobs_or_zero_occ_atoms.auth_seq_id 
_pdbx_unobs_or_zero_occ_atoms.PDB_ins_code 
_pdbx_unobs_or_zero_occ_atoms.auth_atom_id 
_pdbx_unobs_or_zero_occ_atoms.label_alt_id 
_pdbx_unobs_or_zero_occ_atoms.label_asym_id 
_pdbx_unobs_or_zero_occ_atoms.label_comp_id 
_pdbx_unobs_or_zero_occ_atoms.label_seq_id 
_pdbx_unobs_or_zero_occ_atoms.label_atom_id 
1 1 Y 1 B LEU 192 ? CG  ? A LEU 186 CG  
2 1 Y 1 B LEU 192 ? CD1 ? A LEU 186 CD1 
3 1 Y 1 B LEU 192 ? CD2 ? A LEU 186 CD2 
# 
loop_
_software.pdbx_ordinal 
_software.name 
_software.version 
_software.date 
_software.type 
_software.contact_author 
_software.contact_author_email 
_software.classification 
_software.location 
_software.language 
_software.citation_id 
1 REFMAC      5.8.0267 ?               program 'Garib N. Murshudov' garib@ysbl.york.ac.uk    refinement        
http://www.ccp4.ac.uk/dist/html/refmac5.html        Fortran_77 ? 
2 Aimless     0.7.7    23/04/21        program 'Phil Evans'         ?                        'data scaling'    
http://www.mrc-lmb.cam.ac.uk/harry/pre/aimless.html ?          ? 
3 PDB_EXTRACT 3.23     'SEP. 23, 2016' package PDB                  deposit@deposit.rcsb.org 'data extraction' 
http://sw-tools.pdb.org/apps/PDB_EXTRACT/           C++        ? 
4 XDS         .        ?               program ?                    ?                        'data reduction'  ? ?          ? 
5 REFMAC      .        ?               program ?                    ?                        phasing           ? ?          ? 
# 
_cell.entry_id           7HN5 
_cell.length_a           95.324 
_cell.length_b           95.324 
_cell.length_c           45.590 
_cell.angle_alpha        90.000 
_cell.angle_beta         90.000 
_cell.angle_gamma        90.000 
_cell.Z_PDB              8 
_cell.pdbx_unique_axis   ? 
# 
_symmetry.entry_id                         7HN5 
_symmetry.space_group_name_H-M             'I 4' 
_symmetry.pdbx_full_space_group_name_H-M   ? 
_symmetry.cell_setting                     ? 
_symmetry.Int_Tables_number                79 
# 
_exptl.crystals_number   1 
_exptl.entry_id          7HN5 
_exptl.method            'X-RAY DIFFRACTION' 
# 
_exptl_crystal.id                    1 
_exptl_crystal.pdbx_mosaicity        0.000 
_exptl_crystal.pdbx_mosaicity_esd    ? 
_exptl_crystal.density_Matthews      2.40 
_exptl_crystal.density_diffrn        ? 
_exptl_crystal.density_meas          ? 
_exptl_crystal.density_meas_temp     ? 
_exptl_crystal.density_percent_sol   48.70 
_exptl_crystal.size_max              ? 
_exptl_crystal.size_mid              ? 
_exptl_crystal.size_min              ? 
_exptl_crystal.size_rad              ? 
_exptl_crystal.description           ? 
# 
_exptl_crystal_grow.crystal_id      1 
_exptl_crystal_grow.method          'VAPOR DIFFUSION, SITTING DROP' 
_exptl_crystal_grow.pH              8 
_exptl_crystal_grow.temp            293 
_exptl_crystal_grow.pdbx_details    '4 % PEG 400, 2 M AmmSO4, 0.1 M HEPES pH 8' 
_exptl_crystal_grow.temp_details    ? 
_exptl_crystal_grow.pdbx_pH_range   ? 
# 
_diffrn.id                     1 
_diffrn.ambient_temp           100 
_diffrn.crystal_id             1 
_diffrn.ambient_temp_details   ? 
# 
_diffrn_detector.detector               PIXEL 
_diffrn_detector.type                   'DECTRIS EIGER2 XE 9M' 
_diffrn_detector.pdbx_collection_date   2024-07-04 
_diffrn_detector.diffrn_id              1 
_diffrn_detector.details                ? 
# 
_diffrn_radiation.diffrn_id                        1 
_diffrn_radiation.wavelength_id                    1 
_diffrn_radiation.pdbx_diffrn_protocol             'SINGLE WAVELENGTH' 
_diffrn_radiation.pdbx_monochromatic_or_laue_m_l   ? 
_diffrn_radiation.monochromator                    ? 
_diffrn_radiation.pdbx_scattering_type             x-ray 
# 
_diffrn_radiation_wavelength.id           1 
_diffrn_radiation_wavelength.wavelength   0.92134 
_diffrn_radiation_wavelength.wt           1.0 
# 
_diffrn_source.diffrn_id                   1 
_diffrn_source.source                      SYNCHROTRON 
_diffrn_source.type                        'DIAMOND BEAMLINE I04-1' 
_diffrn_source.pdbx_wavelength_list        0.92134 
_diffrn_source.pdbx_synchrotron_site       Diamond 
_diffrn_source.pdbx_synchrotron_beamline   I04-1 
_diffrn_source.pdbx_wavelength             ? 
# 
_reflns.entry_id                     7HN5 
_reflns.pdbx_diffrn_id               1 
_reflns.pdbx_ordinal                 1 
_reflns.observed_criterion_sigma_I   ? 
_reflns.observed_criterion_sigma_F   ? 
_reflns.d_resolution_low             67.380 
_reflns.d_resolution_high            1.320 
_reflns.number_obs                   47626 
_reflns.number_all                   ? 
_reflns.percent_possible_obs         98.800 
_reflns.pdbx_Rmerge_I_obs            0.078 
_reflns.pdbx_Rsym_value              ? 
_reflns.pdbx_netI_over_sigmaI        15.700 
_reflns.B_iso_Wilson_estimate        ? 
_reflns.pdbx_redundancy              11.500 
_reflns.pdbx_Rrim_I_all              0.082 
_reflns.pdbx_Rpim_I_all              0.023 
_reflns.pdbx_CC_half                 0.998 
_reflns.pdbx_netI_over_av_sigmaI     ? 
_reflns.pdbx_number_measured_all     549456 
_reflns.pdbx_scaling_rejects         0 
_reflns.pdbx_chi_squared             ? 
_reflns.Rmerge_F_all                 ? 
_reflns.Rmerge_F_obs                 ? 
_reflns.observed_criterion_F_max     ? 
_reflns.observed_criterion_F_min     ? 
_reflns.observed_criterion_I_max     ? 
_reflns.observed_criterion_I_min     ? 
_reflns.pdbx_d_res_high_opt          ? 
_reflns.pdbx_d_res_low_opt           ? 
_reflns.details                      ? 
# 
loop_
_reflns_shell.pdbx_diffrn_id 
_reflns_shell.pdbx_ordinal 
_reflns_shell.d_res_high 
_reflns_shell.d_res_low 
_reflns_shell.number_measured_obs 
_reflns_shell.number_measured_all 
_reflns_shell.number_unique_obs 
_reflns_shell.pdbx_rejects 
_reflns_shell.Rmerge_I_obs 
_reflns_shell.meanI_over_sigI_obs 
_reflns_shell.pdbx_Rsym_value 
_reflns_shell.pdbx_chi_squared 
_reflns_shell.pdbx_redundancy 
_reflns_shell.percent_possible_obs 
_reflns_shell.pdbx_netI_over_sigmaI_obs 
_reflns_shell.number_possible 
_reflns_shell.number_unique_all 
_reflns_shell.Rmerge_F_all 
_reflns_shell.Rmerge_F_obs 
_reflns_shell.Rmerge_I_all 
_reflns_shell.meanI_over_sigI_all 
_reflns_shell.percent_possible_all 
_reflns_shell.pdbx_Rrim_I_all 
_reflns_shell.pdbx_Rpim_I_all 
_reflns_shell.pdbx_CC_half 
1 1 1.320 1.340  ? 10488 2064 ? 1.561 ? ? ? 5.100  ? 0.800  ? ? ? ? ? ? 87.000 1.748 0.756 0.298 
1 2 7.230 67.380 ? 3868  321  ? 0.052 ? ? ? 12.000 ? 55.700 ? ? ? ? ? ? 99.900 0.055 0.017 0.956 
# 
_refine.entry_id                                 7HN5 
_refine.pdbx_refine_id                           'X-RAY DIFFRACTION' 
_refine.ls_d_res_high                            1.3200 
_refine.ls_d_res_low                             67.4000 
_refine.pdbx_ls_sigma_F                          0.000 
_refine.pdbx_data_cutoff_high_absF               ? 
_refine.pdbx_data_cutoff_low_absF                ? 
_refine.ls_percent_reflns_obs                    98.6100 
_refine.ls_number_reflns_obs                     45292 
_refine.ls_number_reflns_all                     ? 
_refine.pdbx_ls_cross_valid_method               THROUGHOUT 
_refine.ls_matrix_type                           ? 
_refine.pdbx_R_Free_selection_details            RANDOM 
_refine.details                                  
'HYDROGENS HAVE BEEN ADDED IN THE RIDING POSITIONS U VALUES      : REFINED INDIVIDUALLY' 
_refine.ls_R_factor_all                          ? 
_refine.ls_R_factor_obs                          0.1766 
_refine.ls_R_factor_R_work                       0.1757 
_refine.ls_wR_factor_R_work                      ? 
_refine.ls_R_factor_R_free                       0.1941 
_refine.ls_wR_factor_R_free                      ? 
_refine.ls_percent_reflns_R_free                 4.8000 
_refine.ls_number_reflns_R_free                  2282 
_refine.ls_number_reflns_R_work                  ? 
_refine.ls_R_factor_R_free_error                 ? 
_refine.B_iso_mean                               17.8230 
_refine.solvent_model_param_bsol                 ? 
_refine.solvent_model_param_ksol                 ? 
_refine.pdbx_isotropic_thermal_model             ? 
_refine.aniso_B[1][1]                            0.0700 
_refine.aniso_B[2][2]                            0.0700 
_refine.aniso_B[3][3]                            -0.1400 
_refine.aniso_B[1][2]                            -0.0000 
_refine.aniso_B[1][3]                            -0.0000 
_refine.aniso_B[2][3]                            -0.0000 
_refine.correlation_coeff_Fo_to_Fc               0.9700 
_refine.correlation_coeff_Fo_to_Fc_free          0.9630 
_refine.overall_SU_R_Cruickshank_DPI             ? 
_refine.pdbx_overall_SU_R_free_Cruickshank_DPI   ? 
_refine.pdbx_overall_SU_R_Blow_DPI               ? 
_refine.pdbx_overall_SU_R_free_Blow_DPI          ? 
_refine.overall_SU_R_free                        ? 
_refine.pdbx_overall_ESU_R                       0.0540 
_refine.pdbx_overall_ESU_R_Free                  0.0550 
_refine.overall_SU_ML                            0.0420 
_refine.overall_SU_B                             1.0800 
_refine.solvent_model_details                    MASK 
_refine.pdbx_solvent_vdw_probe_radii             1.2000 
_refine.pdbx_solvent_ion_probe_radii             0.8000 
_refine.pdbx_solvent_shrinkage_radii             0.8000 
_refine.ls_number_parameters                     ? 
_refine.ls_number_restraints                     ? 
_refine.pdbx_starting_model                      ? 
_refine.pdbx_method_to_determine_struct          'FOURIER SYNTHESIS' 
_refine.pdbx_stereochemistry_target_values       'MAXIMUM LIKELIHOOD' 
_refine.pdbx_stereochem_target_val_spec_case     ? 
_refine.overall_FOM_work_R_set                   ? 
_refine.B_iso_max                                90.420 
_refine.B_iso_min                                9.400 
_refine.pdbx_overall_phase_error                 ? 
_refine.occupancy_max                            ? 
_refine.occupancy_min                            ? 
_refine.pdbx_diffrn_id                           1 
_refine.pdbx_TLS_residual_ADP_flag               ? 
_refine.pdbx_ls_sigma_I                          ? 
_refine.pdbx_data_cutoff_high_rms_absF           ? 
_refine.ls_R_factor_R_free_error_details         ? 
# 
_refine_hist.cycle_id                         final 
_refine_hist.pdbx_refine_id                   'X-RAY DIFFRACTION' 
_refine_hist.d_res_high                       1.3200 
_refine_hist.d_res_low                        67.4000 
_refine_hist.pdbx_number_atoms_ligand         22 
_refine_hist.number_atoms_solvent             144 
_refine_hist.number_atoms_total               1659 
_refine_hist.pdbx_number_residues_total       185 
_refine_hist.pdbx_B_iso_mean_ligand           33.55 
_refine_hist.pdbx_B_iso_mean_solvent          29.13 
_refine_hist.pdbx_number_atoms_protein        1493 
_refine_hist.pdbx_number_atoms_nucleic_acid   0 
# 
loop_
_refine_ls_restr.pdbx_refine_id 
_refine_ls_restr.type 
_refine_ls_restr.number 
_refine_ls_restr.dev_ideal 
_refine_ls_restr.dev_ideal_target 
_refine_ls_restr.weight 
_refine_ls_restr.pdbx_restraint_function 
'X-RAY DIFFRACTION' r_bond_refined_d       2110 0.013  0.013  ? ? 
'X-RAY DIFFRACTION' r_bond_other_d         1662 0.001  0.015  ? ? 
'X-RAY DIFFRACTION' r_angle_refined_deg    2622 1.885  1.657  ? ? 
'X-RAY DIFFRACTION' r_angle_other_deg      3836 1.463  1.599  ? ? 
'X-RAY DIFFRACTION' r_dihedral_angle_1_deg 247  7.174  5.000  ? ? 
'X-RAY DIFFRACTION' r_dihedral_angle_2_deg 113  27.174 21.150 ? ? 
'X-RAY DIFFRACTION' r_dihedral_angle_3_deg 291  11.913 15.000 ? ? 
'X-RAY DIFFRACTION' r_dihedral_angle_4_deg 15   21.199 15.000 ? ? 
'X-RAY DIFFRACTION' r_chiral_restr         223  0.091  0.200  ? ? 
'X-RAY DIFFRACTION' r_gen_planes_refined   2343 0.012  0.020  ? ? 
'X-RAY DIFFRACTION' r_gen_planes_other     535  0.002  0.020  ? ? 
'X-RAY DIFFRACTION' r_mcbond_it            990  1.542  1.604  ? ? 
'X-RAY DIFFRACTION' r_mcbond_other         984  1.531  1.591  ? ? 
'X-RAY DIFFRACTION' r_mcangle_it           1177 2.445  2.397  ? ? 
# 
_refine_ls_shell.d_res_high                       1.3200 
_refine_ls_shell.d_res_low                        1.3540 
_refine_ls_shell.pdbx_total_number_of_bins_used   20 
_refine_ls_shell.percent_reflns_obs               86.4700 
_refine_ls_shell.number_reflns_R_work             2937 
_refine_ls_shell.R_factor_all                     ? 
_refine_ls_shell.R_factor_R_work                  0.3310 
_refine_ls_shell.R_factor_R_free                  0.3580 
_refine_ls_shell.percent_reflns_R_free            ? 
_refine_ls_shell.number_reflns_R_free             131 
_refine_ls_shell.R_factor_R_free_error            ? 
_refine_ls_shell.number_reflns_all                3068 
_refine_ls_shell.number_reflns_obs                ? 
_refine_ls_shell.pdbx_refine_id                   'X-RAY DIFFRACTION' 
# 
_struct.entry_id                  7HN5 
_struct.title                     'PanDDA analysis group deposition -- Crystal Structure of TRIM21 in complex with Z45617795' 
_struct.pdbx_model_details        ? 
_struct.pdbx_CASP_flag            ? 
_struct.pdbx_model_type_details   ? 
# 
_struct_keywords.entry_id        7HN5 
_struct_keywords.text            'SGC - Diamond I04-1 fragment screening, PanDDA, XChemExplorer, TRIM21, LIGASE' 
_struct_keywords.pdbx_keywords   LIGASE 
# 
loop_
_struct_asym.id 
_struct_asym.pdbx_blank_PDB_chainid_flag 
_struct_asym.pdbx_modified 
_struct_asym.entity_id 
_struct_asym.details 
A N N 1 ? 
B N N 2 ? 
C N N 3 ? 
D N N 4 ? 
E N N 5 ? 
# 
_struct_ref.id                         1 
_struct_ref.db_name                    UNP 
_struct_ref.db_code                    RO52_MOUSE 
_struct_ref.pdbx_db_accession          Q62191 
_struct_ref.pdbx_db_isoform            ? 
_struct_ref.entity_id                  1 
_struct_ref.pdbx_seq_one_letter_code   
;VHITLDRNTANSWLIISKDRRQVRMGDTHQNVSDNKERFSNYPMVLGAQRFSSGKMYWEVDVTQKEAWDLGVCRDSVQRK
GQFSLSPENGFWTIWLWQDSYEAGTSPQTTLHIQVPPCQIGIFVDYEAGVVSFYNITDHGSLIYTFSECVFAGPLRPFFN
VGFNYSGGNAAPLKLCPLKM
;
_struct_ref.pdbx_align_begin           291 
# 
_struct_ref_seq.align_id                      1 
_struct_ref_seq.ref_id                        1 
_struct_ref_seq.pdbx_PDB_id_code              7HN5 
_struct_ref_seq.pdbx_strand_id                B 
_struct_ref_seq.seq_align_beg                 9 
_struct_ref_seq.pdbx_seq_align_beg_ins_code   ? 
_struct_ref_seq.seq_align_end                 188 
_struct_ref_seq.pdbx_seq_align_end_ins_code   ? 
_struct_ref_seq.pdbx_db_accession             Q62191 
_struct_ref_seq.db_align_beg                  291 
_struct_ref_seq.pdbx_db_align_beg_ins_code    ? 
_struct_ref_seq.db_align_end                  470 
_struct_ref_seq.pdbx_db_align_end_ins_code    ? 
_struct_ref_seq.pdbx_auth_seq_align_beg       15 
_struct_ref_seq.pdbx_auth_seq_align_end       194 
# 
loop_
_struct_ref_seq_dif.align_id 
_struct_ref_seq_dif.pdbx_pdb_id_code 
_struct_ref_seq_dif.mon_id 
_struct_ref_seq_dif.pdbx_pdb_strand_id 
_struct_ref_seq_dif.seq_num 
_struct_ref_seq_dif.pdbx_pdb_ins_code 
_struct_ref_seq_dif.pdbx_seq_db_name 
_struct_ref_seq_dif.pdbx_seq_db_accession_code 
_struct_ref_seq_dif.db_mon_id 
_struct_ref_seq_dif.pdbx_seq_db_seq_num 
_struct_ref_seq_dif.details 
_struct_ref_seq_dif.pdbx_auth_seq_num 
_struct_ref_seq_dif.pdbx_ordinal 
1 7HN5 MET B 1 ? UNP Q62191 ? ? 'initiating methionine' 7  1 
1 7HN5 HIS B 2 ? UNP Q62191 ? ? 'expression tag'        8  2 
1 7HN5 HIS B 3 ? UNP Q62191 ? ? 'expression tag'        9  3 
1 7HN5 HIS B 4 ? UNP Q62191 ? ? 'expression tag'        10 4 
1 7HN5 HIS B 5 ? UNP Q62191 ? ? 'expression tag'        11 5 
1 7HN5 HIS B 6 ? UNP Q62191 ? ? 'expression tag'        12 6 
1 7HN5 HIS B 7 ? UNP Q62191 ? ? 'expression tag'        13 7 
1 7HN5 MET B 8 ? UNP Q62191 ? ? 'expression tag'        14 8 
# 
_pdbx_struct_assembly.id                   1 
_pdbx_struct_assembly.details              author_defined_assembly 
_pdbx_struct_assembly.method_details       ? 
_pdbx_struct_assembly.oligomeric_details   monomeric 
_pdbx_struct_assembly.oligomeric_count     1 
# 
_pdbx_struct_assembly_gen.assembly_id       1 
_pdbx_struct_assembly_gen.oper_expression   1 
_pdbx_struct_assembly_gen.asym_id_list      A,B,C,D,E 
# 
_pdbx_struct_oper_list.id                   1 
_pdbx_struct_oper_list.type                 'identity operation' 
_pdbx_struct_oper_list.name                 1_555 
_pdbx_struct_oper_list.symmetry_operation   x,y,z 
_pdbx_struct_oper_list.matrix[1][1]         1.0000000000 
_pdbx_struct_oper_list.matrix[1][2]         0.0000000000 
_pdbx_struct_oper_list.matrix[1][3]         0.0000000000 
_pdbx_struct_oper_list.vector[1]            0.0000000000 
_pdbx_struct_oper_list.matrix[2][1]         0.0000000000 
_pdbx_struct_oper_list.matrix[2][2]         1.0000000000 
_pdbx_struct_oper_list.matrix[2][3]         0.0000000000 
_pdbx_struct_oper_list.vector[2]            0.0000000000 
_pdbx_struct_oper_list.matrix[3][1]         0.0000000000 
_pdbx_struct_oper_list.matrix[3][2]         0.0000000000 
_pdbx_struct_oper_list.matrix[3][3]         1.0000000000 
_pdbx_struct_oper_list.vector[3]            0.0000000000 
# 
loop_
_struct_conf.conf_type_id 
_struct_conf.id 
_struct_conf.pdbx_PDB_helix_id 
_struct_conf.beg_label_comp_id 
_struct_conf.beg_label_asym_id 
_struct_conf.beg_label_seq_id 
_struct_conf.pdbx_beg_PDB_ins_code 
_struct_conf.end_label_comp_id 
_struct_conf.end_label_asym_id 
_struct_conf.end_label_seq_id 
_struct_conf.pdbx_end_PDB_ins_code 
_struct_conf.beg_auth_comp_id 
_struct_conf.beg_auth_asym_id 
_struct_conf.beg_auth_seq_id 
_struct_conf.end_auth_comp_id 
_struct_conf.end_auth_asym_id 
_struct_conf.end_auth_seq_id 
_struct_conf.pdbx_PDB_helix_class 
_struct_conf.details 
_struct_conf.pdbx_PDB_helix_length 
HELX_P HELX_P1 AA1 HIS A 4  ? MET A 8  ? HIS B 10  MET B 14  5 ? 5 
HELX_P HELX_P2 AA2 ASP A 14 ? ALA A 18 ? ASP B 20  ALA B 24  5 ? 5 
HELX_P HELX_P3 AA3 SER A 94 ? ASN A 97 ? SER B 100 ASN B 103 5 ? 4 
# 
_struct_conf_type.id          HELX_P 
_struct_conf_type.criteria    ? 
_struct_conf_type.reference   ? 
# 
_struct_mon_prot_cis.pdbx_id                1 
_struct_mon_prot_cis.label_comp_id          SER 
_struct_mon_prot_cis.label_seq_id           114 
_struct_mon_prot_cis.label_asym_id          A 
_struct_mon_prot_cis.label_alt_id           . 
_struct_mon_prot_cis.pdbx_PDB_ins_code      ? 
_struct_mon_prot_cis.auth_comp_id           SER 
_struct_mon_prot_cis.auth_seq_id            120 
_struct_mon_prot_cis.auth_asym_id           B 
_struct_mon_prot_cis.pdbx_label_comp_id_2   PRO 
_struct_mon_prot_cis.pdbx_label_seq_id_2    115 
_struct_mon_prot_cis.pdbx_label_asym_id_2   A 
_struct_mon_prot_cis.pdbx_PDB_ins_code_2    ? 
_struct_mon_prot_cis.pdbx_auth_comp_id_2    PRO 
_struct_mon_prot_cis.pdbx_auth_seq_id_2     121 
_struct_mon_prot_cis.pdbx_auth_asym_id_2    B 
_struct_mon_prot_cis.pdbx_PDB_model_num     1 
_struct_mon_prot_cis.pdbx_omega_angle       0.45 
# 
loop_
_struct_sheet.id 
_struct_sheet.type 
_struct_sheet.number_strands 
_struct_sheet.details 
AA1 ? 7 ? 
AA2 ? 6 ? 
# 
loop_
_struct_sheet_order.sheet_id 
_struct_sheet_order.range_id_1 
_struct_sheet_order.range_id_2 
_struct_sheet_order.offset 
_struct_sheet_order.sense 
AA1 1 2 ? anti-parallel 
AA1 2 3 ? anti-parallel 
AA1 3 4 ? anti-parallel 
AA1 4 5 ? anti-parallel 
AA1 5 6 ? anti-parallel 
AA1 6 7 ? anti-parallel 
AA2 1 2 ? anti-parallel 
AA2 2 3 ? anti-parallel 
AA2 3 4 ? anti-parallel 
AA2 4 5 ? anti-parallel 
AA2 5 6 ? anti-parallel 
# 
loop_
_struct_sheet_range.sheet_id 
_struct_sheet_range.id 
_struct_sheet_range.beg_label_comp_id 
_struct_sheet_range.beg_label_asym_id 
_struct_sheet_range.beg_label_seq_id 
_struct_sheet_range.pdbx_beg_PDB_ins_code 
_struct_sheet_range.end_label_comp_id 
_struct_sheet_range.end_label_asym_id 
_struct_sheet_range.end_label_seq_id 
_struct_sheet_range.pdbx_end_PDB_ins_code 
_struct_sheet_range.beg_auth_comp_id 
_struct_sheet_range.beg_auth_asym_id 
_struct_sheet_range.beg_auth_seq_id 
_struct_sheet_range.end_auth_comp_id 
_struct_sheet_range.end_auth_asym_id 
_struct_sheet_range.end_auth_seq_id 
AA1 1 LEU A 22  ? ILE A 24  ? LEU B 28  ILE B 30  
AA1 2 GLN A 30  ? MET A 33  ? GLN B 36  MET B 39  
AA1 3 LEU A 181 ? LEU A 183 ? LEU B 187 LEU B 189 
AA1 4 LYS A 63  ? ASP A 69  ? LYS B 69  ASP B 75  
AA1 5 GLN A 127 ? ASP A 133 ? GLN B 133 ASP B 139 
AA1 6 VAL A 138 ? ASN A 143 ? VAL B 144 ASN B 149 
AA1 7 SER A 149 ? PHE A 154 ? SER B 155 PHE B 160 
AA2 1 MET A 52  ? LEU A 54  ? MET B 58  LEU B 60  
AA2 2 LEU A 163 ? ASN A 168 ? LEU B 169 ASN B 174 
AA2 3 TRP A 76  ? ARG A 82  ? TRP B 82  ARG B 88  
AA2 4 PHE A 99  ? TRP A 105 ? PHE B 105 TRP B 111 
AA2 5 SER A 108 ? ALA A 111 ? SER B 114 ALA B 117 
AA2 6 THR A 117 ? THR A 118 ? THR B 123 THR B 124 
# 
loop_
_pdbx_struct_sheet_hbond.sheet_id 
_pdbx_struct_sheet_hbond.range_id_1 
_pdbx_struct_sheet_hbond.range_id_2 
_pdbx_struct_sheet_hbond.range_1_label_atom_id 
_pdbx_struct_sheet_hbond.range_1_label_comp_id 
_pdbx_struct_sheet_hbond.range_1_label_asym_id 
_pdbx_struct_sheet_hbond.range_1_label_seq_id 
_pdbx_struct_sheet_hbond.range_1_PDB_ins_code 
_pdbx_struct_sheet_hbond.range_1_auth_atom_id 
_pdbx_struct_sheet_hbond.range_1_auth_comp_id 
_pdbx_struct_sheet_hbond.range_1_auth_asym_id 
_pdbx_struct_sheet_hbond.range_1_auth_seq_id 
_pdbx_struct_sheet_hbond.range_2_label_atom_id 
_pdbx_struct_sheet_hbond.range_2_label_comp_id 
_pdbx_struct_sheet_hbond.range_2_label_asym_id 
_pdbx_struct_sheet_hbond.range_2_label_seq_id 
_pdbx_struct_sheet_hbond.range_2_PDB_ins_code 
_pdbx_struct_sheet_hbond.range_2_auth_atom_id 
_pdbx_struct_sheet_hbond.range_2_auth_comp_id 
_pdbx_struct_sheet_hbond.range_2_auth_asym_id 
_pdbx_struct_sheet_hbond.range_2_auth_seq_id 
AA1 1 2 N ILE A 23  ? N ILE B 29  O ARG A 32  ? O ARG B 38  
AA1 2 3 N VAL A 31  ? N VAL B 37  O LEU A 181 ? O LEU B 187 
AA1 3 4 O LYS A 182 ? O LYS B 188 N ASP A 69  ? N ASP B 75  
AA1 4 5 N TRP A 66  ? N TRP B 72  O ILE A 130 ? O ILE B 136 
AA1 5 6 N PHE A 131 ? N PHE B 137 O SER A 140 ? O SER B 146 
AA1 6 7 N PHE A 141 ? N PHE B 147 O ILE A 151 ? O ILE B 157 
AA2 1 2 N VAL A 53  ? N VAL B 59  O PHE A 167 ? O PHE B 173 
AA2 2 3 O ARG A 164 ? O ARG B 170 N CYS A 81  ? N CYS B 87  
AA2 3 4 N VAL A 80  ? N VAL B 86  O TRP A 100 ? O TRP B 106 
AA2 4 5 N TRP A 105 ? N TRP B 111 O SER A 108 ? O SER B 114 
AA2 5 6 N ALA A 111 ? N ALA B 117 O THR A 117 ? O THR B 123 
# 
_pdbx_entry_details.entry_id                   7HN5 
_pdbx_entry_details.compound_details           ? 
_pdbx_entry_details.source_details             ? 
_pdbx_entry_details.nonpolymer_details         ? 
_pdbx_entry_details.sequence_details           ? 
_pdbx_entry_details.has_ligand_of_interest     Y 
_pdbx_entry_details.has_protein_modification   N 
# 
_pdbx_validate_rmsd_angle.id                         1 
_pdbx_validate_rmsd_angle.PDB_model_num              1 
_pdbx_validate_rmsd_angle.auth_atom_id_1             CG 
_pdbx_validate_rmsd_angle.auth_asym_id_1             B 
_pdbx_validate_rmsd_angle.auth_comp_id_1             ARG 
_pdbx_validate_rmsd_angle.auth_seq_id_1              64 
_pdbx_validate_rmsd_angle.PDB_ins_code_1             ? 
_pdbx_validate_rmsd_angle.label_alt_id_1             ? 
_pdbx_validate_rmsd_angle.auth_atom_id_2             CD 
_pdbx_validate_rmsd_angle.auth_asym_id_2             B 
_pdbx_validate_rmsd_angle.auth_comp_id_2             ARG 
_pdbx_validate_rmsd_angle.auth_seq_id_2              64 
_pdbx_validate_rmsd_angle.PDB_ins_code_2             ? 
_pdbx_validate_rmsd_angle.label_alt_id_2             ? 
_pdbx_validate_rmsd_angle.auth_atom_id_3             NE 
_pdbx_validate_rmsd_angle.auth_asym_id_3             B 
_pdbx_validate_rmsd_angle.auth_comp_id_3             ARG 
_pdbx_validate_rmsd_angle.auth_seq_id_3              64 
_pdbx_validate_rmsd_angle.PDB_ins_code_3             ? 
_pdbx_validate_rmsd_angle.label_alt_id_3             ? 
_pdbx_validate_rmsd_angle.angle_value                126.95 
_pdbx_validate_rmsd_angle.angle_target_value         111.80 
_pdbx_validate_rmsd_angle.angle_deviation            15.15 
_pdbx_validate_rmsd_angle.angle_standard_deviation   2.10 
_pdbx_validate_rmsd_angle.linker_flag                N 
# 
loop_
_pdbx_validate_torsion.id 
_pdbx_validate_torsion.PDB_model_num 
_pdbx_validate_torsion.auth_comp_id 
_pdbx_validate_torsion.auth_asym_id 
_pdbx_validate_torsion.auth_seq_id 
_pdbx_validate_torsion.PDB_ins_code 
_pdbx_validate_torsion.label_alt_id 
_pdbx_validate_torsion.phi 
_pdbx_validate_torsion.psi 
1 1 ASN B 45  ? ? 70.21   34.25 
2 1 ASP B 152 ? ? -102.60 52.11 
# 
_pdbx_struct_special_symmetry.id              1 
_pdbx_struct_special_symmetry.PDB_model_num   1 
_pdbx_struct_special_symmetry.auth_asym_id    B 
_pdbx_struct_special_symmetry.auth_comp_id    HOH 
_pdbx_struct_special_symmetry.auth_seq_id     426 
_pdbx_struct_special_symmetry.PDB_ins_code    ? 
_pdbx_struct_special_symmetry.label_asym_id   E 
_pdbx_struct_special_symmetry.label_comp_id   HOH 
_pdbx_struct_special_symmetry.label_seq_id    . 
# 
_phasing.method   MR 
# 
loop_
_pdbx_unobs_or_zero_occ_residues.id 
_pdbx_unobs_or_zero_occ_residues.PDB_model_num 
_pdbx_unobs_or_zero_occ_residues.polymer_flag 
_pdbx_unobs_or_zero_occ_residues.occupancy_flag 
_pdbx_unobs_or_zero_occ_residues.auth_asym_id 
_pdbx_unobs_or_zero_occ_residues.auth_comp_id 
_pdbx_unobs_or_zero_occ_residues.auth_seq_id 
_pdbx_unobs_or_zero_occ_residues.PDB_ins_code 
_pdbx_unobs_or_zero_occ_residues.label_asym_id 
_pdbx_unobs_or_zero_occ_residues.label_comp_id 
_pdbx_unobs_or_zero_occ_residues.label_seq_id 
1 1 Y 1 B MET 7   ? A MET 1   
2 1 Y 1 B LYS 193 ? A LYS 187 
3 1 Y 1 B MET 194 ? A MET 188 
# 
loop_
_chem_comp_atom.comp_id 
_chem_comp_atom.atom_id 
_chem_comp_atom.type_symbol 
_chem_comp_atom.pdbx_aromatic_flag 
_chem_comp_atom.pdbx_stereo_config 
_chem_comp_atom.pdbx_ordinal 
ALA N    N N N 1   
ALA CA   C N S 2   
ALA C    C N N 3   
ALA O    O N N 4   
ALA CB   C N N 5   
ALA OXT  O N N 6   
ALA H    H N N 7   
ALA H2   H N N 8   
ALA HA   H N N 9   
ALA HB1  H N N 10  
ALA HB2  H N N 11  
ALA HB3  H N N 12  
ALA HXT  H N N 13  
ARG N    N N N 14  
ARG CA   C N S 15  
ARG C    C N N 16  
ARG O    O N N 17  
ARG CB   C N N 18  
ARG CG   C N N 19  
ARG CD   C N N 20  
ARG NE   N N N 21  
ARG CZ   C N N 22  
ARG NH1  N N N 23  
ARG NH2  N N N 24  
ARG OXT  O N N 25  
ARG H    H N N 26  
ARG H2   H N N 27  
ARG HA   H N N 28  
ARG HB2  H N N 29  
ARG HB3  H N N 30  
ARG HG2  H N N 31  
ARG HG3  H N N 32  
ARG HD2  H N N 33  
ARG HD3  H N N 34  
ARG HE   H N N 35  
ARG HH11 H N N 36  
ARG HH12 H N N 37  
ARG HH21 H N N 38  
ARG HH22 H N N 39  
ARG HXT  H N N 40  
ASN N    N N N 41  
ASN CA   C N S 42  
ASN C    C N N 43  
ASN O    O N N 44  
ASN CB   C N N 45  
ASN CG   C N N 46  
ASN OD1  O N N 47  
ASN ND2  N N N 48  
ASN OXT  O N N 49  
ASN H    H N N 50  
ASN H2   H N N 51  
ASN HA   H N N 52  
ASN HB2  H N N 53  
ASN HB3  H N N 54  
ASN HD21 H N N 55  
ASN HD22 H N N 56  
ASN HXT  H N N 57  
ASP N    N N N 58  
ASP CA   C N S 59  
ASP C    C N N 60  
ASP O    O N N 61  
ASP CB   C N N 62  
ASP CG   C N N 63  
ASP OD1  O N N 64  
ASP OD2  O N N 65  
ASP OXT  O N N 66  
ASP H    H N N 67  
ASP H2   H N N 68  
ASP HA   H N N 69  
ASP HB2  H N N 70  
ASP HB3  H N N 71  
ASP HD2  H N N 72  
ASP HXT  H N N 73  
CYS N    N N N 74  
CYS CA   C N R 75  
CYS C    C N N 76  
CYS O    O N N 77  
CYS CB   C N N 78  
CYS SG   S N N 79  
CYS OXT  O N N 80  
CYS H    H N N 81  
CYS H2   H N N 82  
CYS HA   H N N 83  
CYS HB2  H N N 84  
CYS HB3  H N N 85  
CYS HG   H N N 86  
CYS HXT  H N N 87  
EDO C1   C N N 88  
EDO O1   O N N 89  
EDO C2   C N N 90  
EDO O2   O N N 91  
EDO H11  H N N 92  
EDO H12  H N N 93  
EDO HO1  H N N 94  
EDO H21  H N N 95  
EDO H22  H N N 96  
EDO HO2  H N N 97  
GLN N    N N N 98  
GLN CA   C N S 99  
GLN C    C N N 100 
GLN O    O N N 101 
GLN CB   C N N 102 
GLN CG   C N N 103 
GLN CD   C N N 104 
GLN OE1  O N N 105 
GLN NE2  N N N 106 
GLN OXT  O N N 107 
GLN H    H N N 108 
GLN H2   H N N 109 
GLN HA   H N N 110 
GLN HB2  H N N 111 
GLN HB3  H N N 112 
GLN HG2  H N N 113 
GLN HG3  H N N 114 
GLN HE21 H N N 115 
GLN HE22 H N N 116 
GLN HXT  H N N 117 
GLU N    N N N 118 
GLU CA   C N S 119 
GLU C    C N N 120 
GLU O    O N N 121 
GLU CB   C N N 122 
GLU CG   C N N 123 
GLU CD   C N N 124 
GLU OE1  O N N 125 
GLU OE2  O N N 126 
GLU OXT  O N N 127 
GLU H    H N N 128 
GLU H2   H N N 129 
GLU HA   H N N 130 
GLU HB2  H N N 131 
GLU HB3  H N N 132 
GLU HG2  H N N 133 
GLU HG3  H N N 134 
GLU HE2  H N N 135 
GLU HXT  H N N 136 
GLY N    N N N 137 
GLY CA   C N N 138 
GLY C    C N N 139 
GLY O    O N N 140 
GLY OXT  O N N 141 
GLY H    H N N 142 
GLY H2   H N N 143 
GLY HA2  H N N 144 
GLY HA3  H N N 145 
GLY HXT  H N N 146 
HIS N    N N N 147 
HIS CA   C N S 148 
HIS C    C N N 149 
HIS O    O N N 150 
HIS CB   C N N 151 
HIS CG   C Y N 152 
HIS ND1  N Y N 153 
HIS CD2  C Y N 154 
HIS CE1  C Y N 155 
HIS NE2  N Y N 156 
HIS OXT  O N N 157 
HIS H    H N N 158 
HIS H2   H N N 159 
HIS HA   H N N 160 
HIS HB2  H N N 161 
HIS HB3  H N N 162 
HIS HD1  H N N 163 
HIS HD2  H N N 164 
HIS HE1  H N N 165 
HIS HE2  H N N 166 
HIS HXT  H N N 167 
HOH O    O N N 168 
HOH H1   H N N 169 
HOH H2   H N N 170 
ILE N    N N N 171 
ILE CA   C N S 172 
ILE C    C N N 173 
ILE O    O N N 174 
ILE CB   C N S 175 
ILE CG1  C N N 176 
ILE CG2  C N N 177 
ILE CD1  C N N 178 
ILE OXT  O N N 179 
ILE H    H N N 180 
ILE H2   H N N 181 
ILE HA   H N N 182 
ILE HB   H N N 183 
ILE HG12 H N N 184 
ILE HG13 H N N 185 
ILE HG21 H N N 186 
ILE HG22 H N N 187 
ILE HG23 H N N 188 
ILE HD11 H N N 189 
ILE HD12 H N N 190 
ILE HD13 H N N 191 
ILE HXT  H N N 192 
JFM C10  C Y N 193 
JFM C13  C Y N 194 
JFM C01  C N N 195 
JFM S02  S N N 196 
JFM O03  O N N 197 
JFM O04  O N N 198 
JFM N05  N N N 199 
JFM C06  C N N 200 
JFM C07  C N N 201 
JFM C08  C Y N 202 
JFM C09  C Y N 203 
JFM C11  C Y N 204 
JFM C12  C Y N 205 
JFM H101 H N N 206 
JFM H131 H N N 207 
JFM H011 H N N 208 
JFM H012 H N N 209 
JFM H013 H N N 210 
JFM H051 H N N 211 
JFM H061 H N N 212 
JFM H062 H N N 213 
JFM H071 H N N 214 
JFM H072 H N N 215 
JFM H091 H N N 216 
JFM H111 H N N 217 
JFM H121 H N N 218 
LEU N    N N N 219 
LEU CA   C N S 220 
LEU C    C N N 221 
LEU O    O N N 222 
LEU CB   C N N 223 
LEU CG   C N N 224 
LEU CD1  C N N 225 
LEU CD2  C N N 226 
LEU OXT  O N N 227 
LEU H    H N N 228 
LEU H2   H N N 229 
LEU HA   H N N 230 
LEU HB2  H N N 231 
LEU HB3  H N N 232 
LEU HG   H N N 233 
LEU HD11 H N N 234 
LEU HD12 H N N 235 
LEU HD13 H N N 236 
LEU HD21 H N N 237 
LEU HD22 H N N 238 
LEU HD23 H N N 239 
LEU HXT  H N N 240 
LYS N    N N N 241 
LYS CA   C N S 242 
LYS C    C N N 243 
LYS O    O N N 244 
LYS CB   C N N 245 
LYS CG   C N N 246 
LYS CD   C N N 247 
LYS CE   C N N 248 
LYS NZ   N N N 249 
LYS OXT  O N N 250 
LYS H    H N N 251 
LYS H2   H N N 252 
LYS HA   H N N 253 
LYS HB2  H N N 254 
LYS HB3  H N N 255 
LYS HG2  H N N 256 
LYS HG3  H N N 257 
LYS HD2  H N N 258 
LYS HD3  H N N 259 
LYS HE2  H N N 260 
LYS HE3  H N N 261 
LYS HZ1  H N N 262 
LYS HZ2  H N N 263 
LYS HZ3  H N N 264 
LYS HXT  H N N 265 
MET N    N N N 266 
MET CA   C N S 267 
MET C    C N N 268 
MET O    O N N 269 
MET CB   C N N 270 
MET CG   C N N 271 
MET SD   S N N 272 
MET CE   C N N 273 
MET OXT  O N N 274 
MET H    H N N 275 
MET H2   H N N 276 
MET HA   H N N 277 
MET HB2  H N N 278 
MET HB3  H N N 279 
MET HG2  H N N 280 
MET HG3  H N N 281 
MET HE1  H N N 282 
MET HE2  H N N 283 
MET HE3  H N N 284 
MET HXT  H N N 285 
PHE N    N N N 286 
PHE CA   C N S 287 
PHE C    C N N 288 
PHE O    O N N 289 
PHE CB   C N N 290 
PHE CG   C Y N 291 
PHE CD1  C Y N 292 
PHE CD2  C Y N 293 
PHE CE1  C Y N 294 
PHE CE2  C Y N 295 
PHE CZ   C Y N 296 
PHE OXT  O N N 297 
PHE H    H N N 298 
PHE H2   H N N 299 
PHE HA   H N N 300 
PHE HB2  H N N 301 
PHE HB3  H N N 302 
PHE HD1  H N N 303 
PHE HD2  H N N 304 
PHE HE1  H N N 305 
PHE HE2  H N N 306 
PHE HZ   H N N 307 
PHE HXT  H N N 308 
PRO N    N N N 309 
PRO CA   C N S 310 
PRO C    C N N 311 
PRO O    O N N 312 
PRO CB   C N N 313 
PRO CG   C N N 314 
PRO CD   C N N 315 
PRO OXT  O N N 316 
PRO H    H N N 317 
PRO HA   H N N 318 
PRO HB2  H N N 319 
PRO HB3  H N N 320 
PRO HG2  H N N 321 
PRO HG3  H N N 322 
PRO HD2  H N N 323 
PRO HD3  H N N 324 
PRO HXT  H N N 325 
SER N    N N N 326 
SER CA   C N S 327 
SER C    C N N 328 
SER O    O N N 329 
SER CB   C N N 330 
SER OG   O N N 331 
SER OXT  O N N 332 
SER H    H N N 333 
SER H2   H N N 334 
SER HA   H N N 335 
SER HB2  H N N 336 
SER HB3  H N N 337 
SER HG   H N N 338 
SER HXT  H N N 339 
SO4 S    S N N 340 
SO4 O1   O N N 341 
SO4 O2   O N N 342 
SO4 O3   O N N 343 
SO4 O4   O N N 344 
THR N    N N N 345 
THR CA   C N S 346 
THR C    C N N 347 
THR O    O N N 348 
THR CB   C N R 349 
THR OG1  O N N 350 
THR CG2  C N N 351 
THR OXT  O N N 352 
THR H    H N N 353 
THR H2   H N N 354 
THR HA   H N N 355 
THR HB   H N N 356 
THR HG1  H N N 357 
THR HG21 H N N 358 
THR HG22 H N N 359 
THR HG23 H N N 360 
THR HXT  H N N 361 
TRP N    N N N 362 
TRP CA   C N S 363 
TRP C    C N N 364 
TRP O    O N N 365 
TRP CB   C N N 366 
TRP CG   C Y N 367 
TRP CD1  C Y N 368 
TRP CD2  C Y N 369 
TRP NE1  N Y N 370 
TRP CE2  C Y N 371 
TRP CE3  C Y N 372 
TRP CZ2  C Y N 373 
TRP CZ3  C Y N 374 
TRP CH2  C Y N 375 
TRP OXT  O N N 376 
TRP H    H N N 377 
TRP H2   H N N 378 
TRP HA   H N N 379 
TRP HB2  H N N 380 
TRP HB3  H N N 381 
TRP HD1  H N N 382 
TRP HE1  H N N 383 
TRP HE3  H N N 384 
TRP HZ2  H N N 385 
TRP HZ3  H N N 386 
TRP HH2  H N N 387 
TRP HXT  H N N 388 
TYR N    N N N 389 
TYR CA   C N S 390 
TYR C    C N N 391 
TYR O    O N N 392 
TYR CB   C N N 393 
TYR CG   C Y N 394 
TYR CD1  C Y N 395 
TYR CD2  C Y N 396 
TYR CE1  C Y N 397 
TYR CE2  C Y N 398 
TYR CZ   C Y N 399 
TYR OH   O N N 400 
TYR OXT  O N N 401 
TYR H    H N N 402 
TYR H2   H N N 403 
TYR HA   H N N 404 
TYR HB2  H N N 405 
TYR HB3  H N N 406 
TYR HD1  H N N 407 
TYR HD2  H N N 408 
TYR HE1  H N N 409 
TYR HE2  H N N 410 
TYR HH   H N N 411 
TYR HXT  H N N 412 
VAL N    N N N 413 
VAL CA   C N S 414 
VAL C    C N N 415 
VAL O    O N N 416 
VAL CB   C N N 417 
VAL CG1  C N N 418 
VAL CG2  C N N 419 
VAL OXT  O N N 420 
VAL H    H N N 421 
VAL H2   H N N 422 
VAL HA   H N N 423 
VAL HB   H N N 424 
VAL HG11 H N N 425 
VAL HG12 H N N 426 
VAL HG13 H N N 427 
VAL HG21 H N N 428 
VAL HG22 H N N 429 
VAL HG23 H N N 430 
VAL HXT  H N N 431 
# 
loop_
_chem_comp_bond.comp_id 
_chem_comp_bond.atom_id_1 
_chem_comp_bond.atom_id_2 
_chem_comp_bond.value_order 
_chem_comp_bond.pdbx_aromatic_flag 
_chem_comp_bond.pdbx_stereo_config 
_chem_comp_bond.pdbx_ordinal 
ALA N   CA   sing N N 1   
ALA N   H    sing N N 2   
ALA N   H2   sing N N 3   
ALA CA  C    sing N N 4   
ALA CA  CB   sing N N 5   
ALA CA  HA   sing N N 6   
ALA C   O    doub N N 7   
ALA C   OXT  sing N N 8   
ALA CB  HB1  sing N N 9   
ALA CB  HB2  sing N N 10  
ALA CB  HB3  sing N N 11  
ALA OXT HXT  sing N N 12  
ARG N   CA   sing N N 13  
ARG N   H    sing N N 14  
ARG N   H2   sing N N 15  
ARG CA  C    sing N N 16  
ARG CA  CB   sing N N 17  
ARG CA  HA   sing N N 18  
ARG C   O    doub N N 19  
ARG C   OXT  sing N N 20  
ARG CB  CG   sing N N 21  
ARG CB  HB2  sing N N 22  
ARG CB  HB3  sing N N 23  
ARG CG  CD   sing N N 24  
ARG CG  HG2  sing N N 25  
ARG CG  HG3  sing N N 26  
ARG CD  NE   sing N N 27  
ARG CD  HD2  sing N N 28  
ARG CD  HD3  sing N N 29  
ARG NE  CZ   sing N N 30  
ARG NE  HE   sing N N 31  
ARG CZ  NH1  sing N N 32  
ARG CZ  NH2  doub N N 33  
ARG NH1 HH11 sing N N 34  
ARG NH1 HH12 sing N N 35  
ARG NH2 HH21 sing N N 36  
ARG NH2 HH22 sing N N 37  
ARG OXT HXT  sing N N 38  
ASN N   CA   sing N N 39  
ASN N   H    sing N N 40  
ASN N   H2   sing N N 41  
ASN CA  C    sing N N 42  
ASN CA  CB   sing N N 43  
ASN CA  HA   sing N N 44  
ASN C   O    doub N N 45  
ASN C   OXT  sing N N 46  
ASN CB  CG   sing N N 47  
ASN CB  HB2  sing N N 48  
ASN CB  HB3  sing N N 49  
ASN CG  OD1  doub N N 50  
ASN CG  ND2  sing N N 51  
ASN ND2 HD21 sing N N 52  
ASN ND2 HD22 sing N N 53  
ASN OXT HXT  sing N N 54  
ASP N   CA   sing N N 55  
ASP N   H    sing N N 56  
ASP N   H2   sing N N 57  
ASP CA  C    sing N N 58  
ASP CA  CB   sing N N 59  
ASP CA  HA   sing N N 60  
ASP C   O    doub N N 61  
ASP C   OXT  sing N N 62  
ASP CB  CG   sing N N 63  
ASP CB  HB2  sing N N 64  
ASP CB  HB3  sing N N 65  
ASP CG  OD1  doub N N 66  
ASP CG  OD2  sing N N 67  
ASP OD2 HD2  sing N N 68  
ASP OXT HXT  sing N N 69  
CYS N   CA   sing N N 70  
CYS N   H    sing N N 71  
CYS N   H2   sing N N 72  
CYS CA  C    sing N N 73  
CYS CA  CB   sing N N 74  
CYS CA  HA   sing N N 75  
CYS C   O    doub N N 76  
CYS C   OXT  sing N N 77  
CYS CB  SG   sing N N 78  
CYS CB  HB2  sing N N 79  
CYS CB  HB3  sing N N 80  
CYS SG  HG   sing N N 81  
CYS OXT HXT  sing N N 82  
EDO C1  O1   sing N N 83  
EDO C1  C2   sing N N 84  
EDO C1  H11  sing N N 85  
EDO C1  H12  sing N N 86  
EDO O1  HO1  sing N N 87  
EDO C2  O2   sing N N 88  
EDO C2  H21  sing N N 89  
EDO C2  H22  sing N N 90  
EDO O2  HO2  sing N N 91  
GLN N   CA   sing N N 92  
GLN N   H    sing N N 93  
GLN N   H2   sing N N 94  
GLN CA  C    sing N N 95  
GLN CA  CB   sing N N 96  
GLN CA  HA   sing N N 97  
GLN C   O    doub N N 98  
GLN C   OXT  sing N N 99  
GLN CB  CG   sing N N 100 
GLN CB  HB2  sing N N 101 
GLN CB  HB3  sing N N 102 
GLN CG  CD   sing N N 103 
GLN CG  HG2  sing N N 104 
GLN CG  HG3  sing N N 105 
GLN CD  OE1  doub N N 106 
GLN CD  NE2  sing N N 107 
GLN NE2 HE21 sing N N 108 
GLN NE2 HE22 sing N N 109 
GLN OXT HXT  sing N N 110 
GLU N   CA   sing N N 111 
GLU N   H    sing N N 112 
GLU N   H2   sing N N 113 
GLU CA  C    sing N N 114 
GLU CA  CB   sing N N 115 
GLU CA  HA   sing N N 116 
GLU C   O    doub N N 117 
GLU C   OXT  sing N N 118 
GLU CB  CG   sing N N 119 
GLU CB  HB2  sing N N 120 
GLU CB  HB3  sing N N 121 
GLU CG  CD   sing N N 122 
GLU CG  HG2  sing N N 123 
GLU CG  HG3  sing N N 124 
GLU CD  OE1  doub N N 125 
GLU CD  OE2  sing N N 126 
GLU OE2 HE2  sing N N 127 
GLU OXT HXT  sing N N 128 
GLY N   CA   sing N N 129 
GLY N   H    sing N N 130 
GLY N   H2   sing N N 131 
GLY CA  C    sing N N 132 
GLY CA  HA2  sing N N 133 
GLY CA  HA3  sing N N 134 
GLY C   O    doub N N 135 
GLY C   OXT  sing N N 136 
GLY OXT HXT  sing N N 137 
HIS N   CA   sing N N 138 
HIS N   H    sing N N 139 
HIS N   H2   sing N N 140 
HIS CA  C    sing N N 141 
HIS CA  CB   sing N N 142 
HIS CA  HA   sing N N 143 
HIS C   O    doub N N 144 
HIS C   OXT  sing N N 145 
HIS CB  CG   sing N N 146 
HIS CB  HB2  sing N N 147 
HIS CB  HB3  sing N N 148 
HIS CG  ND1  sing Y N 149 
HIS CG  CD2  doub Y N 150 
HIS ND1 CE1  doub Y N 151 
HIS ND1 HD1  sing N N 152 
HIS CD2 NE2  sing Y N 153 
HIS CD2 HD2  sing N N 154 
HIS CE1 NE2  sing Y N 155 
HIS CE1 HE1  sing N N 156 
HIS NE2 HE2  sing N N 157 
HIS OXT HXT  sing N N 158 
HOH O   H1   sing N N 159 
HOH O   H2   sing N N 160 
ILE N   CA   sing N N 161 
ILE N   H    sing N N 162 
ILE N   H2   sing N N 163 
ILE CA  C    sing N N 164 
ILE CA  CB   sing N N 165 
ILE CA  HA   sing N N 166 
ILE C   O    doub N N 167 
ILE C   OXT  sing N N 168 
ILE CB  CG1  sing N N 169 
ILE CB  CG2  sing N N 170 
ILE CB  HB   sing N N 171 
ILE CG1 CD1  sing N N 172 
ILE CG1 HG12 sing N N 173 
ILE CG1 HG13 sing N N 174 
ILE CG2 HG21 sing N N 175 
ILE CG2 HG22 sing N N 176 
ILE CG2 HG23 sing N N 177 
ILE CD1 HD11 sing N N 178 
ILE CD1 HD12 sing N N 179 
ILE CD1 HD13 sing N N 180 
ILE OXT HXT  sing N N 181 
JFM O04 S02  doub N N 182 
JFM N05 S02  sing N N 183 
JFM N05 C06  sing N N 184 
JFM S02 O03  doub N N 185 
JFM S02 C01  sing N N 186 
JFM C07 C06  sing N N 187 
JFM C07 C08  sing N N 188 
JFM C09 C08  doub Y N 189 
JFM C09 C10  sing Y N 190 
JFM C08 C13  sing Y N 191 
JFM C10 C11  doub Y N 192 
JFM C13 C12  doub Y N 193 
JFM C11 C12  sing Y N 194 
JFM C10 H101 sing N N 195 
JFM C13 H131 sing N N 196 
JFM C01 H011 sing N N 197 
JFM C01 H012 sing N N 198 
JFM C01 H013 sing N N 199 
JFM N05 H051 sing N N 200 
JFM C06 H061 sing N N 201 
JFM C06 H062 sing N N 202 
JFM C07 H071 sing N N 203 
JFM C07 H072 sing N N 204 
JFM C09 H091 sing N N 205 
JFM C11 H111 sing N N 206 
JFM C12 H121 sing N N 207 
LEU N   CA   sing N N 208 
LEU N   H    sing N N 209 
LEU N   H2   sing N N 210 
LEU CA  C    sing N N 211 
LEU CA  CB   sing N N 212 
LEU CA  HA   sing N N 213 
LEU C   O    doub N N 214 
LEU C   OXT  sing N N 215 
LEU CB  CG   sing N N 216 
LEU CB  HB2  sing N N 217 
LEU CB  HB3  sing N N 218 
LEU CG  CD1  sing N N 219 
LEU CG  CD2  sing N N 220 
LEU CG  HG   sing N N 221 
LEU CD1 HD11 sing N N 222 
LEU CD1 HD12 sing N N 223 
LEU CD1 HD13 sing N N 224 
LEU CD2 HD21 sing N N 225 
LEU CD2 HD22 sing N N 226 
LEU CD2 HD23 sing N N 227 
LEU OXT HXT  sing N N 228 
LYS N   CA   sing N N 229 
LYS N   H    sing N N 230 
LYS N   H2   sing N N 231 
LYS CA  C    sing N N 232 
LYS CA  CB   sing N N 233 
LYS CA  HA   sing N N 234 
LYS C   O    doub N N 235 
LYS C   OXT  sing N N 236 
LYS CB  CG   sing N N 237 
LYS CB  HB2  sing N N 238 
LYS CB  HB3  sing N N 239 
LYS CG  CD   sing N N 240 
LYS CG  HG2  sing N N 241 
LYS CG  HG3  sing N N 242 
LYS CD  CE   sing N N 243 
LYS CD  HD2  sing N N 244 
LYS CD  HD3  sing N N 245 
LYS CE  NZ   sing N N 246 
LYS CE  HE2  sing N N 247 
LYS CE  HE3  sing N N 248 
LYS NZ  HZ1  sing N N 249 
LYS NZ  HZ2  sing N N 250 
LYS NZ  HZ3  sing N N 251 
LYS OXT HXT  sing N N 252 
MET N   CA   sing N N 253 
MET N   H    sing N N 254 
MET N   H2   sing N N 255 
MET CA  C    sing N N 256 
MET CA  CB   sing N N 257 
MET CA  HA   sing N N 258 
MET C   O    doub N N 259 
MET C   OXT  sing N N 260 
MET CB  CG   sing N N 261 
MET CB  HB2  sing N N 262 
MET CB  HB3  sing N N 263 
MET CG  SD   sing N N 264 
MET CG  HG2  sing N N 265 
MET CG  HG3  sing N N 266 
MET SD  CE   sing N N 267 
MET CE  HE1  sing N N 268 
MET CE  HE2  sing N N 269 
MET CE  HE3  sing N N 270 
MET OXT HXT  sing N N 271 
PHE N   CA   sing N N 272 
PHE N   H    sing N N 273 
PHE N   H2   sing N N 274 
PHE CA  C    sing N N 275 
PHE CA  CB   sing N N 276 
PHE CA  HA   sing N N 277 
PHE C   O    doub N N 278 
PHE C   OXT  sing N N 279 
PHE CB  CG   sing N N 280 
PHE CB  HB2  sing N N 281 
PHE CB  HB3  sing N N 282 
PHE CG  CD1  doub Y N 283 
PHE CG  CD2  sing Y N 284 
PHE CD1 CE1  sing Y N 285 
PHE CD1 HD1  sing N N 286 
PHE CD2 CE2  doub Y N 287 
PHE CD2 HD2  sing N N 288 
PHE CE1 CZ   doub Y N 289 
PHE CE1 HE1  sing N N 290 
PHE CE2 CZ   sing Y N 291 
PHE CE2 HE2  sing N N 292 
PHE CZ  HZ   sing N N 293 
PHE OXT HXT  sing N N 294 
PRO N   CA   sing N N 295 
PRO N   CD   sing N N 296 
PRO N   H    sing N N 297 
PRO CA  C    sing N N 298 
PRO CA  CB   sing N N 299 
PRO CA  HA   sing N N 300 
PRO C   O    doub N N 301 
PRO C   OXT  sing N N 302 
PRO CB  CG   sing N N 303 
PRO CB  HB2  sing N N 304 
PRO CB  HB3  sing N N 305 
PRO CG  CD   sing N N 306 
PRO CG  HG2  sing N N 307 
PRO CG  HG3  sing N N 308 
PRO CD  HD2  sing N N 309 
PRO CD  HD3  sing N N 310 
PRO OXT HXT  sing N N 311 
SER N   CA   sing N N 312 
SER N   H    sing N N 313 
SER N   H2   sing N N 314 
SER CA  C    sing N N 315 
SER CA  CB   sing N N 316 
SER CA  HA   sing N N 317 
SER C   O    doub N N 318 
SER C   OXT  sing N N 319 
SER CB  OG   sing N N 320 
SER CB  HB2  sing N N 321 
SER CB  HB3  sing N N 322 
SER OG  HG   sing N N 323 
SER OXT HXT  sing N N 324 
SO4 S   O1   doub N N 325 
SO4 S   O2   doub N N 326 
SO4 S   O3   sing N N 327 
SO4 S   O4   sing N N 328 
THR N   CA   sing N N 329 
THR N   H    sing N N 330 
THR N   H2   sing N N 331 
THR CA  C    sing N N 332 
THR CA  CB   sing N N 333 
THR CA  HA   sing N N 334 
THR C   O    doub N N 335 
THR C   OXT  sing N N 336 
THR CB  OG1  sing N N 337 
THR CB  CG2  sing N N 338 
THR CB  HB   sing N N 339 
THR OG1 HG1  sing N N 340 
THR CG2 HG21 sing N N 341 
THR CG2 HG22 sing N N 342 
THR CG2 HG23 sing N N 343 
THR OXT HXT  sing N N 344 
TRP N   CA   sing N N 345 
TRP N   H    sing N N 346 
TRP N   H2   sing N N 347 
TRP CA  C    sing N N 348 
TRP CA  CB   sing N N 349 
TRP CA  HA   sing N N 350 
TRP C   O    doub N N 351 
TRP C   OXT  sing N N 352 
TRP CB  CG   sing N N 353 
TRP CB  HB2  sing N N 354 
TRP CB  HB3  sing N N 355 
TRP CG  CD1  doub Y N 356 
TRP CG  CD2  sing Y N 357 
TRP CD1 NE1  sing Y N 358 
TRP CD1 HD1  sing N N 359 
TRP CD2 CE2  doub Y N 360 
TRP CD2 CE3  sing Y N 361 
TRP NE1 CE2  sing Y N 362 
TRP NE1 HE1  sing N N 363 
TRP CE2 CZ2  sing Y N 364 
TRP CE3 CZ3  doub Y N 365 
TRP CE3 HE3  sing N N 366 
TRP CZ2 CH2  doub Y N 367 
TRP CZ2 HZ2  sing N N 368 
TRP CZ3 CH2  sing Y N 369 
TRP CZ3 HZ3  sing N N 370 
TRP CH2 HH2  sing N N 371 
TRP OXT HXT  sing N N 372 
TYR N   CA   sing N N 373 
TYR N   H    sing N N 374 
TYR N   H2   sing N N 375 
TYR CA  C    sing N N 376 
TYR CA  CB   sing N N 377 
TYR CA  HA   sing N N 378 
TYR C   O    doub N N 379 
TYR C   OXT  sing N N 380 
TYR CB  CG   sing N N 381 
TYR CB  HB2  sing N N 382 
TYR CB  HB3  sing N N 383 
TYR CG  CD1  doub Y N 384 
TYR CG  CD2  sing Y N 385 
TYR CD1 CE1  sing Y N 386 
TYR CD1 HD1  sing N N 387 
TYR CD2 CE2  doub Y N 388 
TYR CD2 HD2  sing N N 389 
TYR CE1 CZ   doub Y N 390 
TYR CE1 HE1  sing N N 391 
TYR CE2 CZ   sing Y N 392 
TYR CE2 HE2  sing N N 393 
TYR CZ  OH   sing N N 394 
TYR OH  HH   sing N N 395 
TYR OXT HXT  sing N N 396 
VAL N   CA   sing N N 397 
VAL N   H    sing N N 398 
VAL N   H2   sing N N 399 
VAL CA  C    sing N N 400 
VAL CA  CB   sing N N 401 
VAL CA  HA   sing N N 402 
VAL C   O    doub N N 403 
VAL C   OXT  sing N N 404 
VAL CB  CG1  sing N N 405 
VAL CB  CG2  sing N N 406 
VAL CB  HB   sing N N 407 
VAL CG1 HG11 sing N N 408 
VAL CG1 HG12 sing N N 409 
VAL CG1 HG13 sing N N 410 
VAL CG2 HG21 sing N N 411 
VAL CG2 HG22 sing N N 412 
VAL CG2 HG23 sing N N 413 
VAL OXT HXT  sing N N 414 
# 
_pdbx_audit_support.ordinal                1 
_pdbx_audit_support.funding_organization   'European Union (EU)' 
_pdbx_audit_support.grant_number           875510 
_pdbx_audit_support.country                'European Union' 
# 
_pdbx_deposit_group.group_id            G_1002320 
_pdbx_deposit_group.group_description   
;PRYSPRY domain of murine TRIM21 screened against the DSI-poised Fragment Library by X-ray Crystallography at the XChem facility of Diamon Light Source
;
_pdbx_deposit_group.group_title         'PanDDA analysis group deposition' 
_pdbx_deposit_group.group_type          'changed state' 
# 
_pdbx_initial_refinement_model.id               1 
_pdbx_initial_refinement_model.entity_id_list   ? 
_pdbx_initial_refinement_model.type             'experimental model' 
_pdbx_initial_refinement_model.source_name      PDB 
_pdbx_initial_refinement_model.accession_code   2VOK 
_pdbx_initial_refinement_model.details          ? 
# 
_atom_sites.entry_id                    7HN5 
_atom_sites.fract_transf_matrix[1][1]   0.00479175 
_atom_sites.fract_transf_matrix[1][2]   0.00932760 
_atom_sites.fract_transf_matrix[1][3]   0.00030989 
_atom_sites.fract_transf_matrix[2][1]   0.00914497 
_atom_sites.fract_transf_matrix[2][2]   -0.00476228 
_atom_sites.fract_transf_matrix[2][3]   0.00193681 
_atom_sites.fract_transf_matrix[3][1]   0.00389460 
_atom_sites.fract_transf_matrix[3][2]   -0.00128483 
_atom_sites.fract_transf_matrix[3][3]   -0.02154821 
_atom_sites.fract_transf_vector[1]      -0.297786 
_atom_sites.fract_transf_vector[2]      -0.117709 
_atom_sites.fract_transf_vector[3]      -0.503669 
# 
loop_
_atom_type.symbol 
C 
N 
O 
S 
# 
loop_
_atom_site.group_PDB 
_atom_site.id 
_atom_site.type_symbol 
_atom_site.label_atom_id 
_atom_site.label_alt_id 
_atom_site.label_comp_id 
_atom_site.label_asym_id 
_atom_site.label_entity_id 
_atom_site.label_seq_id 
_atom_site.pdbx_PDB_ins_code 
_atom_site.Cartn_x 
_atom_site.Cartn_y 
_atom_site.Cartn_z 
_atom_site.occupancy 
_atom_site.B_iso_or_equiv 
_atom_site.pdbx_formal_charge 
_atom_site.auth_seq_id 
_atom_site.auth_comp_id 
_atom_site.auth_asym_id 
_atom_site.auth_atom_id 
_atom_site.pdbx_PDB_model_num 
ATOM   1    N N   . HIS A 1 2   ? 7.618   13.727  -12.733 1.00 81.44 ? 8   HIS B N   1 
ATOM   2    C CA  . HIS A 1 2   ? 7.180   14.328  -11.432 1.00 76.22 ? 8   HIS B CA  1 
ATOM   3    C C   . HIS A 1 2   ? 8.398   14.862  -10.667 1.00 76.53 ? 8   HIS B C   1 
ATOM   4    O O   . HIS A 1 2   ? 9.486   14.237  -10.753 1.00 84.78 ? 8   HIS B O   1 
ATOM   5    C CB  . HIS A 1 2   ? 6.363   13.314  -10.605 1.00 68.41 ? 8   HIS B CB  1 
ATOM   6    C CG  . HIS A 1 2   ? 7.162   12.263  -9.897  1.00 62.51 ? 8   HIS B CG  1 
ATOM   7    N ND1 . HIS A 1 2   ? 7.722   12.474  -8.650  1.00 59.42 ? 8   HIS B ND1 1 
ATOM   8    C CD2 . HIS A 1 2   ? 7.465   10.987  -10.228 1.00 58.82 ? 8   HIS B CD2 1 
ATOM   9    C CE1 . HIS A 1 2   ? 8.357   11.385  -8.261  1.00 59.43 ? 8   HIS B CE1 1 
ATOM   10   N NE2 . HIS A 1 2   ? 8.210   10.451  -9.203  1.00 54.64 ? 8   HIS B NE2 1 
ATOM   11   N N   . HIS A 1 3   ? 8.210   15.964  -9.935  1.00 71.03 ? 9   HIS B N   1 
ATOM   12   C CA  . HIS A 1 3   ? 9.210   16.582  -9.018  1.00 71.36 ? 9   HIS B CA  1 
ATOM   13   C C   . HIS A 1 3   ? 8.668   16.547  -7.575  1.00 60.90 ? 9   HIS B C   1 
ATOM   14   O O   . HIS A 1 3   ? 8.760   17.583  -6.880  1.00 59.43 ? 9   HIS B O   1 
ATOM   15   C CB  . HIS A 1 3   ? 9.583   17.982  -9.546  1.00 79.31 ? 9   HIS B CB  1 
ATOM   16   C CG  . HIS A 1 3   ? 10.159  17.965  -10.930 1.00 86.97 ? 9   HIS B CG  1 
ATOM   17   N ND1 . HIS A 1 3   ? 11.495  17.672  -11.180 1.00 88.47 ? 9   HIS B ND1 1 
ATOM   18   C CD2 . HIS A 1 3   ? 9.593   18.183  -12.140 1.00 89.89 ? 9   HIS B CD2 1 
ATOM   19   C CE1 . HIS A 1 3   ? 11.721  17.717  -12.480 1.00 89.93 ? 9   HIS B CE1 1 
ATOM   20   N NE2 . HIS A 1 3   ? 10.570  18.029  -13.091 1.00 90.42 ? 9   HIS B NE2 1 
ATOM   21   N N   . HIS A 1 4   ? 8.143   15.382  -7.144  1.00 50.20 ? 10  HIS B N   1 
ATOM   22   C CA  . HIS A 1 4   ? 7.502   15.123  -5.818  1.00 40.13 ? 10  HIS B CA  1 
ATOM   23   C C   . HIS A 1 4   ? 8.524   14.543  -4.831  1.00 36.69 ? 10  HIS B C   1 
ATOM   24   O O   . HIS A 1 4   ? 8.234   14.541  -3.616  1.00 31.27 ? 10  HIS B O   1 
ATOM   25   C CB  . HIS A 1 4   ? 6.302   14.167  -5.962  1.00 36.52 ? 10  HIS B CB  1 
ATOM   26   C CG  . HIS A 1 4   ? 5.181   14.701  -6.790  1.00 35.74 ? 10  HIS B CG  1 
ATOM   27   N ND1 . HIS A 1 4   ? 4.680   15.991  -6.627  1.00 35.65 ? 10  HIS B ND1 1 
ATOM   28   C CD2 . HIS A 1 4   ? 4.434   14.127  -7.755  1.00 33.61 ? 10  HIS B CD2 1 
ATOM   29   C CE1 . HIS A 1 4   ? 3.685   16.184  -7.469  1.00 42.45 ? 10  HIS B CE1 1 
ATOM   30   N NE2 . HIS A 1 4   ? 3.511   15.051  -8.164  1.00 40.97 ? 10  HIS B NE2 1 
ATOM   31   N N   . HIS A 1 5   ? 9.694   14.108  -5.329  1.00 36.76 ? 11  HIS B N   1 
ATOM   32   C CA  . HIS A 1 5   ? 10.783  13.440  -4.560  1.00 42.50 ? 11  HIS B CA  1 
ATOM   33   C C   . HIS A 1 5   ? 11.111  14.205  -3.269  1.00 39.25 ? 11  HIS B C   1 
ATOM   34   O O   . HIS A 1 5   ? 11.314  13.520  -2.236  1.00 40.60 ? 11  HIS B O   1 
ATOM   35   C CB  . HIS A 1 5   ? 12.051  13.245  -5.418  1.00 52.82 ? 11  HIS B CB  1 
ATOM   36   C CG  . HIS A 1 5   ? 11.832  12.444  -6.659  1.00 67.12 ? 11  HIS B CG  1 
ATOM   37   N ND1 . HIS A 1 5   ? 11.821  13.024  -7.924  1.00 80.81 ? 11  HIS B ND1 1 
ATOM   38   C CD2 . HIS A 1 5   ? 11.608  11.124  -6.846  1.00 74.22 ? 11  HIS B CD2 1 
ATOM   39   C CE1 . HIS A 1 5   ? 11.600  12.091  -8.833  1.00 81.63 ? 11  HIS B CE1 1 
ATOM   40   N NE2 . HIS A 1 5   ? 11.461  10.916  -8.197  1.00 79.07 ? 11  HIS B NE2 1 
ATOM   41   N N   . HIS A 1 6   ? 11.101  15.549  -3.299  1.00 37.58 ? 12  HIS B N   1 
ATOM   42   C CA  . HIS A 1 6   ? 11.488  16.441  -2.166  1.00 36.83 ? 12  HIS B CA  1 
ATOM   43   C C   . HIS A 1 6   ? 10.467  16.439  -1.015  1.00 33.42 ? 12  HIS B C   1 
ATOM   44   O O   . HIS A 1 6   ? 10.821  16.938  0.056   1.00 34.68 ? 12  HIS B O   1 
ATOM   45   C CB  . HIS A 1 6   ? 11.776  17.868  -2.665  1.00 44.05 ? 12  HIS B CB  1 
ATOM   46   C CG  . HIS A 1 6   ? 10.592  18.588  -3.208  1.00 45.89 ? 12  HIS B CG  1 
ATOM   47   N ND1 . HIS A 1 6   ? 9.918   19.560  -2.481  1.00 54.21 ? 12  HIS B ND1 1 
ATOM   48   C CD2 . HIS A 1 6   ? 9.968   18.502  -4.403  1.00 49.13 ? 12  HIS B CD2 1 
ATOM   49   C CE1 . HIS A 1 6   ? 8.920   20.035  -3.203  1.00 47.51 ? 12  HIS B CE1 1 
ATOM   50   N NE2 . HIS A 1 6   ? 8.926   19.401  -4.388  1.00 55.36 ? 12  HIS B NE2 1 
ATOM   51   N N   . HIS A 1 7   ? 9.249   15.903  -1.181  1.00 26.58 ? 13  HIS B N   1 
ATOM   52   C CA  . HIS A 1 7   ? 8.285   15.660  -0.060  1.00 22.67 ? 13  HIS B CA  1 
ATOM   53   C C   . HIS A 1 7   ? 8.497   14.275  0.531   1.00 20.94 ? 13  HIS B C   1 
ATOM   54   O O   . HIS A 1 7   ? 7.571   13.793  1.185   1.00 18.49 ? 13  HIS B O   1 
ATOM   55   C CB  . HIS A 1 7   ? 6.849   15.801  -0.554  1.00 22.27 ? 13  HIS B CB  1 
ATOM   56   C CG  . HIS A 1 7   ? 6.611   17.158  -1.141  1.00 23.69 ? 13  HIS B CG  1 
ATOM   57   N ND1 . HIS A 1 7   ? 6.602   18.270  -0.324  1.00 23.82 ? 13  HIS B ND1 1 
ATOM   58   C CD2 . HIS A 1 7   ? 6.318   17.558  -2.398  1.00 24.66 ? 13  HIS B CD2 1 
ATOM   59   C CE1 . HIS A 1 7   ? 6.347   19.325  -1.069  1.00 23.25 ? 13  HIS B CE1 1 
ATOM   60   N NE2 . HIS A 1 7   ? 6.177   18.944  -2.340  1.00 25.38 ? 13  HIS B NE2 1 
ATOM   61   N N   . MET A 1 8   ? 9.639   13.663  0.272   1.00 22.01 ? 14  MET B N   1 
ATOM   62   C CA  . MET A 1 8   ? 9.977   12.300  0.765   1.00 24.24 ? 14  MET B CA  1 
ATOM   63   C C   . MET A 1 8   ? 9.807   12.244  2.283   1.00 25.09 ? 14  MET B C   1 
ATOM   64   O O   . MET A 1 8   ? 10.241  13.161  3.045   1.00 27.39 ? 14  MET B O   1 
ATOM   65   C CB  . MET A 1 8   ? 11.426  11.942  0.412   1.00 30.40 ? 14  MET B CB  1 
ATOM   66   C CG  . MET A 1 8   ? 11.861  10.521  0.806   1.00 37.18 ? 14  MET B CG  1 
ATOM   67   S SD  . MET A 1 8   ? 11.104  9.127   -0.137  1.00 47.13 ? 14  MET B SD  1 
ATOM   68   C CE  . MET A 1 8   ? 12.098  9.119   -1.625  1.00 33.39 ? 14  MET B CE  1 
ATOM   69   N N   . VAL A 1 9   ? 9.183   11.179  2.761   1.00 20.10 ? 15  VAL B N   1 
ATOM   70   C CA  . VAL A 1 9   ? 8.956   10.894  4.201   1.00 22.02 ? 15  VAL B CA  1 
ATOM   71   C C   . VAL A 1 9   ? 9.486   9.470   4.475   1.00 21.65 ? 15  VAL B C   1 
ATOM   72   O O   . VAL A 1 9   ? 9.417   8.575   3.579   1.00 21.46 ? 15  VAL B O   1 
ATOM   73   C CB  . VAL A 1 9   ? 7.483   11.053  4.637   1.00 22.92 ? 15  VAL B CB  1 
ATOM   74   C CG1 . VAL A 1 9   ? 7.055   12.519  4.560   1.00 27.08 ? 15  VAL B CG1 1 
ATOM   75   C CG2 . VAL A 1 9   ? 6.510   10.185  3.857   1.00 23.76 ? 15  VAL B CG2 1 
ATOM   76   N N   . HIS A 1 10  ? 9.998   9.249   5.681   1.00 21.90 ? 16  HIS B N   1 
ATOM   77   C CA  . HIS A 1 10  ? 10.562  7.940   6.092   1.00 21.89 ? 16  HIS B CA  1 
ATOM   78   C C   . HIS A 1 10  ? 9.429   7.127   6.714   1.00 21.42 ? 16  HIS B C   1 
ATOM   79   O O   . HIS A 1 10  ? 8.914   7.484   7.764   1.00 24.62 ? 16  HIS B O   1 
ATOM   80   C CB  . HIS A 1 10  ? 11.724  8.170   7.050   1.00 23.00 ? 16  HIS B CB  1 
ATOM   81   C CG  . HIS A 1 10  ? 12.420  6.930   7.509   1.00 28.25 ? 16  HIS B CG  1 
ATOM   82   N ND1 . HIS A 1 10  ? 13.365  6.292   6.731   1.00 32.12 ? 16  HIS B ND1 1 
ATOM   83   C CD2 . HIS A 1 10  ? 12.310  6.214   8.655   1.00 31.74 ? 16  HIS B CD2 1 
ATOM   84   C CE1 . HIS A 1 10  ? 13.828  5.227   7.381   1.00 26.09 ? 16  HIS B CE1 1 
ATOM   85   N NE2 . HIS A 1 10  ? 13.183  5.148   8.570   1.00 32.55 ? 16  HIS B NE2 1 
ATOM   86   N N   . ILE A 1 11  ? 8.936   6.152   5.973   1.00 16.66 ? 17  ILE B N   1 
ATOM   87   C CA  . ILE A 1 11  ? 7.825   5.314   6.463   1.00 17.43 ? 17  ILE B CA  1 
ATOM   88   C C   . ILE A 1 11  ? 8.403   4.063   7.168   1.00 17.43 ? 17  ILE B C   1 
ATOM   89   O O   . ILE A 1 11  ? 9.377   3.519   6.685   1.00 17.41 ? 17  ILE B O   1 
ATOM   90   C CB  . ILE A 1 11  ? 6.921   4.914   5.278   1.00 17.22 ? 17  ILE B CB  1 
ATOM   91   C CG1 . ILE A 1 11  ? 6.333   6.147   4.582   1.00 18.17 ? 17  ILE B CG1 1 
ATOM   92   C CG2 . ILE A 1 11  ? 5.864   3.939   5.761   1.00 17.12 ? 17  ILE B CG2 1 
ATOM   93   C CD1 . ILE A 1 11  ? 5.585   7.120   5.471   1.00 16.84 ? 17  ILE B CD1 1 
ATOM   94   N N   . THR A 1 12  ? 7.760   3.674   8.242   1.00 15.96 ? 18  THR B N   1 
ATOM   95   C CA  . THR A 1 12  ? 8.049   2.381   8.924   1.00 17.09 ? 18  THR B CA  1 
ATOM   96   C C   . THR A 1 12  ? 6.734   1.651   9.125   1.00 17.36 ? 18  THR B C   1 
ATOM   97   O O   . THR A 1 12  ? 5.658   2.263   9.187   1.00 18.86 ? 18  THR B O   1 
ATOM   98   C CB  . THR A 1 12  ? 8.781   2.601   10.252  1.00 18.68 ? 18  THR B CB  1 
ATOM   99   O OG1 . THR A 1 12  ? 7.984   3.388   11.117  1.00 20.71 ? 18  THR B OG1 1 
ATOM   100  C CG2 . THR A 1 12  ? 10.163  3.205   10.081  1.00 20.30 ? 18  THR B CG2 1 
ATOM   101  N N   . LEU A 1 13  ? 6.828   0.319   9.199   1.00 15.56 ? 19  LEU B N   1 
ATOM   102  C CA  . LEU A 1 13  ? 5.629   -0.515  9.334   1.00 15.57 ? 19  LEU B CA  1 
ATOM   103  C C   . LEU A 1 13  ? 5.244   -0.686  10.793  1.00 15.09 ? 19  LEU B C   1 
ATOM   104  O O   . LEU A 1 13  ? 6.171   -0.832  11.635  1.00 17.52 ? 19  LEU B O   1 
ATOM   105  C CB  . LEU A 1 13  ? 5.913   -1.852  8.667   1.00 15.80 ? 19  LEU B CB  1 
ATOM   106  C CG  . LEU A 1 13  ? 6.260   -1.740  7.192   1.00 16.66 ? 19  LEU B CG  1 
ATOM   107  C CD1 . LEU A 1 13  ? 6.746   -3.074  6.629   1.00 17.99 ? 19  LEU B CD1 1 
ATOM   108  C CD2 . LEU A 1 13  ? 5.076   -1.190  6.385   1.00 19.06 ? 19  LEU B CD2 1 
ATOM   109  N N   . ASP A 1 14  ? 3.976   -0.719  11.075  1.00 14.61 ? 20  ASP B N   1 
ATOM   110  C CA  . ASP A 1 14  ? 3.381   -0.893  12.413  1.00 15.68 ? 20  ASP B CA  1 
ATOM   111  C C   . ASP A 1 14  ? 3.022   -2.387  12.606  1.00 16.18 ? 20  ASP B C   1 
ATOM   112  O O   . ASP A 1 14  ? 1.963   -2.827  12.145  1.00 14.86 ? 20  ASP B O   1 
ATOM   113  C CB  . ASP A 1 14  ? 2.208   0.057   12.657  1.00 15.98 ? 20  ASP B CB  1 
ATOM   114  C CG  . ASP A 1 14  ? 1.559   -0.027  14.027  1.00 21.11 ? 20  ASP B CG  1 
ATOM   115  O OD1 . ASP A 1 14  ? 1.890   -0.961  14.769  1.00 19.70 ? 20  ASP B OD1 1 
ATOM   116  O OD2 . ASP A 1 14  ? 0.656   0.782   14.297  1.00 20.75 ? 20  ASP B OD2 1 
ATOM   117  N N   A ARG A 1 15  ? 3.901   -3.113  13.315  0.25 16.90 ? 21  ARG B N   1 
ATOM   118  N N   B ARG A 1 15  ? 3.883   -3.130  13.312  0.25 17.14 ? 21  ARG B N   1 
ATOM   119  C CA  A ARG A 1 15  ? 3.772   -4.562  13.656  0.25 18.06 ? 21  ARG B CA  1 
ATOM   120  C CA  B ARG A 1 15  ? 3.723   -4.594  13.558  0.25 18.33 ? 21  ARG B CA  1 
ATOM   121  C C   A ARG A 1 15  ? 2.378   -4.881  14.195  0.25 17.06 ? 21  ARG B C   1 
ATOM   122  C C   B ARG A 1 15  ? 2.366   -4.896  14.203  0.25 16.92 ? 21  ARG B C   1 
ATOM   123  O O   A ARG A 1 15  ? 1.853   -5.974  13.899  0.25 17.94 ? 21  ARG B O   1 
ATOM   124  O O   B ARG A 1 15  ? 1.827   -5.993  13.972  0.25 16.24 ? 21  ARG B O   1 
ATOM   125  C CB  A ARG A 1 15  ? 4.775   -4.959  14.752  0.25 18.77 ? 21  ARG B CB  1 
ATOM   126  C CB  B ARG A 1 15  ? 4.848   -5.117  14.466  0.25 20.40 ? 21  ARG B CB  1 
ATOM   127  C CG  A ARG A 1 15  ? 6.229   -4.681  14.405  0.25 21.26 ? 21  ARG B CG  1 
ATOM   128  C CG  B ARG A 1 15  ? 6.191   -5.279  13.767  0.25 23.23 ? 21  ARG B CG  1 
ATOM   129  C CD  A ARG A 1 15  ? 7.224   -5.250  15.411  0.25 21.13 ? 21  ARG B CD  1 
ATOM   130  C CD  B ARG A 1 15  ? 7.188   -4.196  14.155  0.25 26.76 ? 21  ARG B CD  1 
ATOM   131  N NE  A ARG A 1 15  ? 8.546   -5.294  14.808  0.25 20.73 ? 21  ARG B NE  1 
ATOM   132  N NE  B ARG A 1 15  ? 7.821   -4.395  15.460  0.25 28.82 ? 21  ARG B NE  1 
ATOM   133  C CZ  A ARG A 1 15  ? 8.915   -6.253  13.983  0.25 19.87 ? 21  ARG B CZ  1 
ATOM   134  C CZ  B ARG A 1 15  ? 7.604   -3.654  16.551  0.25 31.43 ? 21  ARG B CZ  1 
ATOM   135  N NH1 A ARG A 1 15  ? 8.071   -7.234  13.728  0.25 21.05 ? 21  ARG B NH1 1 
ATOM   136  N NH1 B ARG A 1 15  ? 6.773   -2.627  16.527  0.25 35.23 ? 21  ARG B NH1 1 
ATOM   137  N NH2 A ARG A 1 15  ? 10.107  -6.234  13.421  0.25 21.03 ? 21  ARG B NH2 1 
ATOM   138  N NH2 B ARG A 1 15  ? 8.240   -3.944  17.671  0.25 33.54 ? 21  ARG B NH2 1 
ATOM   139  N N   . ASN A 1 16  ? 1.832   -3.982  15.013  1.00 16.57 ? 22  ASN B N   1 
ATOM   140  C CA  . ASN A 1 16  ? 0.574   -4.234  15.733  1.00 17.91 ? 22  ASN B CA  1 
ATOM   141  C C   . ASN A 1 16  ? -0.608  -4.375  14.775  1.00 16.33 ? 22  ASN B C   1 
ATOM   142  O O   . ASN A 1 16  ? -1.594  -5.017  15.130  1.00 16.92 ? 22  ASN B O   1 
ATOM   143  C CB  . ASN A 1 16  ? 0.352   -3.173  16.818  1.00 22.95 ? 22  ASN B CB  1 
ATOM   144  C CG  . ASN A 1 16  ? 1.249   -3.428  18.007  1.00 28.38 ? 22  ASN B CG  1 
ATOM   145  O OD1 . ASN A 1 16  ? 1.731   -4.551  18.211  1.00 36.01 ? 22  ASN B OD1 1 
ATOM   146  N ND2 . ASN A 1 16  ? 1.498   -2.390  18.781  1.00 40.23 ? 22  ASN B ND2 1 
ATOM   147  N N   . THR A 1 17  ? -0.512  -3.759  13.578  1.00 14.51 ? 23  THR B N   1 
ATOM   148  C CA  . THR A 1 17  ? -1.592  -3.792  12.589  1.00 14.23 ? 23  THR B CA  1 
ATOM   149  C C   . THR A 1 17  ? -1.468  -5.007  11.650  1.00 13.14 ? 23  THR B C   1 
ATOM   150  O O   . THR A 1 17  ? -2.387  -5.241  10.871  1.00 13.56 ? 23  THR B O   1 
ATOM   151  C CB  . THR A 1 17  ? -1.653  -2.520  11.729  1.00 13.49 ? 23  THR B CB  1 
ATOM   152  O OG1 . THR A 1 17  ? -0.498  -2.419  10.898  1.00 14.28 ? 23  THR B OG1 1 
ATOM   153  C CG2 . THR A 1 17  ? -1.835  -1.286  12.596  1.00 15.55 ? 23  THR B CG2 1 
ATOM   154  N N   . ALA A 1 18  ? -0.336  -5.664  11.667  1.00 13.83 ? 24  ALA B N   1 
ATOM   155  C CA  . ALA A 1 18  ? -0.042  -6.710  10.666  1.00 14.25 ? 24  ALA B CA  1 
ATOM   156  C C   . ALA A 1 18  ? -0.949  -7.925  10.844  1.00 14.89 ? 24  ALA B C   1 
ATOM   157  O O   . ALA A 1 18  ? -1.109  -8.442  11.981  1.00 14.53 ? 24  ALA B O   1 
ATOM   158  C CB  . ALA A 1 18  ? 1.392   -7.096  10.797  1.00 14.27 ? 24  ALA B CB  1 
ATOM   159  N N   . ASN A 1 19  ? -1.398  -8.496  9.744   1.00 13.64 ? 25  ASN B N   1 
ATOM   160  C CA  . ASN A 1 19  ? -1.873  -9.895  9.745   1.00 13.81 ? 25  ASN B CA  1 
ATOM   161  C C   . ASN A 1 19  ? -0.799  -10.743 10.448  1.00 12.94 ? 25  ASN B C   1 
ATOM   162  O O   . ASN A 1 19  ? 0.399   -10.574 10.283  1.00 12.98 ? 25  ASN B O   1 
ATOM   163  C CB  . ASN A 1 19  ? -2.168  -10.274 8.302   1.00 13.82 ? 25  ASN B CB  1 
ATOM   164  C CG  . ASN A 1 19  ? -2.569  -11.719 8.208   1.00 15.91 ? 25  ASN B CG  1 
ATOM   165  O OD1 . ASN A 1 19  ? -1.736  -12.600 8.137   1.00 16.65 ? 25  ASN B OD1 1 
ATOM   166  N ND2 . ASN A 1 19  ? -3.839  -11.954 8.275   1.00 17.36 ? 25  ASN B ND2 1 
ATOM   167  N N   . SER A 1 20  ? -1.282  -11.743 11.167  1.00 14.01 ? 26  SER B N   1 
ATOM   168  C CA  . SER A 1 20  ? -0.462  -12.602 12.044  1.00 14.28 ? 26  SER B CA  1 
ATOM   169  C C   . SER A 1 20  ? 0.477   -13.510 11.254  1.00 14.46 ? 26  SER B C   1 
ATOM   170  O O   . SER A 1 20  ? 1.365   -14.058 11.916  1.00 14.85 ? 26  SER B O   1 
ATOM   171  C CB  . SER A 1 20  ? -1.343  -13.424 12.954  1.00 15.98 ? 26  SER B CB  1 
ATOM   172  O OG  . SER A 1 20  ? -2.149  -14.262 12.160  1.00 20.94 ? 26  SER B OG  1 
ATOM   173  N N   . TRP A 1 21  ? 0.367   -13.633 9.939   1.00 12.84 ? 27  TRP B N   1 
ATOM   174  C CA  . TRP A 1 21  ? 1.319   -14.423 9.143   1.00 13.60 ? 27  TRP B CA  1 
ATOM   175  C C   . TRP A 1 21  ? 2.460   -13.589 8.600   1.00 13.93 ? 27  TRP B C   1 
ATOM   176  O O   . TRP A 1 21  ? 3.362   -14.155 7.980   1.00 13.71 ? 27  TRP B O   1 
ATOM   177  C CB  . TRP A 1 21  ? 0.590   -15.141 8.034   1.00 14.99 ? 27  TRP B CB  1 
ATOM   178  C CG  . TRP A 1 21  ? -0.228  -16.309 8.495   1.00 15.35 ? 27  TRP B CG  1 
ATOM   179  C CD1 . TRP A 1 21  ? -1.140  -16.335 9.518   1.00 17.29 ? 27  TRP B CD1 1 
ATOM   180  C CD2 . TRP A 1 21  ? -0.262  -17.599 7.880   1.00 15.46 ? 27  TRP B CD2 1 
ATOM   181  N NE1 . TRP A 1 21  ? -1.703  -17.587 9.610   1.00 19.54 ? 27  TRP B NE1 1 
ATOM   182  C CE2 . TRP A 1 21  ? -1.199  -18.357 8.614   1.00 15.92 ? 27  TRP B CE2 1 
ATOM   183  C CE3 . TRP A 1 21  ? 0.436   -18.191 6.820   1.00 16.03 ? 27  TRP B CE3 1 
ATOM   184  C CZ2 . TRP A 1 21  ? -1.475  -19.695 8.282   1.00 19.08 ? 27  TRP B CZ2 1 
ATOM   185  C CZ3 . TRP A 1 21  ? 0.162   -19.518 6.499   1.00 17.25 ? 27  TRP B CZ3 1 
ATOM   186  C CH2 . TRP A 1 21  ? -0.828  -20.207 7.183   1.00 19.41 ? 27  TRP B CH2 1 
ATOM   187  N N   . LEU A 1 22  ? 2.423   -12.251 8.810   1.00 12.88 ? 28  LEU B N   1 
ATOM   188  C CA  . LEU A 1 22  ? 3.458   -11.402 8.198   1.00 13.54 ? 28  LEU B CA  1 
ATOM   189  C C   . LEU A 1 22  ? 4.714   -11.392 9.074   1.00 14.04 ? 28  LEU B C   1 
ATOM   190  O O   . LEU A 1 22  ? 4.636   -11.407 10.307  1.00 14.27 ? 28  LEU B O   1 
ATOM   191  C CB  . LEU A 1 22  ? 2.955   -9.975  7.984   1.00 12.79 ? 28  LEU B CB  1 
ATOM   192  C CG  . LEU A 1 22  ? 1.792   -9.836  7.024   1.00 13.48 ? 28  LEU B CG  1 
ATOM   193  C CD1 . LEU A 1 22  ? 1.370   -8.387  6.925   1.00 13.54 ? 28  LEU B CD1 1 
ATOM   194  C CD2 . LEU A 1 22  ? 2.103   -10.409 5.670   1.00 13.92 ? 28  LEU B CD2 1 
ATOM   195  N N   . ILE A 1 23  ? 5.824   -11.240 8.382   1.00 12.64 ? 29  ILE B N   1 
ATOM   196  C CA  . ILE A 1 23  ? 7.162   -11.084 9.004   1.00 13.60 ? 29  ILE B CA  1 
ATOM   197  C C   . ILE A 1 23  ? 7.694   -9.729  8.580   1.00 14.33 ? 29  ILE B C   1 
ATOM   198  O O   . ILE A 1 23  ? 7.952   -9.530  7.378   1.00 14.77 ? 29  ILE B O   1 
ATOM   199  C CB  . ILE A 1 23  ? 8.105   -12.190 8.599   1.00 14.71 ? 29  ILE B CB  1 
ATOM   200  C CG1 . ILE A 1 23  ? 7.586   -13.585 9.001   1.00 15.67 ? 29  ILE B CG1 1 
ATOM   201  C CG2 . ILE A 1 23  ? 9.479   -11.962 9.248   1.00 16.10 ? 29  ILE B CG2 1 
ATOM   202  C CD1 . ILE A 1 23  ? 8.296   -14.735 8.409   1.00 17.34 ? 29  ILE B CD1 1 
ATOM   203  N N   . ILE A 1 24  ? 7.845   -8.854  9.568   1.00 17.37 ? 30  ILE B N   1 
ATOM   204  C CA  . ILE A 1 24  ? 8.357   -7.471  9.364   1.00 16.56 ? 30  ILE B CA  1 
ATOM   205  C C   . ILE A 1 24  ? 9.801   -7.457  9.812   1.00 17.17 ? 30  ILE B C   1 
ATOM   206  O O   . ILE A 1 24  ? 10.139  -7.975  10.944  1.00 19.56 ? 30  ILE B O   1 
ATOM   207  C CB  . ILE A 1 24  ? 7.512   -6.475  10.131  1.00 16.87 ? 30  ILE B CB  1 
ATOM   208  C CG1 . ILE A 1 24  ? 6.136   -6.336  9.489   1.00 19.82 ? 30  ILE B CG1 1 
ATOM   209  C CG2 . ILE A 1 24  ? 8.183   -5.098  10.175  1.00 17.67 ? 30  ILE B CG2 1 
ATOM   210  C CD1 . ILE A 1 24  ? 5.200   -5.662  10.290  1.00 23.65 ? 30  ILE B CD1 1 
ATOM   211  N N   . SER A 1 25  ? 10.676  -6.887  9.026   1.00 16.77 ? 31  SER B N   1 
ATOM   212  C CA  . SER A 1 25  ? 12.109  -6.833  9.324   1.00 16.36 ? 31  SER B CA  1 
ATOM   213  C C   . SER A 1 25  ? 12.397  -5.983  10.573  1.00 16.27 ? 31  SER B C   1 
ATOM   214  O O   . SER A 1 25  ? 11.590  -5.173  11.006  1.00 17.69 ? 31  SER B O   1 
ATOM   215  C CB  . SER A 1 25  ? 12.803  -6.368  8.101   1.00 17.23 ? 31  SER B CB  1 
ATOM   216  O OG  . SER A 1 25  ? 12.433  -5.020  7.844   1.00 17.88 ? 31  SER B OG  1 
ATOM   217  N N   . LYS A 1 26  ? 13.576  -6.212  11.165  1.00 19.82 ? 32  LYS B N   1 
ATOM   218  C CA  . LYS A 1 26  ? 14.027  -5.457  12.363  1.00 19.81 ? 32  LYS B CA  1 
ATOM   219  C C   . LYS A 1 26  ? 13.895  -3.945  12.162  1.00 17.56 ? 32  LYS B C   1 
ATOM   220  O O   . LYS A 1 26  ? 13.491  -3.285  13.103  1.00 21.34 ? 32  LYS B O   1 
ATOM   221  C CB  . LYS A 1 26  ? 15.496  -5.830  12.626  1.00 23.93 ? 32  LYS B CB  1 
ATOM   222  C CG  . LYS A 1 26  ? 16.107  -5.122  13.809  1.00 27.27 ? 32  LYS B CG  1 
ATOM   223  C CD  . LYS A 1 26  ? 17.242  -5.938  14.330  1.00 27.32 ? 32  LYS B CD  1 
ATOM   224  C CE  . LYS A 1 26  ? 18.265  -6.202  13.261  1.00 32.86 ? 32  LYS B CE  1 
ATOM   225  N NZ  . LYS A 1 26  ? 19.354  -6.994  13.853  1.00 37.15 ? 32  LYS B NZ  1 
ATOM   226  N N   . ASP A 1 27  ? 14.296  -3.459  10.988  1.00 19.42 ? 33  ASP B N   1 
ATOM   227  C CA  . ASP A 1 27  ? 14.298  -2.002  10.673  1.00 19.27 ? 33  ASP B CA  1 
ATOM   228  C C   . ASP A 1 27  ? 12.875  -1.509  10.359  1.00 19.51 ? 33  ASP B C   1 
ATOM   229  O O   . ASP A 1 27  ? 12.716  -0.308  10.154  1.00 17.19 ? 33  ASP B O   1 
ATOM   230  C CB  . ASP A 1 27  ? 15.316  -1.687  9.588   1.00 20.26 ? 33  ASP B CB  1 
ATOM   231  C CG  . ASP A 1 27  ? 15.025  -2.234  8.202   1.00 20.16 ? 33  ASP B CG  1 
ATOM   232  O OD1 . ASP A 1 27  ? 13.933  -2.884  8.025   1.00 20.43 ? 33  ASP B OD1 1 
ATOM   233  O OD2 . ASP A 1 27  ? 15.841  -1.951  7.301   1.00 22.95 ? 33  ASP B OD2 1 
ATOM   234  N N   . ARG A 1 28  ? 11.877  -2.369  10.341  1.00 16.20 ? 34  ARG B N   1 
ATOM   235  C CA  . ARG A 1 28  ? 10.457  -2.056  10.062  1.00 16.91 ? 34  ARG B CA  1 
ATOM   236  C C   . ARG A 1 28  ? 10.340  -1.427  8.659   1.00 14.81 ? 34  ARG B C   1 
ATOM   237  O O   . ARG A 1 28  ? 9.322   -0.727  8.414   1.00 14.88 ? 34  ARG B O   1 
ATOM   238  C CB  . ARG A 1 28  ? 9.878   -1.199  11.193  1.00 19.48 ? 34  ARG B CB  1 
ATOM   239  C CG  . ARG A 1 28  ? 9.852   -1.950  12.521  1.00 24.78 ? 34  ARG B CG  1 
ATOM   240  C CD  . ARG A 1 28  ? 9.172   -1.257  13.660  1.00 33.15 ? 34  ARG B CD  1 
ATOM   241  N NE  . ARG A 1 28  ? 9.652   0.093   13.848  1.00 41.50 ? 34  ARG B NE  1 
ATOM   242  C CZ  . ARG A 1 28  ? 8.982   1.228   13.552  1.00 56.65 ? 34  ARG B CZ  1 
ATOM   243  N NH1 . ARG A 1 28  ? 7.750   1.217   13.036  1.00 49.72 ? 34  ARG B NH1 1 
ATOM   244  N NH2 . ARG A 1 28  ? 9.569   2.396   13.794  1.00 60.60 ? 34  ARG B NH2 1 
ATOM   245  N N   . ARG A 1 29  ? 11.194  -1.799  7.730   1.00 13.56 ? 35  ARG B N   1 
ATOM   246  C CA  . ARG A 1 29  ? 11.137  -1.297  6.340   1.00 15.16 ? 35  ARG B CA  1 
ATOM   247  C C   . ARG A 1 29  ? 10.793  -2.397  5.329   1.00 14.38 ? 35  ARG B C   1 
ATOM   248  O O   . ARG A 1 29  ? 10.572  -2.050  4.152   1.00 15.30 ? 35  ARG B O   1 
ATOM   249  C CB  . ARG A 1 29  ? 12.465  -0.633  5.953   1.00 16.71 ? 35  ARG B CB  1 
ATOM   250  C CG  . ARG A 1 29  ? 12.713  0.570   6.850   1.00 19.88 ? 35  ARG B CG  1 
ATOM   251  C CD  . ARG A 1 29  ? 12.122  1.872   6.403   1.00 20.49 ? 35  ARG B CD  1 
ATOM   252  N NE  . ARG A 1 29  ? 12.864  2.395   5.258   1.00 22.45 ? 35  ARG B NE  1 
ATOM   253  C CZ  . ARG A 1 29  ? 12.486  3.468   4.542   1.00 20.77 ? 35  ARG B CZ  1 
ATOM   254  N NH1 . ARG A 1 29  ? 11.406  4.123   4.879   1.00 22.25 ? 35  ARG B NH1 1 
ATOM   255  N NH2 . ARG A 1 29  ? 13.228  3.854   3.526   1.00 21.67 ? 35  ARG B NH2 1 
ATOM   256  N N   . GLN A 1 30  ? 10.708  -3.673  5.697   1.00 14.00 ? 36  GLN B N   1 
ATOM   257  C CA  . GLN A 1 30  ? 10.417  -4.782  4.781   1.00 14.71 ? 36  GLN B CA  1 
ATOM   258  C C   . GLN A 1 30  ? 9.367   -5.686  5.412   1.00 14.21 ? 36  GLN B C   1 
ATOM   259  O O   . GLN A 1 30  ? 9.292   -5.792  6.658   1.00 14.71 ? 36  GLN B O   1 
ATOM   260  C CB  . GLN A 1 30  ? 11.654  -5.608  4.418   1.00 16.90 ? 36  GLN B CB  1 
ATOM   261  C CG  . GLN A 1 30  ? 12.816  -4.774  3.977   1.00 19.24 ? 36  GLN B CG  1 
ATOM   262  C CD  . GLN A 1 30  ? 13.884  -5.681  3.415   1.00 24.73 ? 36  GLN B CD  1 
ATOM   263  O OE1 . GLN A 1 30  ? 13.659  -6.850  3.062   1.00 27.12 ? 36  GLN B OE1 1 
ATOM   264  N NE2 . GLN A 1 30  ? 15.092  -5.185  3.416   1.00 26.68 ? 36  GLN B NE2 1 
ATOM   265  N N   . VAL A 1 31  ? 8.501   -6.260  4.571   1.00 13.23 ? 37  VAL B N   1 
ATOM   266  C CA  . VAL A 1 31  ? 7.456   -7.193  5.049   1.00 13.13 ? 37  VAL B CA  1 
ATOM   267  C C   . VAL A 1 31  ? 7.293   -8.283  4.010   1.00 13.22 ? 37  VAL B C   1 
ATOM   268  O O   . VAL A 1 31  ? 7.282   -8.016  2.833   1.00 12.69 ? 37  VAL B O   1 
ATOM   269  C CB  . VAL A 1 31  ? 6.161   -6.468  5.403   1.00 12.79 ? 37  VAL B CB  1 
ATOM   270  C CG1 . VAL A 1 31  ? 5.611   -5.640  4.226   1.00 12.74 ? 37  VAL B CG1 1 
ATOM   271  C CG2 . VAL A 1 31  ? 5.091   -7.419  5.907   1.00 13.89 ? 37  VAL B CG2 1 
ATOM   272  N N   . ARG A 1 32  ? 7.139   -9.519  4.482   1.00 13.49 ? 38  ARG B N   1 
ATOM   273  C CA  . ARG A 1 32  ? 6.843   -10.669 3.608   1.00 13.76 ? 38  ARG B CA  1 
ATOM   274  C C   . ARG A 1 32  ? 5.854   -11.597 4.305   1.00 13.20 ? 38  ARG B C   1 
ATOM   275  O O   . ARG A 1 32  ? 5.674   -11.565 5.530   1.00 12.70 ? 38  ARG B O   1 
ATOM   276  C CB  . ARG A 1 32  ? 8.114   -11.426 3.208   1.00 14.94 ? 38  ARG B CB  1 
ATOM   277  C CG  . ARG A 1 32  ? 8.777   -12.166 4.354   1.00 17.41 ? 38  ARG B CG  1 
ATOM   278  C CD  . ARG A 1 32  ? 10.136  -12.684 3.907   1.00 20.57 ? 38  ARG B CD  1 
ATOM   279  N NE  . ARG A 1 32  ? 10.807  -13.348 5.002   1.00 24.50 ? 38  ARG B NE  1 
ATOM   280  C CZ  . ARG A 1 32  ? 10.652  -14.610 5.327   1.00 21.47 ? 38  ARG B CZ  1 
ATOM   281  N NH1 . ARG A 1 32  ? 9.808   -15.386 4.700   1.00 23.44 ? 38  ARG B NH1 1 
ATOM   282  N NH2 . ARG A 1 32  ? 11.363  -15.090 6.355   1.00 26.80 ? 38  ARG B NH2 1 
ATOM   283  N N   . MET A 1 33  ? 5.223   -12.436 3.478   0.42 12.96 ? 39  MET B N   1 
ATOM   284  C CA  . MET A 1 33  ? 4.303   -13.524 3.905   0.42 13.75 ? 39  MET B CA  1 
ATOM   285  C C   . MET A 1 33  ? 5.110   -14.681 4.500   0.42 14.05 ? 39  MET B C   1 
ATOM   286  O O   . MET A 1 33  ? 5.904   -15.298 3.746   0.42 14.41 ? 39  MET B O   1 
ATOM   287  C CB  . MET A 1 33  ? 3.515   -14.038 2.697   0.42 13.60 ? 39  MET B CB  1 
ATOM   288  C CG  . MET A 1 33  ? 2.744   -15.333 2.967   0.42 13.64 ? 39  MET B CG  1 
ATOM   289  S SD  . MET A 1 33  ? 1.393   -15.090 4.181   0.42 14.52 ? 39  MET B SD  1 
ATOM   290  C CE  . MET A 1 33  ? 0.078   -14.504 3.115   0.42 15.77 ? 39  MET B CE  1 
ATOM   291  N N   . GLY A 1 34  ? 4.867   -15.007 5.773   1.00 14.01 ? 40  GLY B N   1 
ATOM   292  C CA  . GLY A 1 34  ? 5.446   -16.225 6.367   1.00 15.45 ? 40  GLY B CA  1 
ATOM   293  C C   . GLY A 1 34  ? 4.715   -17.465 5.894   1.00 16.59 ? 40  GLY B C   1 
ATOM   294  O O   . GLY A 1 34  ? 3.638   -17.376 5.257   1.00 16.19 ? 40  GLY B O   1 
ATOM   295  N N   . ASP A 1 35  ? 5.304   -18.633 6.208   1.00 20.32 ? 41  ASP B N   1 
ATOM   296  C CA  . ASP A 1 35  ? 4.678   -19.909 5.740   1.00 21.94 ? 41  ASP B CA  1 
ATOM   297  C C   . ASP A 1 35  ? 3.702   -20.418 6.831   1.00 20.28 ? 41  ASP B C   1 
ATOM   298  O O   . ASP A 1 35  ? 3.050   -21.473 6.609   1.00 21.46 ? 41  ASP B O   1 
ATOM   299  C CB  . ASP A 1 35  ? 5.735   -20.915 5.220   1.00 27.82 ? 41  ASP B CB  1 
ATOM   300  C CG  . ASP A 1 35  ? 6.270   -20.666 3.783   1.00 37.24 ? 41  ASP B CG  1 
ATOM   301  O OD1 . ASP A 1 35  ? 5.545   -20.082 2.932   1.00 35.87 ? 41  ASP B OD1 1 
ATOM   302  O OD2 . ASP A 1 35  ? 7.404   -21.105 3.465   1.00 43.18 ? 41  ASP B OD2 1 
ATOM   303  N N   . THR A 1 36  ? 3.537   -19.695 7.937   1.00 16.86 ? 42  THR B N   1 
ATOM   304  C CA  . THR A 1 36  ? 2.673   -20.109 9.084   1.00 17.56 ? 42  THR B CA  1 
ATOM   305  C C   . THR A 1 36  ? 2.321   -18.886 9.916   1.00 16.24 ? 42  THR B C   1 
ATOM   306  O O   . THR A 1 36  ? 2.922   -17.752 9.736   1.00 14.88 ? 42  THR B O   1 
ATOM   307  C CB  . THR A 1 36  ? 3.414   -21.174 9.914   1.00 18.79 ? 42  THR B CB  1 
ATOM   308  O OG1 . THR A 1 36  ? 2.486   -21.706 10.835  1.00 21.64 ? 42  THR B OG1 1 
ATOM   309  C CG2 . THR A 1 36  ? 4.571   -20.582 10.685  1.00 19.93 ? 42  THR B CG2 1 
ATOM   310  N N   . HIS A 1 37  ? 1.436   -19.010 10.897  1.00 17.49 ? 43  HIS B N   1 
ATOM   311  C CA  . HIS A 1 37  ? 1.221   -17.976 11.948  1.00 16.30 ? 43  HIS B CA  1 
ATOM   312  C C   . HIS A 1 37  ? 2.526   -17.608 12.622  1.00 18.00 ? 43  HIS B C   1 
ATOM   313  O O   . HIS A 1 37  ? 3.295   -18.544 13.056  1.00 18.37 ? 43  HIS B O   1 
ATOM   314  C CB  . HIS A 1 37  ? 0.177   -18.525 12.921  1.00 16.01 ? 43  HIS B CB  1 
ATOM   315  C CG  . HIS A 1 37  ? -0.321  -17.594 13.968  1.00 16.35 ? 43  HIS B CG  1 
ATOM   316  N ND1 . HIS A 1 37  ? 0.445   -17.161 15.047  1.00 17.38 ? 43  HIS B ND1 1 
ATOM   317  C CD2 . HIS A 1 37  ? -1.554  -17.083 14.134  1.00 15.96 ? 43  HIS B CD2 1 
ATOM   318  C CE1 . HIS A 1 37  ? -0.315  -16.415 15.817  1.00 17.30 ? 43  HIS B CE1 1 
ATOM   319  N NE2 . HIS A 1 37  ? -1.576  -16.344 15.276  1.00 16.29 ? 43  HIS B NE2 1 
ATOM   320  N N   . GLN A 1 38  ? 2.778   -16.314 12.835  1.00 15.99 ? 44  GLN B N   1 
ATOM   321  C CA  . GLN A 1 38  ? 4.085   -15.877 13.347  1.00 15.76 ? 44  GLN B CA  1 
ATOM   322  C C   . GLN A 1 38  ? 4.122   -15.706 14.874  1.00 17.94 ? 44  GLN B C   1 
ATOM   323  O O   . GLN A 1 38  ? 5.045   -15.045 15.401  1.00 18.40 ? 44  GLN B O   1 
ATOM   324  C CB  . GLN A 1 38  ? 4.470   -14.593 12.628  1.00 15.89 ? 44  GLN B CB  1 
ATOM   325  C CG  . GLN A 1 38  ? 4.757   -14.831 11.181  1.00 15.76 ? 44  GLN B CG  1 
ATOM   326  C CD  . GLN A 1 38  ? 5.781   -15.894 10.907  1.00 16.39 ? 44  GLN B CD  1 
ATOM   327  O OE1 . GLN A 1 38  ? 5.597   -16.850 10.159  1.00 19.60 ? 44  GLN B OE1 1 
ATOM   328  N NE2 . GLN A 1 38  ? 6.909   -15.772 11.573  1.00 15.13 ? 44  GLN B NE2 1 
ATOM   329  N N   . ASN A 1 39  ? 3.226   -16.359 15.599  1.00 16.03 ? 45  ASN B N   1 
ATOM   330  C CA  . ASN A 1 39  ? 3.376   -16.540 17.072  1.00 15.62 ? 45  ASN B CA  1 
ATOM   331  C C   . ASN A 1 39  ? 3.189   -15.241 17.838  1.00 17.66 ? 45  ASN B C   1 
ATOM   332  O O   . ASN A 1 39  ? 3.780   -15.041 18.918  1.00 18.47 ? 45  ASN B O   1 
ATOM   333  C CB  . ASN A 1 39  ? 4.667   -17.293 17.443  1.00 17.10 ? 45  ASN B CB  1 
ATOM   334  C CG  . ASN A 1 39  ? 4.555   -18.002 18.785  1.00 15.93 ? 45  ASN B CG  1 
ATOM   335  O OD1 . ASN A 1 39  ? 3.485   -18.444 19.181  1.00 15.52 ? 45  ASN B OD1 1 
ATOM   336  N ND2 . ASN A 1 39  ? 5.681   -18.116 19.509  1.00 15.52 ? 45  ASN B ND2 1 
ATOM   337  N N   . VAL A 1 40  ? 2.312   -14.400 17.340  1.00 18.22 ? 46  VAL B N   1 
ATOM   338  C CA  . VAL A 1 40  ? 1.914   -13.117 17.978  1.00 18.72 ? 46  VAL B CA  1 
ATOM   339  C C   . VAL A 1 40  ? 0.498   -13.276 18.544  1.00 17.56 ? 46  VAL B C   1 
ATOM   340  O O   . VAL A 1 40  ? -0.272  -14.048 17.969  1.00 19.21 ? 46  VAL B O   1 
ATOM   341  C CB  . VAL A 1 40  ? 2.004   -11.944 16.988  1.00 19.79 ? 46  VAL B CB  1 
ATOM   342  C CG1 . VAL A 1 40  ? 3.435   -11.652 16.560  1.00 21.83 ? 46  VAL B CG1 1 
ATOM   343  C CG2 . VAL A 1 40  ? 1.129   -12.158 15.777  1.00 21.34 ? 46  VAL B CG2 1 
ATOM   344  N N   . SER A 1 41  ? 0.141   -12.521 19.577  1.00 19.13 ? 47  SER B N   1 
ATOM   345  C CA  . SER A 1 41  ? -1.241  -12.473 20.086  1.00 20.25 ? 47  SER B CA  1 
ATOM   346  C C   . SER A 1 41  ? -2.147  -11.722 19.109  1.00 19.20 ? 47  SER B C   1 
ATOM   347  O O   . SER A 1 41  ? -1.649  -10.856 18.358  1.00 19.24 ? 47  SER B O   1 
ATOM   348  C CB  . SER A 1 41  ? -1.276  -11.875 21.480  1.00 23.56 ? 47  SER B CB  1 
ATOM   349  O OG  . SER A 1 41  ? -0.878  -10.527 21.428  1.00 27.11 ? 47  SER B OG  1 
ATOM   350  N N   . ASP A 1 42  ? -3.447  -11.989 19.116  1.00 19.66 ? 48  ASP B N   1 
ATOM   351  C CA  . ASP A 1 42  ? -4.439  -11.278 18.282  1.00 18.68 ? 48  ASP B CA  1 
ATOM   352  C C   . ASP A 1 42  ? -4.771  -9.961  18.974  1.00 20.89 ? 48  ASP B C   1 
ATOM   353  O O   . ASP A 1 42  ? -4.561  -9.802  20.194  1.00 20.40 ? 48  ASP B O   1 
ATOM   354  C CB  . ASP A 1 42  ? -5.687  -12.120 18.034  1.00 20.07 ? 48  ASP B CB  1 
ATOM   355  C CG  . ASP A 1 42  ? -6.400  -11.792 16.706  1.00 23.53 ? 48  ASP B CG  1 
ATOM   356  O OD1 . ASP A 1 42  ? -5.946  -10.855 15.986  1.00 18.80 ? 48  ASP B OD1 1 
ATOM   357  O OD2 . ASP A 1 42  ? -7.359  -12.544 16.291  1.00 25.89 ? 48  ASP B OD2 1 
ATOM   358  N N   . ASN A 1 43  ? -5.240  -9.004  18.182  1.00 18.21 ? 49  ASN B N   1 
ATOM   359  C CA  . ASN A 1 43  ? -5.663  -7.680  18.713  1.00 19.88 ? 49  ASN B CA  1 
ATOM   360  C C   . ASN A 1 43  ? -6.619  -7.073  17.693  1.00 20.26 ? 49  ASN B C   1 
ATOM   361  O O   . ASN A 1 43  ? -6.768  -7.630  16.586  1.00 20.26 ? 49  ASN B O   1 
ATOM   362  C CB  . ASN A 1 43  ? -4.499  -6.780  19.062  1.00 19.42 ? 49  ASN B CB  1 
ATOM   363  C CG  . ASN A 1 43  ? -3.737  -6.290  17.842  1.00 19.48 ? 49  ASN B CG  1 
ATOM   364  O OD1 . ASN A 1 43  ? -4.344  -5.758  16.907  1.00 20.92 ? 49  ASN B OD1 1 
ATOM   365  N ND2 . ASN A 1 43  ? -2.460  -6.460  17.801  1.00 17.55 ? 49  ASN B ND2 1 
ATOM   366  N N   . LYS A 1 44  ? -7.334  -6.027  18.090  1.00 21.49 ? 50  LYS B N   1 
ATOM   367  C CA  . LYS A 1 44  ? -8.416  -5.453  17.263  1.00 23.41 ? 50  LYS B CA  1 
ATOM   368  C C   . LYS A 1 44  ? -7.842  -4.716  16.033  1.00 18.58 ? 50  LYS B C   1 
ATOM   369  O O   . LYS A 1 44  ? -8.605  -4.503  15.092  1.00 20.53 ? 50  LYS B O   1 
ATOM   370  C CB  . LYS A 1 44  ? -9.242  -4.483  18.117  1.00 26.63 ? 50  LYS B CB  1 
ATOM   371  C CG  . LYS A 1 44  ? -8.455  -3.302  18.642  1.00 33.22 ? 50  LYS B CG  1 
ATOM   372  C CD  . LYS A 1 44  ? -9.147  -2.510  19.738  1.00 42.24 ? 50  LYS B CD  1 
ATOM   373  C CE  . LYS A 1 44  ? -8.664  -1.074  19.750  1.00 45.13 ? 50  LYS B CE  1 
ATOM   374  N NZ  . LYS A 1 44  ? -9.443  -0.265  20.715  1.00 53.92 ? 50  LYS B NZ  1 
ATOM   375  N N   . GLU A 1 45  ? -6.563  -4.379  16.049  1.00 18.65 ? 51  GLU B N   1 
ATOM   376  C CA  . GLU A 1 45  ? -5.921  -3.630  14.922  1.00 18.46 ? 51  GLU B CA  1 
ATOM   377  C C   . GLU A 1 45  ? -5.565  -4.583  13.760  1.00 17.58 ? 51  GLU B C   1 
ATOM   378  O O   . GLU A 1 45  ? -5.429  -4.107  12.607  1.00 18.81 ? 51  GLU B O   1 
ATOM   379  C CB  . GLU A 1 45  ? -4.651  -2.951  15.403  1.00 20.58 ? 51  GLU B CB  1 
ATOM   380  C CG  . GLU A 1 45  ? -4.833  -1.848  16.465  1.00 24.85 ? 51  GLU B CG  1 
ATOM   381  C CD  . GLU A 1 45  ? -3.477  -1.265  16.842  1.00 30.57 ? 51  GLU B CD  1 
ATOM   382  O OE1 . GLU A 1 45  ? -2.962  -1.592  17.952  1.00 38.65 ? 51  GLU B OE1 1 
ATOM   383  O OE2 . GLU A 1 45  ? -2.861  -0.534  16.029  1.00 35.22 ? 51  GLU B OE2 1 
ATOM   384  N N   . ARG A 1 46  ? -5.314  -5.870  13.998  1.00 16.57 ? 52  ARG B N   1 
ATOM   385  C CA  . ARG A 1 46  ? -4.717  -6.725  12.947  1.00 15.71 ? 52  ARG B CA  1 
ATOM   386  C C   . ARG A 1 46  ? -5.689  -7.002  11.813  1.00 14.91 ? 52  ARG B C   1 
ATOM   387  O O   . ARG A 1 46  ? -6.872  -7.379  12.026  1.00 15.78 ? 52  ARG B O   1 
ATOM   388  C CB  . ARG A 1 46  ? -4.279  -8.072  13.538  1.00 14.65 ? 52  ARG B CB  1 
ATOM   389  C CG  . ARG A 1 46  ? -3.166  -8.004  14.542  1.00 15.06 ? 52  ARG B CG  1 
ATOM   390  C CD  . ARG A 1 46  ? -2.554  -9.412  14.727  1.00 15.33 ? 52  ARG B CD  1 
ATOM   391  N NE  . ARG A 1 46  ? -1.579  -9.355  15.797  1.00 16.64 ? 52  ARG B NE  1 
ATOM   392  C CZ  . ARG A 1 46  ? -0.400  -8.730  15.754  1.00 15.98 ? 52  ARG B CZ  1 
ATOM   393  N NH1 . ARG A 1 46  ? 0.075   -8.236  14.612  1.00 16.29 ? 52  ARG B NH1 1 
ATOM   394  N NH2 . ARG A 1 46  ? 0.375   -8.610  16.832  1.00 18.90 ? 52  ARG B NH2 1 
ATOM   395  N N   . PHE A 1 47  ? -5.260  -6.839  10.550  1.00 14.00 ? 53  PHE B N   1 
ATOM   396  C CA  . PHE A 1 47  ? -6.069  -7.304  9.416   1.00 13.85 ? 53  PHE B CA  1 
ATOM   397  C C   . PHE A 1 47  ? -6.198  -8.839  9.505   1.00 15.92 ? 53  PHE B C   1 
ATOM   398  O O   . PHE A 1 47  ? -5.167  -9.513  9.463   1.00 16.23 ? 53  PHE B O   1 
ATOM   399  C CB  . PHE A 1 47  ? -5.433  -6.875  8.095   1.00 13.44 ? 53  PHE B CB  1 
ATOM   400  C CG  . PHE A 1 47  ? -5.608  -5.396  7.860   1.00 12.43 ? 53  PHE B CG  1 
ATOM   401  C CD1 . PHE A 1 47  ? -6.788  -4.893  7.340   1.00 12.97 ? 53  PHE B CD1 1 
ATOM   402  C CD2 . PHE A 1 47  ? -4.562  -4.503  8.099   1.00 13.56 ? 53  PHE B CD2 1 
ATOM   403  C CE1 . PHE A 1 47  ? -6.945  -3.524  7.117   1.00 13.98 ? 53  PHE B CE1 1 
ATOM   404  C CE2 . PHE A 1 47  ? -4.731  -3.135  7.858   1.00 13.55 ? 53  PHE B CE2 1 
ATOM   405  C CZ  . PHE A 1 47  ? -5.932  -2.673  7.376   1.00 12.66 ? 53  PHE B CZ  1 
ATOM   406  N N   . SER A 1 48  ? -7.392  -9.373  9.570   1.00 16.48 ? 54  SER B N   1 
ATOM   407  C CA  . SER A 1 48  ? -7.574  -10.833 9.822   1.00 17.64 ? 54  SER B CA  1 
ATOM   408  C C   . SER A 1 48  ? -7.594  -11.626 8.525   1.00 16.79 ? 54  SER B C   1 
ATOM   409  O O   . SER A 1 48  ? -7.089  -12.769 8.529   1.00 18.92 ? 54  SER B O   1 
ATOM   410  C CB  . SER A 1 48  ? -8.860  -11.051 10.603  1.00 17.81 ? 54  SER B CB  1 
ATOM   411  O OG  . SER A 1 48  ? -9.998  -10.607 9.923   1.00 17.97 ? 54  SER B OG  1 
ATOM   412  N N   . ASN A 1 49  ? -8.193  -11.154 7.455   1.00 14.60 ? 55  ASN B N   1 
ATOM   413  C CA  . ASN A 1 49  ? -8.543  -11.974 6.273   1.00 16.29 ? 55  ASN B CA  1 
ATOM   414  C C   . ASN A 1 49  ? -7.496  -11.909 5.159   1.00 15.01 ? 55  ASN B C   1 
ATOM   415  O O   . ASN A 1 49  ? -7.584  -12.685 4.208   1.00 16.63 ? 55  ASN B O   1 
ATOM   416  C CB  . ASN A 1 49  ? -9.905  -11.627 5.705   1.00 17.01 ? 55  ASN B CB  1 
ATOM   417  C CG  . ASN A 1 49  ? -11.078 -12.085 6.559   1.00 19.87 ? 55  ASN B CG  1 
ATOM   418  O OD1 . ASN A 1 49  ? -11.112 -11.885 7.763   1.00 21.77 ? 55  ASN B OD1 1 
ATOM   419  N ND2 . ASN A 1 49  ? -12.066 -12.629 5.873   1.00 24.16 ? 55  ASN B ND2 1 
ATOM   420  N N   . TYR A 1 50  ? -6.601  -10.905 5.188   1.00 13.62 ? 56  TYR B N   1 
ATOM   421  C CA  . TYR A 1 50  ? -5.682  -10.632 4.063   1.00 12.79 ? 56  TYR B CA  1 
ATOM   422  C C   . TYR A 1 50  ? -4.314  -10.305 4.647   1.00 12.50 ? 56  TYR B C   1 
ATOM   423  O O   . TYR A 1 50  ? -4.198  -9.791  5.768   1.00 14.15 ? 56  TYR B O   1 
ATOM   424  C CB  . TYR A 1 50  ? -6.192  -9.432  3.247   1.00 12.57 ? 56  TYR B CB  1 
ATOM   425  C CG  . TYR A 1 50  ? -7.659  -9.461  2.875   1.00 14.03 ? 56  TYR B CG  1 
ATOM   426  C CD1 . TYR A 1 50  ? -8.109  -10.331 1.887   1.00 16.49 ? 56  TYR B CD1 1 
ATOM   427  C CD2 . TYR A 1 50  ? -8.607  -8.684  3.516   1.00 14.83 ? 56  TYR B CD2 1 
ATOM   428  C CE1 . TYR A 1 50  ? -9.453  -10.401 1.524   1.00 18.21 ? 56  TYR B CE1 1 
ATOM   429  C CE2 . TYR A 1 50  ? -9.960  -8.795  3.227   1.00 16.42 ? 56  TYR B CE2 1 
ATOM   430  C CZ  . TYR A 1 50  ? -10.368 -9.605  2.187   1.00 16.04 ? 56  TYR B CZ  1 
ATOM   431  O OH  . TYR A 1 50  ? -11.712 -9.628  1.873   1.00 17.37 ? 56  TYR B OH  1 
ATOM   432  N N   . PRO A 1 51  ? -3.241  -10.456 3.852   1.00 12.58 ? 57  PRO B N   1 
ATOM   433  C CA  . PRO A 1 51  ? -1.872  -10.223 4.315   1.00 12.76 ? 57  PRO B CA  1 
ATOM   434  C C   . PRO A 1 51  ? -1.467  -8.731  4.289   1.00 12.28 ? 57  PRO B C   1 
ATOM   435  O O   . PRO A 1 51  ? -0.509  -8.312  3.619   1.00 12.54 ? 57  PRO B O   1 
ATOM   436  C CB  . PRO A 1 51  ? -0.984  -11.083 3.379   1.00 15.53 ? 57  PRO B CB  1 
ATOM   437  C CG  . PRO A 1 51  ? -1.922  -11.776 2.444   1.00 16.26 ? 57  PRO B CG  1 
ATOM   438  C CD  . PRO A 1 51  ? -3.267  -11.162 2.577   1.00 13.98 ? 57  PRO B CD  1 
ATOM   439  N N   . MET A 1 52  ? -2.216  -7.932  5.068   1.00 11.38 ? 58  MET B N   1 
ATOM   440  C CA  . MET A 1 52  ? -2.131  -6.440  5.075   1.00 10.95 ? 58  MET B CA  1 
ATOM   441  C C   . MET A 1 52  ? -1.444  -5.929  6.340   1.00 11.73 ? 58  MET B C   1 
ATOM   442  O O   . MET A 1 52  ? -1.463  -6.540  7.422   1.00 12.45 ? 58  MET B O   1 
ATOM   443  C CB  . MET A 1 52  ? -3.530  -5.860  4.944   1.00 11.74 ? 58  MET B CB  1 
ATOM   444  C CG  . MET A 1 52  ? -4.182  -6.088  3.615   1.00 11.19 ? 58  MET B CG  1 
ATOM   445  S SD  . MET A 1 52  ? -5.958  -5.747  3.690   1.00 12.86 ? 58  MET B SD  1 
ATOM   446  C CE  . MET A 1 52  ? -6.501  -6.103  2.032   1.00 13.43 ? 58  MET B CE  1 
ATOM   447  N N   . VAL A 1 53  ? -0.875  -4.741  6.205   1.00 11.26 ? 59  VAL B N   1 
ATOM   448  C CA  . VAL A 1 53  ? -0.207  -4.011  7.311   1.00 11.92 ? 59  VAL B CA  1 
ATOM   449  C C   . VAL A 1 53  ? -0.257  -2.520  6.993   1.00 12.30 ? 59  VAL B C   1 
ATOM   450  O O   . VAL A 1 53  ? -0.254  -2.132  5.799   1.00 12.44 ? 59  VAL B O   1 
ATOM   451  C CB  . VAL A 1 53  ? 1.223   -4.541  7.567   1.00 12.32 ? 59  VAL B CB  1 
ATOM   452  C CG1 . VAL A 1 53  ? 2.150   -4.376  6.378   1.00 12.31 ? 59  VAL B CG1 1 
ATOM   453  C CG2 . VAL A 1 53  ? 1.876   -3.973  8.824   1.00 12.73 ? 59  VAL B CG2 1 
ATOM   454  N N   . LEU A 1 54  ? -0.236  -1.716  8.033   1.00 12.21 ? 60  LEU B N   1 
ATOM   455  C CA  . LEU A 1 54  ? -0.193  -0.239  7.899   1.00 11.85 ? 60  LEU B CA  1 
ATOM   456  C C   . LEU A 1 54  ? 1.183   0.302   8.233   1.00 12.35 ? 60  LEU B C   1 
ATOM   457  O O   . LEU A 1 54  ? 1.915   -0.242  9.130   1.00 13.78 ? 60  LEU B O   1 
ATOM   458  C CB  . LEU A 1 54  ? -1.228  0.424   8.802   1.00 12.45 ? 60  LEU B CB  1 
ATOM   459  C CG  . LEU A 1 54  ? -2.663  -0.001  8.589   1.00 12.69 ? 60  LEU B CG  1 
ATOM   460  C CD1 . LEU A 1 54  ? -3.675  0.810   9.386   1.00 15.07 ? 60  LEU B CD1 1 
ATOM   461  C CD2 . LEU A 1 54  ? -3.079  0.057   7.132   1.00 13.21 ? 60  LEU B CD2 1 
ATOM   462  N N   . GLY A 1 55  ? 1.511   1.460   7.664   1.00 12.74 ? 61  GLY B N   1 
ATOM   463  C CA  . GLY A 1 55  ? 2.620   2.275   8.185   1.00 13.34 ? 61  GLY B CA  1 
ATOM   464  C C   . GLY A 1 55  ? 2.240   2.890   9.534   1.00 13.10 ? 61  GLY B C   1 
ATOM   465  O O   . GLY A 1 55  ? 1.084   3.087   9.829   1.00 14.10 ? 61  GLY B O   1 
ATOM   466  N N   . ALA A 1 56  ? 3.259   3.175   10.320  1.00 14.73 ? 62  ALA B N   1 
ATOM   467  C CA  . ALA A 1 56  ? 3.098   3.780   11.662  1.00 16.95 ? 62  ALA B CA  1 
ATOM   468  C C   . ALA A 1 56  ? 2.670   5.249   11.545  1.00 17.04 ? 62  ALA B C   1 
ATOM   469  O O   . ALA A 1 56  ? 1.964   5.755   12.425  1.00 20.94 ? 62  ALA B O   1 
ATOM   470  C CB  . ALA A 1 56  ? 4.396   3.638   12.389  1.00 18.12 ? 62  ALA B CB  1 
ATOM   471  N N   . GLN A 1 57  ? 3.104   5.900   10.470  1.00 15.90 ? 63  GLN B N   1 
ATOM   472  C CA  . GLN A 1 57  ? 2.912   7.367   10.342  1.00 16.08 ? 63  GLN B CA  1 
ATOM   473  C C   . GLN A 1 57  ? 1.434   7.639   10.057  1.00 17.25 ? 63  GLN B C   1 
ATOM   474  O O   . GLN A 1 57  ? 0.741   6.878   9.315   1.00 18.37 ? 63  GLN B O   1 
ATOM   475  C CB  . GLN A 1 57  ? 3.844   7.874   9.228   1.00 17.98 ? 63  GLN B CB  1 
ATOM   476  C CG  . GLN A 1 57  ? 5.319   7.878   9.582   1.00 19.15 ? 63  GLN B CG  1 
ATOM   477  C CD  . GLN A 1 57  ? 5.915   6.487   9.628   1.00 20.16 ? 63  GLN B CD  1 
ATOM   478  O OE1 . GLN A 1 57  ? 5.559   5.632   8.818   1.00 18.60 ? 63  GLN B OE1 1 
ATOM   479  N NE2 . GLN A 1 57  ? 6.844   6.239   10.529  1.00 22.68 ? 63  GLN B NE2 1 
ATOM   480  N N   . ARG A 1 58  ? 0.891   8.724   10.612  1.00 17.69 ? 64  ARG B N   1 
ATOM   481  C CA  . ARG A 1 58  ? -0.436  9.256   10.330  1.00 18.40 ? 64  ARG B CA  1 
ATOM   482  C C   . ARG A 1 58  ? -0.295  10.641  9.691   1.00 16.30 ? 64  ARG B C   1 
ATOM   483  O O   . ARG A 1 58  ? 0.527   11.456  10.170  1.00 19.93 ? 64  ARG B O   1 
ATOM   484  C CB  . ARG A 1 58  ? -1.247  9.452   11.623  1.00 21.97 ? 64  ARG B CB  1 
ATOM   485  C CG  . ARG A 1 58  ? -1.835  8.196   12.269  1.00 31.78 ? 64  ARG B CG  1 
ATOM   486  C CD  . ARG A 1 58  ? -0.808  7.081   12.373  1.00 34.50 ? 64  ARG B CD  1 
ATOM   487  N NE  . ARG A 1 58  ? -0.728  6.050   13.413  1.00 39.24 ? 64  ARG B NE  1 
ATOM   488  C CZ  . ARG A 1 58  ? -1.640  5.704   14.311  1.00 37.31 ? 64  ARG B CZ  1 
ATOM   489  N NH1 . ARG A 1 58  ? -1.355  4.718   15.145  1.00 43.08 ? 64  ARG B NH1 1 
ATOM   490  N NH2 . ARG A 1 58  ? -2.805  6.307   14.391  1.00 35.56 ? 64  ARG B NH2 1 
ATOM   491  N N   . PHE A 1 59  ? -1.030  10.894  8.638   1.00 15.80 ? 65  PHE B N   1 
ATOM   492  C CA  . PHE A 1 59  ? -0.957  12.185  7.905   1.00 16.42 ? 65  PHE B CA  1 
ATOM   493  C C   . PHE A 1 59  ? -2.333  12.815  7.878   1.00 15.00 ? 65  PHE B C   1 
ATOM   494  O O   . PHE A 1 59  ? -3.316  12.189  7.493   1.00 14.45 ? 65  PHE B O   1 
ATOM   495  C CB  . PHE A 1 59  ? -0.484  11.904  6.460   1.00 17.54 ? 65  PHE B CB  1 
ATOM   496  C CG  . PHE A 1 59  ? 0.870   11.229  6.383   1.00 19.35 ? 65  PHE B CG  1 
ATOM   497  C CD1 . PHE A 1 59  ? 1.951   11.778  7.060   1.00 22.70 ? 65  PHE B CD1 1 
ATOM   498  C CD2 . PHE A 1 59  ? 1.071   10.042  5.714   1.00 26.21 ? 65  PHE B CD2 1 
ATOM   499  C CE1 . PHE A 1 59  ? 3.223   11.226  7.018   1.00 24.83 ? 65  PHE B CE1 1 
ATOM   500  C CE2 . PHE A 1 59  ? 2.353   9.488   5.656   1.00 21.56 ? 65  PHE B CE2 1 
ATOM   501  C CZ  . PHE A 1 59  ? 3.404   10.056  6.331   1.00 24.35 ? 65  PHE B CZ  1 
ATOM   502  N N   A SER A 1 60  ? -2.422  14.090  8.283   0.25 15.28 ? 66  SER B N   1 
ATOM   503  N N   B SER A 1 60  ? -2.423  14.086  8.295   0.25 15.41 ? 66  SER B N   1 
ATOM   504  C CA  A SER A 1 60  ? -3.694  14.860  8.293   0.25 16.29 ? 66  SER B CA  1 
ATOM   505  C CA  B SER A 1 60  ? -3.683  14.879  8.272   0.25 16.56 ? 66  SER B CA  1 
ATOM   506  C C   A SER A 1 60  ? -3.561  16.187  7.517   0.25 15.87 ? 66  SER B C   1 
ATOM   507  C C   B SER A 1 60  ? -3.478  16.238  7.603   0.25 16.24 ? 66  SER B C   1 
ATOM   508  O O   A SER A 1 60  ? -4.582  16.881  7.347   0.25 15.53 ? 66  SER B O   1 
ATOM   509  O O   B SER A 1 60  ? -4.297  17.122  7.837   0.25 14.48 ? 66  SER B O   1 
ATOM   510  C CB  A SER A 1 60  ? -4.179  15.056  9.716   0.25 16.55 ? 66  SER B CB  1 
ATOM   511  C CB  B SER A 1 60  ? -4.193  15.111  9.649   0.25 16.77 ? 66  SER B CB  1 
ATOM   512  O OG  A SER A 1 60  ? -4.700  13.821  10.247  0.25 17.26 ? 66  SER B OG  1 
ATOM   513  O OG  B SER A 1 60  ? -3.174  15.686  10.431  0.25 18.12 ? 66  SER B OG  1 
ATOM   514  N N   A SER A 1 61  ? -2.369  16.495  6.998   0.25 15.19 ? 67  SER B N   1 
ATOM   515  N N   B SER A 1 61  ? -2.407  16.413  6.843   0.25 16.62 ? 67  SER B N   1 
ATOM   516  C CA  A SER A 1 61  ? -2.094  17.722  6.210   0.25 15.98 ? 67  SER B CA  1 
ATOM   517  C CA  B SER A 1 61  ? -2.082  17.699  6.196   0.25 18.05 ? 67  SER B CA  1 
ATOM   518  C C   A SER A 1 61  ? -0.884  17.507  5.296   0.25 16.77 ? 67  SER B C   1 
ATOM   519  C C   B SER A 1 61  ? -0.822  17.550  5.347   0.25 17.90 ? 67  SER B C   1 
ATOM   520  O O   A SER A 1 61  ? -0.173  16.509  5.487   0.25 16.38 ? 67  SER B O   1 
ATOM   521  O O   B SER A 1 61  ? -0.004  16.657  5.648   0.25 17.23 ? 67  SER B O   1 
ATOM   522  C CB  A SER A 1 61  ? -1.840  18.882  7.149   0.25 15.91 ? 67  SER B CB  1 
ATOM   523  C CB  B SER A 1 61  ? -1.890  18.754  7.257   0.25 19.32 ? 67  SER B CB  1 
ATOM   524  O OG  A SER A 1 61  ? -0.591  18.736  7.800   0.25 15.94 ? 67  SER B OG  1 
ATOM   525  O OG  B SER A 1 61  ? -1.616  20.002  6.654   0.25 22.94 ? 67  SER B OG  1 
ATOM   526  N N   . GLY A 1 62  ? -0.654  18.431  4.363   1.00 17.74 ? 68  GLY B N   1 
ATOM   527  C CA  . GLY A 1 62  ? 0.623   18.494  3.631   1.00 19.53 ? 68  GLY B CA  1 
ATOM   528  C C   . GLY A 1 62  ? 0.741   17.496  2.485   1.00 15.86 ? 68  GLY B C   1 
ATOM   529  O O   . GLY A 1 62  ? -0.259  16.884  2.070   1.00 17.39 ? 68  GLY B O   1 
ATOM   530  N N   . LYS A 1 63  ? 1.949   17.491  1.977   1.00 15.83 ? 69  LYS B N   1 
ATOM   531  C CA  . LYS A 1 63  ? 2.349   16.681  0.827   1.00 16.55 ? 69  LYS B CA  1 
ATOM   532  C C   . LYS A 1 63  ? 3.346   15.663  1.365   1.00 16.16 ? 69  LYS B C   1 
ATOM   533  O O   . LYS A 1 63  ? 4.329   16.018  2.028   1.00 17.82 ? 69  LYS B O   1 
ATOM   534  C CB  . LYS A 1 63  ? 2.904   17.590  -0.260  1.00 18.26 ? 69  LYS B CB  1 
ATOM   535  C CG  . LYS A 1 63  ? 1.904   18.546  -0.900  1.00 18.50 ? 69  LYS B CG  1 
ATOM   536  C CD  . LYS A 1 63  ? 2.567   19.548  -1.916  1.00 20.42 ? 69  LYS B CD  1 
ATOM   537  C CE  . LYS A 1 63  ? 1.567   20.470  -2.578  1.00 23.71 ? 69  LYS B CE  1 
ATOM   538  N NZ  . LYS A 1 63  ? 2.233   21.312  -3.592  1.00 26.30 ? 69  LYS B NZ  1 
ATOM   539  N N   . MET A 1 64  ? 3.195   14.416  0.956   1.00 14.94 ? 70  MET B N   1 
ATOM   540  C CA  . MET A 1 64  ? 4.021   13.262  1.381   1.00 14.95 ? 70  MET B CA  1 
ATOM   541  C C   . MET A 1 64  ? 4.346   12.385  0.180   1.00 13.99 ? 70  MET B C   1 
ATOM   542  O O   . MET A 1 64  ? 3.508   12.187  -0.686  1.00 14.99 ? 70  MET B O   1 
ATOM   543  C CB  . MET A 1 64  ? 3.273   12.367  2.348   1.00 15.11 ? 70  MET B CB  1 
ATOM   544  C CG  . MET A 1 64  ? 3.060   12.929  3.740   1.00 15.98 ? 70  MET B CG  1 
ATOM   545  S SD  . MET A 1 64  ? 1.921   14.345  3.981   1.00 19.04 ? 70  MET B SD  1 
ATOM   546  C CE  . MET A 1 64  ? 0.414   13.787  3.241   1.00 17.23 ? 70  MET B CE  1 
ATOM   547  N N   . TYR A 1 65  ? 5.525   11.821  0.146   1.00 14.05 ? 71  TYR B N   1 
ATOM   548  C CA  . TYR A 1 65  ? 5.961   10.951  -0.972  1.00 14.57 ? 71  TYR B CA  1 
ATOM   549  C C   . TYR A 1 65  ? 6.763   9.811   -0.370  1.00 15.21 ? 71  TYR B C   1 
ATOM   550  O O   . TYR A 1 65  ? 7.667   10.034  0.498   1.00 15.22 ? 71  TYR B O   1 
ATOM   551  C CB  . TYR A 1 65  ? 6.769   11.741  -1.998  1.00 16.01 ? 71  TYR B CB  1 
ATOM   552  C CG  . TYR A 1 65  ? 7.313   10.948  -3.147  1.00 14.81 ? 71  TYR B CG  1 
ATOM   553  C CD1 . TYR A 1 65  ? 6.485   10.552  -4.186  1.00 14.61 ? 71  TYR B CD1 1 
ATOM   554  C CD2 . TYR A 1 65  ? 8.630   10.463  -3.138  1.00 16.05 ? 71  TYR B CD2 1 
ATOM   555  C CE1 . TYR A 1 65  ? 6.970   9.809   -5.259  1.00 16.47 ? 71  TYR B CE1 1 
ATOM   556  C CE2 . TYR A 1 65  ? 9.106   9.668   -4.181  1.00 14.80 ? 71  TYR B CE2 1 
ATOM   557  C CZ  . TYR A 1 65  ? 8.287   9.358   -5.240  1.00 15.47 ? 71  TYR B CZ  1 
ATOM   558  O OH  . TYR A 1 65  ? 8.741   8.577   -6.268  1.00 17.22 ? 71  TYR B OH  1 
ATOM   559  N N   . TRP A 1 66  ? 6.572   8.583   -0.849  1.00 12.88 ? 72  TRP B N   1 
ATOM   560  C CA  . TRP A 1 66  ? 7.470   7.452   -0.508  1.00 13.26 ? 72  TRP B CA  1 
ATOM   561  C C   . TRP A 1 66  ? 7.502   6.483   -1.705  1.00 13.80 ? 72  TRP B C   1 
ATOM   562  O O   . TRP A 1 66  ? 6.655   6.537   -2.613  1.00 13.85 ? 72  TRP B O   1 
ATOM   563  C CB  . TRP A 1 66  ? 7.089   6.763   0.819   1.00 12.73 ? 72  TRP B CB  1 
ATOM   564  C CG  . TRP A 1 66  ? 5.712   6.177   0.879   1.00 12.85 ? 72  TRP B CG  1 
ATOM   565  C CD1 . TRP A 1 66  ? 5.388   4.852   0.686   1.00 12.43 ? 72  TRP B CD1 1 
ATOM   566  C CD2 . TRP A 1 66  ? 4.486   6.820   1.202   1.00 13.47 ? 72  TRP B CD2 1 
ATOM   567  N NE1 . TRP A 1 66  ? 4.035   4.652   0.864   1.00 12.46 ? 72  TRP B NE1 1 
ATOM   568  C CE2 . TRP A 1 66  ? 3.463   5.862   1.160   1.00 13.47 ? 72  TRP B CE2 1 
ATOM   569  C CE3 . TRP A 1 66  ? 4.135   8.140   1.498   1.00 15.50 ? 72  TRP B CE3 1 
ATOM   570  C CZ2 . TRP A 1 66  ? 2.138   6.140   1.415   1.00 14.05 ? 72  TRP B CZ2 1 
ATOM   571  C CZ3 . TRP A 1 66  ? 2.822   8.433   1.787   1.00 17.01 ? 72  TRP B CZ3 1 
ATOM   572  C CH2 . TRP A 1 66  ? 1.825   7.458   1.700   1.00 15.49 ? 72  TRP B CH2 1 
ATOM   573  N N   . GLU A 1 67  ? 8.420   5.513   -1.648  1.00 13.54 ? 73  GLU B N   1 
ATOM   574  C CA  . GLU A 1 67  ? 8.664   4.517   -2.713  1.00 12.67 ? 73  GLU B CA  1 
ATOM   575  C C   . GLU A 1 67  ? 8.697   3.118   -2.129  1.00 12.65 ? 73  GLU B C   1 
ATOM   576  O O   . GLU A 1 67  ? 9.177   2.935   -1.008  1.00 13.59 ? 73  GLU B O   1 
ATOM   577  C CB  . GLU A 1 67  ? 9.959   4.827   -3.467  1.00 13.93 ? 73  GLU B CB  1 
ATOM   578  C CG  . GLU A 1 67  ? 9.823   6.106   -4.310  1.00 16.21 ? 73  GLU B CG  1 
ATOM   579  C CD  . GLU A 1 67  ? 11.064  6.489   -5.089  1.00 21.01 ? 73  GLU B CD  1 
ATOM   580  O OE1 . GLU A 1 67  ? 12.098  5.775   -4.932  1.00 25.47 ? 73  GLU B OE1 1 
ATOM   581  O OE2 . GLU A 1 67  ? 10.987  7.485   -5.910  1.00 19.86 ? 73  GLU B OE2 1 
ATOM   582  N N   . VAL A 1 68  ? 8.160   2.182   -2.891  1.00 12.88 ? 74  VAL B N   1 
ATOM   583  C CA  . VAL A 1 68  ? 8.062   0.772   -2.464  1.00 12.44 ? 74  VAL B CA  1 
ATOM   584  C C   . VAL A 1 68  ? 8.615   -0.109  -3.581  1.00 12.62 ? 74  VAL B C   1 
ATOM   585  O O   . VAL A 1 68  ? 8.208   0.014   -4.743  1.00 13.66 ? 74  VAL B O   1 
ATOM   586  C CB  . VAL A 1 68  ? 6.617   0.350   -2.134  1.00 12.59 ? 74  VAL B CB  1 
ATOM   587  C CG1 . VAL A 1 68  ? 6.622   -1.074  -1.587  1.00 13.88 ? 74  VAL B CG1 1 
ATOM   588  C CG2 . VAL A 1 68  ? 5.928   1.348   -1.194  1.00 13.94 ? 74  VAL B CG2 1 
ATOM   589  N N   . ASP A 1 69  ? 9.472   -1.063  -3.204  1.00 13.36 ? 75  ASP B N   1 
ATOM   590  C CA  . ASP A 1 69  ? 10.047  -2.083  -4.108  1.00 15.04 ? 75  ASP B CA  1 
ATOM   591  C C   . ASP A 1 69  ? 9.100   -3.268  -4.176  1.00 13.27 ? 75  ASP B C   1 
ATOM   592  O O   . ASP A 1 69  ? 8.720   -3.811  -3.072  1.00 13.91 ? 75  ASP B O   1 
ATOM   593  C CB  . ASP A 1 69  ? 11.461  -2.490  -3.660  1.00 16.58 ? 75  ASP B CB  1 
ATOM   594  C CG  . ASP A 1 69  ? 12.210  -3.265  -4.741  1.00 18.57 ? 75  ASP B CG  1 
ATOM   595  O OD1 . ASP A 1 69  ? 11.749  -4.307  -5.134  1.00 17.35 ? 75  ASP B OD1 1 
ATOM   596  O OD2 . ASP A 1 69  ? 13.186  -2.706  -5.317  1.00 24.81 ? 75  ASP B OD2 1 
ATOM   597  N N   . VAL A 1 70  ? 8.661   -3.642  -5.382  1.00 13.19 ? 76  VAL B N   1 
ATOM   598  C CA  . VAL A 1 70  ? 7.760   -4.797  -5.659  1.00 13.94 ? 76  VAL B CA  1 
ATOM   599  C C   . VAL A 1 70  ? 8.430   -5.874  -6.540  1.00 14.22 ? 76  VAL B C   1 
ATOM   600  O O   . VAL A 1 70  ? 7.753   -6.676  -7.131  1.00 14.51 ? 76  VAL B O   1 
ATOM   601  C CB  . VAL A 1 70  ? 6.433   -4.281  -6.273  1.00 12.96 ? 76  VAL B CB  1 
ATOM   602  C CG1 . VAL A 1 70  ? 5.705   -3.305  -5.318  1.00 13.05 ? 76  VAL B CG1 1 
ATOM   603  C CG2 . VAL A 1 70  ? 6.610   -3.609  -7.622  1.00 14.34 ? 76  VAL B CG2 1 
ATOM   604  N N   . THR A 1 71  ? 9.745   -5.800  -6.676  1.00 14.29 ? 77  THR B N   1 
ATOM   605  C CA  . THR A 1 71  ? 10.533  -6.735  -7.528  1.00 15.43 ? 77  THR B CA  1 
ATOM   606  C C   . THR A 1 71  ? 10.068  -8.175  -7.316  1.00 16.04 ? 77  THR B C   1 
ATOM   607  O O   . THR A 1 71  ? 9.981   -8.677  -6.160  1.00 15.56 ? 77  THR B O   1 
ATOM   608  C CB  . THR A 1 71  ? 12.027  -6.627  -7.233  1.00 16.66 ? 77  THR B CB  1 
ATOM   609  O OG1 . THR A 1 71  ? 12.487  -5.300  -7.527  1.00 19.41 ? 77  THR B OG1 1 
ATOM   610  C CG2 . THR A 1 71  ? 12.754  -7.649  -8.078  1.00 20.33 ? 77  THR B CG2 1 
ATOM   611  N N   . GLN A 1 72  ? 9.782   -8.805  -8.451  1.00 18.66 ? 78  GLN B N   1 
ATOM   612  C CA  . GLN A 1 72  ? 9.447   -10.246 -8.674  1.00 22.70 ? 78  GLN B CA  1 
ATOM   613  C C   . GLN A 1 72  ? 8.235   -10.700 -7.869  1.00 21.84 ? 78  GLN B C   1 
ATOM   614  O O   . GLN A 1 72  ? 7.990   -11.920 -7.774  1.00 27.22 ? 78  GLN B O   1 
ATOM   615  C CB  . GLN A 1 72  ? 10.688  -11.105 -8.481  1.00 29.70 ? 78  GLN B CB  1 
ATOM   616  C CG  . GLN A 1 72  ? 11.166  -11.210 -7.045  1.00 34.91 ? 78  GLN B CG  1 
ATOM   617  C CD  . GLN A 1 72  ? 11.304  -12.642 -6.589  1.00 36.66 ? 78  GLN B CD  1 
ATOM   618  O OE1 . GLN A 1 72  ? 12.088  -12.943 -5.684  1.00 35.87 ? 78  GLN B OE1 1 
ATOM   619  N NE2 . GLN A 1 72  ? 10.481  -13.511 -7.168  1.00 39.23 ? 78  GLN B NE2 1 
ATOM   620  N N   . LYS A 1 73  ? 7.371   -9.805  -7.427  1.00 15.72 ? 79  LYS B N   1 
ATOM   621  C CA  . LYS A 1 73  ? 6.058   -10.219 -6.922  1.00 14.14 ? 79  LYS B CA  1 
ATOM   622  C C   . LYS A 1 73  ? 5.017   -10.423 -8.021  1.00 13.61 ? 79  LYS B C   1 
ATOM   623  O O   . LYS A 1 73  ? 4.987   -9.658  -9.045  1.00 15.79 ? 79  LYS B O   1 
ATOM   624  C CB  . LYS A 1 73  ? 5.585   -9.187  -5.892  1.00 15.31 ? 79  LYS B CB  1 
ATOM   625  C CG  . LYS A 1 73  ? 6.477   -9.195  -4.636  1.00 14.71 ? 79  LYS B CG  1 
ATOM   626  C CD  . LYS A 1 73  ? 5.951   -8.387  -3.462  1.00 15.04 ? 79  LYS B CD  1 
ATOM   627  C CE  . LYS A 1 73  ? 4.666   -8.926  -2.867  1.00 13.66 ? 79  LYS B CE  1 
ATOM   628  N NZ  . LYS A 1 73  ? 4.765   -10.354 -2.434  1.00 12.59 ? 79  LYS B NZ  1 
ATOM   629  N N   . GLU A 1 74  ? 4.134   -11.357 -7.800  1.00 12.74 ? 80  GLU B N   1 
ATOM   630  C CA  . GLU A 1 74  ? 2.998   -11.642 -8.687  1.00 12.39 ? 80  GLU B CA  1 
ATOM   631  C C   . GLU A 1 74  ? 1.721   -10.923 -8.254  1.00 13.16 ? 80  GLU B C   1 
ATOM   632  O O   . GLU A 1 74  ? 0.770   -10.874 -9.020  1.00 13.74 ? 80  GLU B O   1 
ATOM   633  C CB  . GLU A 1 74  ? 2.680   -13.157 -8.685  1.00 13.44 ? 80  GLU B CB  1 
ATOM   634  C CG  . GLU A 1 74  ? 3.800   -14.039 -9.199  1.00 16.54 ? 80  GLU B CG  1 
ATOM   635  C CD  . GLU A 1 74  ? 3.464   -15.532 -9.062  1.00 16.06 ? 80  GLU B CD  1 
ATOM   636  O OE1 . GLU A 1 74  ? 4.145   -16.304 -9.714  1.00 20.73 ? 80  GLU B OE1 1 
ATOM   637  O OE2 . GLU A 1 74  ? 2.494   -15.890 -8.317  1.00 18.31 ? 80  GLU B OE2 1 
ATOM   638  N N   . ALA A 1 75  ? 1.620   -10.516 -6.989  1.00 12.50 ? 81  ALA B N   1 
ATOM   639  C CA  . ALA A 1 75  ? 0.380   -9.920  -6.456  1.00 12.21 ? 81  ALA B CA  1 
ATOM   640  C C   . ALA A 1 75  ? 0.764   -9.019  -5.285  1.00 13.44 ? 81  ALA B C   1 
ATOM   641  O O   . ALA A 1 75  ? 1.634   -9.376  -4.466  1.00 12.40 ? 81  ALA B O   1 
ATOM   642  C CB  . ALA A 1 75  ? -0.630  -10.942 -6.001  1.00 13.45 ? 81  ALA B CB  1 
ATOM   643  N N   . TRP A 1 76  ? 0.099   -7.867  -5.187  1.00 12.05 ? 82  TRP B N   1 
ATOM   644  C CA  . TRP A 1 76  ? 0.277   -6.878  -4.070  1.00 11.63 ? 82  TRP B CA  1 
ATOM   645  C C   . TRP A 1 76  ? -0.751  -5.781  -4.249  1.00 12.64 ? 82  TRP B C   1 
ATOM   646  O O   . TRP A 1 76  ? -1.298  -5.612  -5.338  1.00 12.34 ? 82  TRP B O   1 
ATOM   647  C CB  . TRP A 1 76  ? 1.694   -6.296  -4.069  1.00 12.33 ? 82  TRP B CB  1 
ATOM   648  C CG  . TRP A 1 76  ? 2.184   -5.772  -5.373  1.00 11.76 ? 82  TRP B CG  1 
ATOM   649  C CD1 . TRP A 1 76  ? 3.009   -6.405  -6.238  1.00 13.43 ? 82  TRP B CD1 1 
ATOM   650  C CD2 . TRP A 1 76  ? 1.893   -4.524  -6.044  1.00 12.01 ? 82  TRP B CD2 1 
ATOM   651  N NE1 . TRP A 1 76  ? 3.299   -5.678  -7.337  1.00 12.86 ? 82  TRP B NE1 1 
ATOM   652  C CE2 . TRP A 1 76  ? 2.591   -4.496  -7.260  1.00 13.73 ? 82  TRP B CE2 1 
ATOM   653  C CE3 . TRP A 1 76  ? 1.087   -3.403  -5.716  1.00 13.07 ? 82  TRP B CE3 1 
ATOM   654  C CZ2 . TRP A 1 76  ? 2.555   -3.442  -8.140  1.00 12.98 ? 82  TRP B CZ2 1 
ATOM   655  C CZ3 . TRP A 1 76  ? 1.014   -2.354  -6.608  1.00 13.15 ? 82  TRP B CZ3 1 
ATOM   656  C CH2 . TRP A 1 76  ? 1.757   -2.381  -7.800  1.00 14.08 ? 82  TRP B CH2 1 
ATOM   657  N N   . ASP A 1 77  ? -1.049  -5.113  -3.155  1.00 11.64 ? 83  ASP B N   1 
ATOM   658  C CA  . ASP A 1 77  ? -1.822  -3.838  -3.164  1.00 12.00 ? 83  ASP B CA  1 
ATOM   659  C C   . ASP A 1 77  ? -0.973  -2.772  -2.476  1.00 11.46 ? 83  ASP B C   1 
ATOM   660  O O   . ASP A 1 77  ? -0.340  -3.081  -1.446  1.00 12.07 ? 83  ASP B O   1 
ATOM   661  C CB  . ASP A 1 77  ? -3.146  -3.941  -2.426  1.00 13.48 ? 83  ASP B CB  1 
ATOM   662  C CG  . ASP A 1 77  ? -4.010  -5.163  -2.635  1.00 16.52 ? 83  ASP B CG  1 
ATOM   663  O OD1 . ASP A 1 77  ? -3.978  -5.670  -3.711  1.00 19.20 ? 83  ASP B OD1 1 
ATOM   664  O OD2 . ASP A 1 77  ? -4.695  -5.581  -1.662  1.00 18.21 ? 83  ASP B OD2 1 
ATOM   665  N N   . LEU A 1 78  ? -1.028  -1.519  -2.923  1.00 10.75 ? 84  LEU B N   1 
ATOM   666  C CA  . LEU A 1 78  ? -0.290  -0.394  -2.321  1.00 10.91 ? 84  LEU B CA  1 
ATOM   667  C C   . LEU A 1 78  ? -1.170  0.849   -2.367  1.00 10.84 ? 84  LEU B C   1 
ATOM   668  O O   . LEU A 1 78  ? -1.874  1.097   -3.355  1.00 10.87 ? 84  LEU B O   1 
ATOM   669  C CB  . LEU A 1 78  ? 1.005   -0.101  -3.058  1.00 11.61 ? 84  LEU B CB  1 
ATOM   670  C CG  . LEU A 1 78  ? 2.133   -1.116  -2.949  1.00 12.79 ? 84  LEU B CG  1 
ATOM   671  C CD1 . LEU A 1 78  ? 3.282   -0.719  -3.884  1.00 13.41 ? 84  LEU B CD1 1 
ATOM   672  C CD2 . LEU A 1 78  ? 2.598   -1.202  -1.508  1.00 13.27 ? 84  LEU B CD2 1 
ATOM   673  N N   . GLY A 1 79  ? -1.022  1.670   -1.322  1.00 10.00 ? 85  GLY B N   1 
ATOM   674  C CA  . GLY A 1 79  ? -1.519  3.061   -1.377  1.00 10.55 ? 85  GLY B CA  1 
ATOM   675  C C   . GLY A 1 79  ? -1.614  3.628   0.009   1.00 10.05 ? 85  GLY B C   1 
ATOM   676  O O   . GLY A 1 79  ? -0.668  3.555   0.785   1.00 10.64 ? 85  GLY B O   1 
ATOM   677  N N   A VAL A 1 80  ? -2.766  4.248   0.280   0.25 9.91  ? 86  VAL B N   1 
ATOM   678  N N   B VAL A 1 80  ? -2.763  4.213   0.317   0.25 10.97 ? 86  VAL B N   1 
ATOM   679  C CA  A VAL A 1 80  ? -3.116  4.838   1.602   0.25 9.96  ? 86  VAL B CA  1 
ATOM   680  C CA  B VAL A 1 80  ? -3.003  4.894   1.616   0.25 11.74 ? 86  VAL B CA  1 
ATOM   681  C C   A VAL A 1 80  ? -4.531  4.437   2.001   0.25 10.09 ? 86  VAL B C   1 
ATOM   682  C C   B VAL A 1 80  ? -4.461  4.602   1.997   0.25 11.22 ? 86  VAL B C   1 
ATOM   683  O O   A VAL A 1 80  ? -5.393  4.081   1.149   0.25 10.79 ? 86  VAL B O   1 
ATOM   684  O O   B VAL A 1 80  ? -5.272  4.424   1.087   0.25 12.16 ? 86  VAL B O   1 
ATOM   685  C CB  A VAL A 1 80  ? -2.998  6.374   1.641   0.25 9.92  ? 86  VAL B CB  1 
ATOM   686  C CB  B VAL A 1 80  ? -2.683  6.399   1.485   0.25 13.35 ? 86  VAL B CB  1 
ATOM   687  C CG1 A VAL A 1 80  ? -1.540  6.756   1.600   0.25 9.40  ? 86  VAL B CG1 1 
ATOM   688  C CG1 B VAL A 1 80  ? -3.760  7.126   0.688   0.25 13.26 ? 86  VAL B CG1 1 
ATOM   689  C CG2 A VAL A 1 80  ? -3.766  7.038   0.502   0.25 9.59  ? 86  VAL B CG2 1 
ATOM   690  C CG2 B VAL A 1 80  ? -2.444  7.055   2.828   0.25 14.46 ? 86  VAL B CG2 1 
ATOM   691  N N   . CYS A 1 81  ? -4.788  4.550   3.295   1.00 11.36 ? 87  CYS B N   1 
ATOM   692  C CA  . CYS A 1 81  ? -6.150  4.326   3.762   1.00 11.39 ? 87  CYS B CA  1 
ATOM   693  C C   . CYS A 1 81  ? -6.435  5.200   4.982   1.00 11.32 ? 87  CYS B C   1 
ATOM   694  O O   . CYS A 1 81  ? -5.502  5.673   5.664   1.00 11.47 ? 87  CYS B O   1 
ATOM   695  C CB  . CYS A 1 81  ? -6.390  2.855   4.098   1.00 12.90 ? 87  CYS B CB  1 
ATOM   696  S SG  . CYS A 1 81  ? -5.395  2.200   5.463   1.00 13.31 ? 87  CYS B SG  1 
ATOM   697  N N   A ARG A 1 82  ? -7.709  5.335   5.281   0.25 11.84 ? 88  ARG B N   1 
ATOM   698  N N   B ARG A 1 82  ? -7.714  5.355   5.277   0.25 11.77 ? 88  ARG B N   1 
ATOM   699  C CA  A ARG A 1 82  ? -8.115  5.981   6.553   0.25 12.58 ? 88  ARG B CA  1 
ATOM   700  C CA  B ARG A 1 82  ? -8.161  6.066   6.508   0.25 12.38 ? 88  ARG B CA  1 
ATOM   701  C C   A ARG A 1 82  ? -7.568  5.197   7.743   0.25 12.29 ? 88  ARG B C   1 
ATOM   702  C C   B ARG A 1 82  ? -7.770  5.233   7.752   0.25 12.44 ? 88  ARG B C   1 
ATOM   703  O O   A ARG A 1 82  ? -7.457  3.971   7.708   0.25 11.58 ? 88  ARG B O   1 
ATOM   704  O O   B ARG A 1 82  ? -7.943  3.974   7.717   0.25 12.46 ? 88  ARG B O   1 
ATOM   705  C CB  A ARG A 1 82  ? -9.631  6.008   6.667   0.25 13.40 ? 88  ARG B CB  1 
ATOM   706  C CB  B ARG A 1 82  ? -9.672  6.298   6.397   0.25 13.02 ? 88  ARG B CB  1 
ATOM   707  C CG  A ARG A 1 82  ? -10.251 6.799   5.537   0.25 14.19 ? 88  ARG B CG  1 
ATOM   708  C CG  B ARG A 1 82  ? -10.230 7.293   7.405   0.25 13.28 ? 88  ARG B CG  1 
ATOM   709  C CD  A ARG A 1 82  ? -11.686 7.160   5.834   0.25 15.97 ? 88  ARG B CD  1 
ATOM   710  C CD  B ARG A 1 82  ? -11.736 7.409   7.369   0.25 13.51 ? 88  ARG B CD  1 
ATOM   711  N NE  A ARG A 1 82  ? -12.298 7.812   4.676   0.25 14.89 ? 88  ARG B NE  1 
ATOM   712  N NE  B ARG A 1 82  ? -12.200 7.811   6.071   0.25 13.75 ? 88  ARG B NE  1 
ATOM   713  C CZ  A ARG A 1 82  ? -13.438 7.436   4.119   0.25 15.15 ? 88  ARG B CZ  1 
ATOM   714  C CZ  B ARG A 1 82  ? -13.044 7.117   5.297   0.25 13.16 ? 88  ARG B CZ  1 
ATOM   715  N NH1 A ARG A 1 82  ? -14.117 6.408   4.601   0.25 14.47 ? 88  ARG B NH1 1 
ATOM   716  N NH1 B ARG A 1 82  ? -13.616 6.016   5.732   0.25 15.10 ? 88  ARG B NH1 1 
ATOM   717  N NH2 A ARG A 1 82  ? -13.903 8.113   3.088   0.25 16.87 ? 88  ARG B NH2 1 
ATOM   718  N NH2 B ARG A 1 82  ? -13.346 7.576   4.097   0.25 13.02 ? 88  ARG B NH2 1 
ATOM   719  N N   . ASP A 1 83  ? -7.305  5.885   8.836   1.00 13.60 ? 89  ASP B N   1 
ATOM   720  C CA  . ASP A 1 83  ? -6.909  5.156   10.062  1.00 14.87 ? 89  ASP B CA  1 
ATOM   721  C C   . ASP A 1 83  ? -8.082  4.306   10.545  1.00 16.46 ? 89  ASP B C   1 
ATOM   722  O O   . ASP A 1 83  ? -7.792  3.326   11.267  1.00 19.04 ? 89  ASP B O   1 
ATOM   723  C CB  . ASP A 1 83  ? -6.479  6.171   11.125  1.00 16.90 ? 89  ASP B CB  1 
ATOM   724  C CG  . ASP A 1 83  ? -7.508  7.160   11.595  1.00 20.77 ? 89  ASP B CG  1 
ATOM   725  O OD1 . ASP A 1 83  ? -8.650  7.213   11.027  1.00 24.58 ? 89  ASP B OD1 1 
ATOM   726  O OD2 . ASP A 1 83  ? -7.179  7.846   12.598  1.00 23.85 ? 89  ASP B OD2 1 
ATOM   727  N N   . SER A 1 84  ? -9.332  4.618   10.233  1.00 14.52 ? 90  SER B N   1 
ATOM   728  C CA  . SER A 1 84  ? -10.541 3.950   10.756  1.00 16.80 ? 90  SER B CA  1 
ATOM   729  C C   . SER A 1 84  ? -11.041 2.787   9.866   1.00 14.80 ? 90  SER B C   1 
ATOM   730  O O   . SER A 1 84  ? -12.154 2.330   10.061  1.00 16.55 ? 90  SER B O   1 
ATOM   731  C CB  . SER A 1 84  ? -11.624 5.013   10.975  1.00 17.99 ? 90  SER B CB  1 
ATOM   732  O OG  . SER A 1 84  ? -11.888 5.684   9.817   1.00 20.36 ? 90  SER B OG  1 
ATOM   733  N N   . VAL A 1 85  ? -10.288 2.392   8.830   1.00 13.89 ? 91  VAL B N   1 
ATOM   734  C CA  . VAL A 1 85  ? -10.771 1.278   7.969   1.00 14.08 ? 91  VAL B CA  1 
ATOM   735  C C   . VAL A 1 85  ? -11.037 0.000   8.801   1.00 13.77 ? 91  VAL B C   1 
ATOM   736  O O   . VAL A 1 85  ? -10.325 -0.290  9.801   1.00 14.72 ? 91  VAL B O   1 
ATOM   737  C CB  . VAL A 1 85  ? -9.820  0.933   6.790   1.00 14.07 ? 91  VAL B CB  1 
ATOM   738  C CG1 . VAL A 1 85  ? -9.764  2.077   5.796   1.00 13.49 ? 91  VAL B CG1 1 
ATOM   739  C CG2 . VAL A 1 85  ? -8.455  0.475   7.201   1.00 13.86 ? 91  VAL B CG2 1 
ATOM   740  N N   . GLN A 1 86  ? -12.031 -0.731  8.326   1.00 15.49 ? 92  GLN B N   1 
ATOM   741  C CA  . GLN A 1 86  ? -12.350 -2.101  8.850   1.00 16.78 ? 92  GLN B CA  1 
ATOM   742  C C   . GLN A 1 86  ? -11.099 -2.997  8.808   1.00 15.58 ? 92  GLN B C   1 
ATOM   743  O O   . GLN A 1 86  ? -10.375 -2.986  7.822   1.00 16.24 ? 92  GLN B O   1 
ATOM   744  C CB  . GLN A 1 86  ? -13.477 -2.652  7.989   1.00 18.71 ? 92  GLN B CB  1 
ATOM   745  C CG  . GLN A 1 86  ? -13.887 -4.109  8.203   1.00 22.91 ? 92  GLN B CG  1 
ATOM   746  C CD  . GLN A 1 86  ? -14.896 -4.577  7.161   1.00 25.35 ? 92  GLN B CD  1 
ATOM   747  O OE1 . GLN A 1 86  ? -15.480 -3.793  6.378   1.00 28.48 ? 92  GLN B OE1 1 
ATOM   748  N NE2 . GLN A 1 86  ? -15.094 -5.887  7.047   1.00 26.77 ? 92  GLN B NE2 1 
ATOM   749  N N   . ARG A 1 87  ? -10.881 -3.777  9.864   1.00 14.91 ? 93  ARG B N   1 
ATOM   750  C CA  . ARG A 1 87  ? -9.722  -4.704  10.007  1.00 14.53 ? 93  ARG B CA  1 
ATOM   751  C C   . ARG A 1 87  ? -10.174 -6.151  9.879   1.00 15.90 ? 93  ARG B C   1 
ATOM   752  O O   . ARG A 1 87  ? -9.362  -6.963  9.435   1.00 15.52 ? 93  ARG B O   1 
ATOM   753  C CB  . ARG A 1 87  ? -8.977  -4.519  11.312  1.00 15.77 ? 93  ARG B CB  1 
ATOM   754  C CG  . ARG A 1 87  ? -8.588  -3.081  11.633  1.00 14.70 ? 93  ARG B CG  1 
ATOM   755  C CD  . ARG A 1 87  ? -7.714  -2.447  10.531  1.00 16.03 ? 93  ARG B CD  1 
ATOM   756  N NE  . ARG A 1 87  ? -7.544  -1.005  10.790  1.00 16.49 ? 93  ARG B NE  1 
ATOM   757  C CZ  . ARG A 1 87  ? -6.615  -0.478  11.525  1.00 16.83 ? 93  ARG B CZ  1 
ATOM   758  N NH1 . ARG A 1 87  ? -5.733  -1.229  12.130  1.00 18.60 ? 93  ARG B NH1 1 
ATOM   759  N NH2 . ARG A 1 87  ? -6.630  0.816   11.745  1.00 18.24 ? 93  ARG B NH2 1 
ATOM   760  N N   . LYS A 1 88  ? -11.408 -6.481  10.250  1.00 15.67 ? 94  LYS B N   1 
ATOM   761  C CA  . LYS A 1 88  ? -11.844 -7.895  10.371  1.00 15.35 ? 94  LYS B CA  1 
ATOM   762  C C   . LYS A 1 88  ? -12.833 -8.271  9.294   1.00 17.25 ? 94  LYS B C   1 
ATOM   763  O O   . LYS A 1 88  ? -13.706 -7.421  8.942   1.00 19.62 ? 94  LYS B O   1 
ATOM   764  C CB  . LYS A 1 88  ? -12.476 -8.122  11.745  1.00 16.70 ? 94  LYS B CB  1 
ATOM   765  C CG  . LYS A 1 88  ? -11.650 -7.646  12.910  1.00 17.94 ? 94  LYS B CG  1 
ATOM   766  C CD  . LYS A 1 88  ? -10.282 -8.301  12.994  1.00 19.94 ? 94  LYS B CD  1 
ATOM   767  C CE  . LYS A 1 88  ? -9.544  -7.895  14.233  1.00 19.68 ? 94  LYS B CE  1 
ATOM   768  N NZ  . LYS A 1 88  ? -8.165  -8.464  14.305  1.00 19.94 ? 94  LYS B NZ  1 
ATOM   769  N N   . GLY A 1 89  ? -12.777 -9.492  8.809   1.00 17.44 ? 95  GLY B N   1 
ATOM   770  C CA  . GLY A 1 89  ? -13.735 -9.930  7.806   1.00 17.96 ? 95  GLY B CA  1 
ATOM   771  C C   . GLY A 1 89  ? -13.387 -9.518  6.403   1.00 19.27 ? 95  GLY B C   1 
ATOM   772  O O   . GLY A 1 89  ? -12.228 -9.018  6.165   1.00 19.39 ? 95  GLY B O   1 
ATOM   773  N N   . GLN A 1 90  ? -14.346 -9.725  5.506   1.00 19.36 ? 96  GLN B N   1 
ATOM   774  C CA  . GLN A 1 90  ? -14.170 -9.479  4.072   1.00 22.16 ? 96  GLN B CA  1 
ATOM   775  C C   . GLN A 1 90  ? -14.572 -8.048  3.742   1.00 19.92 ? 96  GLN B C   1 
ATOM   776  O O   . GLN A 1 90  ? -15.478 -7.510  4.387   1.00 20.69 ? 96  GLN B O   1 
ATOM   777  C CB  . GLN A 1 90  ? -14.969 -10.502 3.266   1.00 26.41 ? 96  GLN B CB  1 
ATOM   778  C CG  . GLN A 1 90  ? -14.439 -11.903 3.464   1.00 32.82 ? 96  GLN B CG  1 
ATOM   779  C CD  . GLN A 1 90  ? -15.393 -12.919 2.910   1.00 42.95 ? 96  GLN B CD  1 
ATOM   780  O OE1 . GLN A 1 90  ? -15.282 -13.304 1.747   1.00 52.61 ? 96  GLN B OE1 1 
ATOM   781  N NE2 . GLN A 1 90  ? -16.361 -13.305 3.733   1.00 47.89 ? 96  GLN B NE2 1 
ATOM   782  N N   . PHE A 1 91  ? -13.835 -7.428  2.825   1.00 17.69 ? 97  PHE B N   1 
ATOM   783  C CA  . PHE A 1 91  ? -14.157 -6.077  2.305   1.00 18.60 ? 97  PHE B CA  1 
ATOM   784  C C   . PHE A 1 91  ? -13.432 -5.844  0.988   1.00 17.15 ? 97  PHE B C   1 
ATOM   785  O O   . PHE A 1 91  ? -12.439 -6.518  0.673   1.00 18.83 ? 97  PHE B O   1 
ATOM   786  C CB  . PHE A 1 91  ? -13.755 -4.991  3.309   1.00 17.00 ? 97  PHE B CB  1 
ATOM   787  C CG  . PHE A 1 91  ? -12.309 -5.043  3.729   1.00 16.15 ? 97  PHE B CG  1 
ATOM   788  C CD1 . PHE A 1 91  ? -11.352 -4.358  2.993   1.00 17.18 ? 97  PHE B CD1 1 
ATOM   789  C CD2 . PHE A 1 91  ? -11.904 -5.711  4.869   1.00 17.33 ? 97  PHE B CD2 1 
ATOM   790  C CE1 . PHE A 1 91  ? -10.027 -4.368  3.390   1.00 15.72 ? 97  PHE B CE1 1 
ATOM   791  C CE2 . PHE A 1 91  ? -10.588 -5.679  5.289   1.00 16.50 ? 97  PHE B CE2 1 
ATOM   792  C CZ  . PHE A 1 91  ? -9.650  -5.020  4.531   1.00 16.81 ? 97  PHE B CZ  1 
ATOM   793  N N   A SER A 1 92  ? -13.930 -4.910  0.179   0.25 17.87 ? 98  SER B N   1 
ATOM   794  N N   B SER A 1 92  ? -13.950 -4.886  0.219   0.25 16.84 ? 98  SER B N   1 
ATOM   795  C CA  A SER A 1 92  ? -13.263 -4.511  -1.086  0.25 18.27 ? 98  SER B CA  1 
ATOM   796  C CA  B SER A 1 92  ? -13.363 -4.418  -1.057  0.25 16.79 ? 98  SER B CA  1 
ATOM   797  C C   A SER A 1 92  ? -12.492 -3.209  -0.865  0.25 16.54 ? 98  SER B C   1 
ATOM   798  C C   B SER A 1 92  ? -12.447 -3.219  -0.781  0.25 15.55 ? 98  SER B C   1 
ATOM   799  O O   A SER A 1 92  ? -12.925 -2.338  -0.085  0.25 16.63 ? 98  SER B O   1 
ATOM   800  O O   B SER A 1 92  ? -12.710 -2.444  0.189   0.25 15.13 ? 98  SER B O   1 
ATOM   801  C CB  A SER A 1 92  ? -14.229 -4.347  -2.217  0.25 20.83 ? 98  SER B CB  1 
ATOM   802  C CB  B SER A 1 92  ? -14.443 -4.060  -2.054  0.25 17.27 ? 98  SER B CB  1 
ATOM   803  O OG  A SER A 1 92  ? -15.345 -3.599  -1.784  0.25 24.04 ? 98  SER B OG  1 
ATOM   804  O OG  B SER A 1 92  ? -15.173 -5.226  -2.443  0.25 19.00 ? 98  SER B OG  1 
ATOM   805  N N   . LEU A 1 93  ? -11.379 -3.086  -1.570  1.00 15.36 ? 99  LEU B N   1 
ATOM   806  C CA  . LEU A 1 93  ? -10.561 -1.866  -1.557  1.00 15.92 ? 99  LEU B CA  1 
ATOM   807  C C   . LEU A 1 93  ? -11.232 -0.855  -2.445  1.00 16.13 ? 99  LEU B C   1 
ATOM   808  O O   . LEU A 1 93  ? -11.169 -0.928  -3.646  1.00 18.21 ? 99  LEU B O   1 
ATOM   809  C CB  . LEU A 1 93  ? -9.151  -2.152  -2.047  1.00 16.27 ? 99  LEU B CB  1 
ATOM   810  C CG  . LEU A 1 93  ? -8.361  -3.125  -1.175  1.00 17.56 ? 99  LEU B CG  1 
ATOM   811  C CD1 . LEU A 1 93  ? -6.984  -3.406  -1.768  1.00 19.30 ? 99  LEU B CD1 1 
ATOM   812  C CD2 . LEU A 1 93  ? -8.186  -2.639  0.245   1.00 19.33 ? 99  LEU B CD2 1 
ATOM   813  N N   . SER A 1 94  ? -11.810 0.191   -1.860  1.00 15.29 ? 100 SER B N   1 
ATOM   814  C CA  . SER A 1 94  ? -12.485 1.263   -2.600  1.00 15.11 ? 100 SER B CA  1 
ATOM   815  C C   . SER A 1 94  ? -12.439 2.533   -1.773  1.00 13.85 ? 100 SER B C   1 
ATOM   816  O O   . SER A 1 94  ? -12.344 2.468   -0.539  1.00 13.42 ? 100 SER B O   1 
ATOM   817  C CB  . SER A 1 94  ? -13.952 0.964   -2.865  1.00 16.55 ? 100 SER B CB  1 
ATOM   818  O OG  . SER A 1 94  ? -14.636 0.856   -1.632  1.00 21.05 ? 100 SER B OG  1 
ATOM   819  N N   . PRO A 1 95  ? -12.556 3.687   -2.418  1.00 13.26 ? 101 PRO B N   1 
ATOM   820  C CA  . PRO A 1 95  ? -12.649 4.938   -1.685  1.00 14.58 ? 101 PRO B CA  1 
ATOM   821  C C   . PRO A 1 95  ? -13.858 4.977   -0.738  1.00 14.61 ? 101 PRO B C   1 
ATOM   822  O O   . PRO A 1 95  ? -13.693 5.505   0.389   1.00 15.11 ? 101 PRO B O   1 
ATOM   823  C CB  . PRO A 1 95  ? -12.720 6.033   -2.766  1.00 15.42 ? 101 PRO B CB  1 
ATOM   824  C CG  . PRO A 1 95  ? -12.005 5.375   -3.959  1.00 15.67 ? 101 PRO B CG  1 
ATOM   825  C CD  . PRO A 1 95  ? -12.436 3.931   -3.868  1.00 15.68 ? 101 PRO B CD  1 
ATOM   826  N N   . GLU A 1 96  ? -14.969 4.349   -1.100  1.00 15.57 ? 102 GLU B N   1 
ATOM   827  C CA  . GLU A 1 96  ? -16.140 4.301   -0.181  1.00 18.12 ? 102 GLU B CA  1 
ATOM   828  C C   . GLU A 1 96  ? -15.748 3.619   1.133   1.00 18.35 ? 102 GLU B C   1 
ATOM   829  O O   . GLU A 1 96  ? -16.295 3.948   2.209   1.00 20.04 ? 102 GLU B O   1 
ATOM   830  C CB  . GLU A 1 96  ? -17.296 3.578   -0.860  1.00 24.38 ? 102 GLU B CB  1 
ATOM   831  C CG  . GLU A 1 96  ? -17.675 4.191   -2.187  1.00 34.22 ? 102 GLU B CG  1 
ATOM   832  C CD  . GLU A 1 96  ? -17.123 3.501   -3.433  1.00 41.48 ? 102 GLU B CD  1 
ATOM   833  O OE1 . GLU A 1 96  ? -15.942 3.798   -3.851  1.00 26.60 ? 102 GLU B OE1 1 
ATOM   834  O OE2 . GLU A 1 96  ? -17.899 2.672   -4.005  1.00 47.85 ? 102 GLU B OE2 1 
ATOM   835  N N   . ASN A 1 97  ? -14.872 2.611   1.106   1.00 15.55 ? 103 ASN B N   1 
ATOM   836  C CA  . ASN A 1 97  ? -14.450 1.889   2.319   1.00 15.23 ? 103 ASN B CA  1 
ATOM   837  C C   . ASN A 1 97  ? -13.179 2.508   2.922   1.00 14.17 ? 103 ASN B C   1 
ATOM   838  O O   . ASN A 1 97  ? -12.682 2.009   3.916   1.00 15.19 ? 103 ASN B O   1 
ATOM   839  C CB  . ASN A 1 97  ? -14.193 0.402   1.991   1.00 16.66 ? 103 ASN B CB  1 
ATOM   840  C CG  . ASN A 1 97  ? -15.454 -0.393  1.769   1.00 19.74 ? 103 ASN B CG  1 
ATOM   841  O OD1 . ASN A 1 97  ? -16.562 0.029   2.168   1.00 22.31 ? 103 ASN B OD1 1 
ATOM   842  N ND2 . ASN A 1 97  ? -15.332 -1.530  1.084   1.00 20.13 ? 103 ASN B ND2 1 
ATOM   843  N N   . GLY A 1 98  ? -12.696 3.625   2.391   1.00 13.06 ? 104 GLY B N   1 
ATOM   844  C CA  . GLY A 1 98  ? -11.565 4.335   2.969   1.00 11.61 ? 104 GLY B CA  1 
ATOM   845  C C   . GLY A 1 98  ? -10.185 3.937   2.450   1.00 11.40 ? 104 GLY B C   1 
ATOM   846  O O   . GLY A 1 98  ? -9.195  4.161   3.155   1.00 12.41 ? 104 GLY B O   1 
ATOM   847  N N   . PHE A 1 99  ? -10.114 3.443   1.199   1.00 11.56 ? 105 PHE B N   1 
ATOM   848  C CA  . PHE A 1 99  ? -8.819  3.028   0.595   1.00 11.80 ? 105 PHE B CA  1 
ATOM   849  C C   . PHE A 1 99  ? -8.573  3.737   -0.740  1.00 10.93 ? 105 PHE B C   1 
ATOM   850  O O   . PHE A 1 99  ? -9.544  3.736   -1.552  1.00 12.38 ? 105 PHE B O   1 
ATOM   851  C CB  . PHE A 1 99  ? -8.775  1.505   0.356   1.00 11.76 ? 105 PHE B CB  1 
ATOM   852  C CG  . PHE A 1 99  ? -8.943  0.626   1.580   1.00 11.81 ? 105 PHE B CG  1 
ATOM   853  C CD1 . PHE A 1 99  ? -10.198 0.267   2.016   1.00 12.82 ? 105 PHE B CD1 1 
ATOM   854  C CD2 . PHE A 1 99  ? -7.831  0.206   2.280   1.00 11.67 ? 105 PHE B CD2 1 
ATOM   855  C CE1 . PHE A 1 99  ? -10.337 -0.562  3.130   1.00 13.37 ? 105 PHE B CE1 1 
ATOM   856  C CE2 . PHE A 1 99  ? -7.970  -0.606  3.385   1.00 12.95 ? 105 PHE B CE2 1 
ATOM   857  C CZ  . PHE A 1 99  ? -9.221  -0.977  3.790   1.00 12.19 ? 105 PHE B CZ  1 
ATOM   858  N N   . TRP A 1 100 ? -7.331  4.162   -0.976  1.00 10.34 ? 106 TRP B N   1 
ATOM   859  C CA  . TRP A 1 100 ? -6.888  4.745   -2.264  1.00 10.67 ? 106 TRP B CA  1 
ATOM   860  C C   . TRP A 1 100 ? -5.668  3.948   -2.684  1.00 10.03 ? 106 TRP B C   1 
ATOM   861  O O   . TRP A 1 100 ? -4.565  4.204   -2.151  1.00 10.49 ? 106 TRP B O   1 
ATOM   862  C CB  . TRP A 1 100 ? -6.641  6.261   -2.161  1.00 10.72 ? 106 TRP B CB  1 
ATOM   863  C CG  . TRP A 1 100 ? -7.904  7.000   -1.791  1.00 11.14 ? 106 TRP B CG  1 
ATOM   864  C CD1 . TRP A 1 100 ? -8.806  7.580   -2.652  1.00 11.61 ? 106 TRP B CD1 1 
ATOM   865  C CD2 . TRP A 1 100 ? -8.443  7.213   -0.454  1.00 11.94 ? 106 TRP B CD2 1 
ATOM   866  N NE1 . TRP A 1 100 ? -9.886  8.094   -1.931  1.00 12.41 ? 106 TRP B NE1 1 
ATOM   867  C CE2 . TRP A 1 100 ? -9.693  7.844   -0.607  1.00 12.64 ? 106 TRP B CE2 1 
ATOM   868  C CE3 . TRP A 1 100 ? -7.996  6.857   0.812   1.00 12.04 ? 106 TRP B CE3 1 
ATOM   869  C CZ2 . TRP A 1 100 ? -10.508 8.154   0.488   1.00 13.09 ? 106 TRP B CZ2 1 
ATOM   870  C CZ3 . TRP A 1 100 ? -8.788  7.206   1.893   1.00 13.74 ? 106 TRP B CZ3 1 
ATOM   871  C CH2 . TRP A 1 100 ? -10.013 7.799   1.719   1.00 13.43 ? 106 TRP B CH2 1 
ATOM   872  N N   . THR A 1 101 ? -5.883  2.960   -3.556  1.00 11.00 ? 107 THR B N   1 
ATOM   873  C CA  . THR A 1 101 ? -4.906  1.862   -3.789  1.00 10.76 ? 107 THR B CA  1 
ATOM   874  C C   . THR A 1 101 ? -4.844  1.528   -5.282  1.00 10.19 ? 107 THR B C   1 
ATOM   875  O O   . THR A 1 101 ? -5.800  1.740   -6.028  1.00 10.31 ? 107 THR B O   1 
ATOM   876  C CB  . THR A 1 101 ? -5.202  0.594   -2.994  1.00 11.30 ? 107 THR B CB  1 
ATOM   877  O OG1 . THR A 1 101 ? -6.463  0.079   -3.406  1.00 11.93 ? 107 THR B OG1 1 
ATOM   878  C CG2 . THR A 1 101 ? -5.122  0.885   -1.504  1.00 11.39 ? 107 THR B CG2 1 
ATOM   879  N N   . ILE A 1 102 ? -3.702  0.935   -5.654  1.00 10.78 ? 108 ILE B N   1 
ATOM   880  C CA  . ILE A 1 102 ? -3.565  0.171   -6.944  1.00 11.07 ? 108 ILE B CA  1 
ATOM   881  C C   . ILE A 1 102 ? -3.099  -1.231  -6.580  1.00 11.21 ? 108 ILE B C   1 
ATOM   882  O O   . ILE A 1 102 ? -2.551  -1.446  -5.466  1.00 11.21 ? 108 ILE B O   1 
ATOM   883  C CB  . ILE A 1 102 ? -2.624  0.864   -7.951  1.00 11.10 ? 108 ILE B CB  1 
ATOM   884  C CG1 . ILE A 1 102 ? -1.172  0.897   -7.507  1.00 11.85 ? 108 ILE B CG1 1 
ATOM   885  C CG2 . ILE A 1 102 ? -3.120  2.270   -8.250  1.00 12.12 ? 108 ILE B CG2 1 
ATOM   886  C CD1 . ILE A 1 102 ? -0.165  1.364   -8.546  1.00 13.20 ? 108 ILE B CD1 1 
ATOM   887  N N   . TRP A 1 103 ? -3.166  -2.122  -7.544  1.00 10.92 ? 109 TRP B N   1 
ATOM   888  C CA  . TRP A 1 103 ? -2.697  -3.496  -7.318  1.00 11.46 ? 109 TRP B CA  1 
ATOM   889  C C   . TRP A 1 103 ? -2.237  -4.159  -8.598  1.00 12.29 ? 109 TRP B C   1 
ATOM   890  O O   . TRP A 1 103 ? -2.573  -3.744  -9.724  1.00 11.75 ? 109 TRP B O   1 
ATOM   891  C CB  . TRP A 1 103 ? -3.722  -4.324  -6.613  1.00 14.68 ? 109 TRP B CB  1 
ATOM   892  C CG  . TRP A 1 103 ? -4.984  -4.529  -7.347  1.00 15.64 ? 109 TRP B CG  1 
ATOM   893  C CD1 . TRP A 1 103 ? -5.191  -5.396  -8.385  1.00 17.27 ? 109 TRP B CD1 1 
ATOM   894  C CD2 . TRP A 1 103 ? -6.256  -4.038  -6.943  1.00 16.48 ? 109 TRP B CD2 1 
ATOM   895  N NE1 . TRP A 1 103 ? -6.519  -5.446  -8.674  1.00 19.71 ? 109 TRP B NE1 1 
ATOM   896  C CE2 . TRP A 1 103 ? -7.208  -4.618  -7.815  1.00 17.20 ? 109 TRP B CE2 1 
ATOM   897  C CE3 . TRP A 1 103 ? -6.663  -3.162  -5.932  1.00 17.91 ? 109 TRP B CE3 1 
ATOM   898  C CZ2 . TRP A 1 103 ? -8.569  -4.343  -7.706  1.00 20.95 ? 109 TRP B CZ2 1 
ATOM   899  C CZ3 . TRP A 1 103 ? -8.008  -2.903  -5.833  1.00 20.11 ? 109 TRP B CZ3 1 
ATOM   900  C CH2 . TRP A 1 103 ? -8.930  -3.491  -6.686  1.00 18.78 ? 109 TRP B CH2 1 
ATOM   901  N N   . LEU A 1 104 ? -1.459  -5.231  -8.389  1.00 12.15 ? 110 LEU B N   1 
ATOM   902  C CA  . LEU A 1 104 ? -1.147  -6.249  -9.410  1.00 12.14 ? 110 LEU B CA  1 
ATOM   903  C C   . LEU A 1 104 ? -1.879  -7.519  -9.023  1.00 11.73 ? 110 LEU B C   1 
ATOM   904  O O   . LEU A 1 104 ? -1.795  -7.959  -7.886  1.00 11.95 ? 110 LEU B O   1 
ATOM   905  C CB  . LEU A 1 104 ? 0.356   -6.468  -9.434  1.00 12.16 ? 110 LEU B CB  1 
ATOM   906  C CG  . LEU A 1 104 ? 0.814   -7.633  -10.313 1.00 12.93 ? 110 LEU B CG  1 
ATOM   907  C CD1 . LEU A 1 104 ? 0.454   -7.445  -11.781 1.00 13.80 ? 110 LEU B CD1 1 
ATOM   908  C CD2 . LEU A 1 104 ? 2.300   -7.842  -10.156 1.00 14.62 ? 110 LEU B CD2 1 
ATOM   909  N N   . TRP A 1 105 ? -2.534  -8.162  -10.009 1.00 12.57 ? 111 TRP B N   1 
ATOM   910  C CA  . TRP A 1 105 ? -3.213  -9.438  -9.785  1.00 13.38 ? 111 TRP B CA  1 
ATOM   911  C C   . TRP A 1 105 ? -3.349  -10.139 -11.124 1.00 15.28 ? 111 TRP B C   1 
ATOM   912  O O   . TRP A 1 105 ? -3.836  -9.510  -12.072 1.00 15.53 ? 111 TRP B O   1 
ATOM   913  C CB  . TRP A 1 105 ? -4.576  -9.154  -9.177  1.00 17.15 ? 111 TRP B CB  1 
ATOM   914  C CG  . TRP A 1 105 ? -5.476  -10.313 -9.145  1.00 22.09 ? 111 TRP B CG  1 
ATOM   915  C CD1 . TRP A 1 105 ? -6.574  -10.590 -9.924  1.00 22.83 ? 111 TRP B CD1 1 
ATOM   916  C CD2 . TRP A 1 105 ? -5.306  -11.379 -8.239  1.00 21.73 ? 111 TRP B CD2 1 
ATOM   917  N NE1 . TRP A 1 105 ? -7.111  -11.762 -9.516  1.00 24.03 ? 111 TRP B NE1 1 
ATOM   918  C CE2 . TRP A 1 105 ? -6.363  -12.272 -8.498  1.00 19.90 ? 111 TRP B CE2 1 
ATOM   919  C CE3 . TRP A 1 105 ? -4.388  -11.650 -7.233  1.00 22.53 ? 111 TRP B CE3 1 
ATOM   920  C CZ2 . TRP A 1 105 ? -6.519  -13.445 -7.787  1.00 28.71 ? 111 TRP B CZ2 1 
ATOM   921  C CZ3 . TRP A 1 105 ? -4.536  -12.822 -6.532  1.00 29.71 ? 111 TRP B CZ3 1 
ATOM   922  C CH2 . TRP A 1 105 ? -5.566  -13.720 -6.832  1.00 28.11 ? 111 TRP B CH2 1 
ATOM   923  N N   . GLN A 1 106 ? -2.870  -11.392 -11.220 1.00 13.76 ? 112 GLN B N   1 
ATOM   924  C CA  . GLN A 1 106 ? -3.049  -12.193 -12.471 1.00 14.92 ? 112 GLN B CA  1 
ATOM   925  C C   . GLN A 1 106 ? -2.607  -11.381 -13.668 1.00 14.44 ? 112 GLN B C   1 
ATOM   926  O O   . GLN A 1 106 ? -3.328  -11.386 -14.735 1.00 16.75 ? 112 GLN B O   1 
ATOM   927  C CB  . GLN A 1 106 ? -4.497  -12.696 -12.545 1.00 15.77 ? 112 GLN B CB  1 
ATOM   928  C CG  . GLN A 1 106 ? -4.805  -13.632 -11.382 1.00 17.41 ? 112 GLN B CG  1 
ATOM   929  C CD  . GLN A 1 106 ? -6.126  -14.357 -11.455 1.00 19.78 ? 112 GLN B CD  1 
ATOM   930  O OE1 . GLN A 1 106 ? -6.363  -15.336 -10.708 1.00 22.48 ? 112 GLN B OE1 1 
ATOM   931  N NE2 . GLN A 1 106 ? -6.946  -13.977 -12.409 1.00 18.47 ? 112 GLN B NE2 1 
ATOM   932  N N   . ASP A 1 107 ? -1.397  -10.882 -13.632 1.00 15.52 ? 113 ASP B N   1 
ATOM   933  C CA  . ASP A 1 107 ? -0.736  -10.268 -14.781 1.00 19.19 ? 113 ASP B CA  1 
ATOM   934  C C   . ASP A 1 107 ? -1.407  -8.977  -15.273 1.00 20.64 ? 113 ASP B C   1 
ATOM   935  O O   . ASP A 1 107 ? -0.939  -8.480  -16.338 1.00 27.48 ? 113 ASP B O   1 
ATOM   936  C CB  . ASP A 1 107 ? -0.788  -11.286 -15.925 1.00 22.61 ? 113 ASP B CB  1 
ATOM   937  C CG  . ASP A 1 107 ? 0.295   -11.122 -16.936 1.00 31.94 ? 113 ASP B CG  1 
ATOM   938  O OD1 . ASP A 1 107 ? 1.370   -10.555 -16.591 1.00 35.47 ? 113 ASP B OD1 1 
ATOM   939  O OD2 . ASP A 1 107 ? 0.073   -11.623 -18.076 1.00 42.64 ? 113 ASP B OD2 1 
ATOM   940  N N   . SER A 1 108 ? -2.322  -8.386  -14.508 1.00 16.26 ? 114 SER B N   1 
ATOM   941  C CA  . SER A 1 108 ? -2.893  -7.045  -14.820 1.00 17.41 ? 114 SER B CA  1 
ATOM   942  C C   . SER A 1 108 ? -2.786  -6.114  -13.617 1.00 16.12 ? 114 SER B C   1 
ATOM   943  O O   . SER A 1 108 ? -2.885  -6.529  -12.433 1.00 15.42 ? 114 SER B O   1 
ATOM   944  C CB  . SER A 1 108 ? -4.256  -7.205  -15.389 1.00 21.52 ? 114 SER B CB  1 
ATOM   945  O OG  . SER A 1 108 ? -5.218  -7.555  -14.433 1.00 30.99 ? 114 SER B OG  1 
ATOM   946  N N   . TYR A 1 109 ? -2.631  -4.849  -13.928 1.00 14.44 ? 115 TYR B N   1 
ATOM   947  C CA  . TYR A 1 109 ? -2.605  -3.748  -12.921 1.00 13.94 ? 115 TYR B CA  1 
ATOM   948  C C   . TYR A 1 109 ? -3.936  -3.023  -12.947 1.00 13.62 ? 115 TYR B C   1 
ATOM   949  O O   . TYR A 1 109 ? -4.473  -2.712  -14.016 1.00 13.49 ? 115 TYR B O   1 
ATOM   950  C CB  . TYR A 1 109 ? -1.453  -2.828  -13.233 1.00 13.46 ? 115 TYR B CB  1 
ATOM   951  C CG  . TYR A 1 109 ? -0.078  -3.460  -13.182 1.00 13.86 ? 115 TYR B CG  1 
ATOM   952  C CD1 . TYR A 1 109 ? 0.486   -3.999  -14.318 1.00 14.51 ? 115 TYR B CD1 1 
ATOM   953  C CD2 . TYR A 1 109 ? 0.668   -3.460  -12.025 1.00 13.58 ? 115 TYR B CD2 1 
ATOM   954  C CE1 . TYR A 1 109 ? 1.779   -4.522  -14.294 1.00 15.78 ? 115 TYR B CE1 1 
ATOM   955  C CE2 . TYR A 1 109 ? 1.927   -4.046  -11.976 1.00 13.87 ? 115 TYR B CE2 1 
ATOM   956  C CZ  . TYR A 1 109 ? 2.479   -4.571  -13.118 1.00 15.55 ? 115 TYR B CZ  1 
ATOM   957  O OH  . TYR A 1 109 ? 3.724   -5.152  -13.086 1.00 16.72 ? 115 TYR B OH  1 
ATOM   958  N N   A GLU A 1 110 ? -4.515  -2.756  -11.776 0.25 13.13 ? 116 GLU B N   1 
ATOM   959  N N   B GLU A 1 110 ? -4.476  -2.743  -11.763 0.25 13.02 ? 116 GLU B N   1 
ATOM   960  C CA  A GLU A 1 110 ? -5.836  -2.078  -11.656 0.25 13.56 ? 116 GLU B CA  1 
ATOM   961  C CA  B GLU A 1 110 ? -5.811  -2.121  -11.572 0.25 13.34 ? 116 GLU B CA  1 
ATOM   962  C C   A GLU A 1 110 ? -5.820  -1.089  -10.485 0.25 11.86 ? 116 GLU B C   1 
ATOM   963  C C   B GLU A 1 110 ? -5.684  -0.999  -10.533 0.25 11.33 ? 116 GLU B C   1 
ATOM   964  O O   A GLU A 1 110 ? -5.203  -1.365  -9.453  0.25 12.18 ? 116 GLU B O   1 
ATOM   965  O O   B GLU A 1 110 ? -4.777  -1.057  -9.668  0.25 10.28 ? 116 GLU B O   1 
ATOM   966  C CB  A GLU A 1 110 ? -6.981  -3.076  -11.494 0.25 15.06 ? 116 GLU B CB  1 
ATOM   967  C CB  B GLU A 1 110 ? -6.848  -3.162  -11.142 0.25 15.05 ? 116 GLU B CB  1 
ATOM   968  C CG  A GLU A 1 110 ? -7.138  -4.024  -12.682 0.25 16.81 ? 116 GLU B CG  1 
ATOM   969  C CG  B GLU A 1 110 ? -7.075  -4.280  -12.166 0.25 17.69 ? 116 GLU B CG  1 
ATOM   970  C CD  A GLU A 1 110 ? -8.125  -5.147  -12.425 0.25 19.06 ? 116 GLU B CD  1 
ATOM   971  C CD  B GLU A 1 110 ? -8.011  -3.922  -13.313 0.25 19.46 ? 116 GLU B CD  1 
ATOM   972  O OE1 A GLU A 1 110 ? -8.179  -5.639  -11.279 0.25 21.14 ? 116 GLU B OE1 1 
ATOM   973  O OE1 B GLU A 1 110 ? -8.793  -2.963  -13.173 0.25 23.87 ? 116 GLU B OE1 1 
ATOM   974  O OE2 A GLU A 1 110 ? -8.845  -5.538  -13.363 0.25 19.45 ? 116 GLU B OE2 1 
ATOM   975  O OE2 B GLU A 1 110 ? -7.985  -4.631  -14.326 0.25 26.53 ? 116 GLU B OE2 1 
ATOM   976  N N   . ALA A 1 111 ? -6.549  0.015   -10.642 1.00 11.79 ? 117 ALA B N   1 
ATOM   977  C CA  . ALA A 1 111 ? -6.780  0.963   -9.539  1.00 11.43 ? 117 ALA B CA  1 
ATOM   978  C C   . ALA A 1 111 ? -8.018  0.510   -8.784  1.00 12.39 ? 117 ALA B C   1 
ATOM   979  O O   . ALA A 1 111 ? -9.051  0.123   -9.363  1.00 12.72 ? 117 ALA B O   1 
ATOM   980  C CB  . ALA A 1 111 ? -6.937  2.406   -10.026 1.00 12.75 ? 117 ALA B CB  1 
ATOM   981  N N   . GLY A 1 112 ? -7.958  0.633   -7.455  1.00 12.72 ? 118 GLY B N   1 
ATOM   982  C CA  . GLY A 1 112 ? -9.027  0.234   -6.526  1.00 13.71 ? 118 GLY B CA  1 
ATOM   983  C C   . GLY A 1 112 ? -10.183 1.217   -6.470  1.00 14.01 ? 118 GLY B C   1 
ATOM   984  O O   . GLY A 1 112 ? -10.518 1.727   -5.439  1.00 16.14 ? 118 GLY B O   1 
ATOM   985  N N   . THR A 1 113 ? -10.783 1.558   -7.592  1.00 16.43 ? 119 THR B N   1 
ATOM   986  C CA  . THR A 1 113 ? -12.094 2.221   -7.660  1.00 18.46 ? 119 THR B CA  1 
ATOM   987  C C   . THR A 1 113 ? -13.203 1.176   -7.547  1.00 19.18 ? 119 THR B C   1 
ATOM   988  O O   . THR A 1 113 ? -12.909 -0.010  -7.614  1.00 20.42 ? 119 THR B O   1 
ATOM   989  C CB  . THR A 1 113 ? -12.138 2.997   -8.965  1.00 15.76 ? 119 THR B CB  1 
ATOM   990  O OG1 . THR A 1 113 ? -11.828 2.093   -10.049 1.00 15.76 ? 119 THR B OG1 1 
ATOM   991  C CG2 . THR A 1 113 ? -11.187 4.143   -9.043  1.00 17.47 ? 119 THR B CG2 1 
ATOM   992  N N   . SER A 1 114 ? -14.458 1.596   -7.455  1.00 22.03 ? 120 SER B N   1 
ATOM   993  C CA  . SER A 1 114 ? -15.574 0.631   -7.410  1.00 25.50 ? 120 SER B CA  1 
ATOM   994  C C   . SER A 1 114 ? -16.551 0.972   -8.538  1.00 24.61 ? 120 SER B C   1 
ATOM   995  O O   . SER A 1 114 ? -17.171 2.036   -8.549  1.00 25.96 ? 120 SER B O   1 
ATOM   996  C CB  . SER A 1 114 ? -16.236 0.615   -6.035  1.00 30.69 ? 120 SER B CB  1 
ATOM   997  O OG  . SER A 1 114 ? -17.328 -0.309  -6.046  1.00 32.89 ? 120 SER B OG  1 
ATOM   998  N N   . PRO A 1 115 ? -16.566 0.200   -9.629  1.00 22.79 ? 121 PRO B N   1 
ATOM   999  C CA  . PRO A 1 115 ? -15.714 -0.966  -9.819  1.00 23.29 ? 121 PRO B CA  1 
ATOM   1000 C C   . PRO A 1 115 ? -14.281 -0.578  -10.241 1.00 20.49 ? 121 PRO B C   1 
ATOM   1001 O O   . PRO A 1 115 ? -14.004 0.572   -10.539 1.00 18.72 ? 121 PRO B O   1 
ATOM   1002 C CB  . PRO A 1 115 ? -16.434 -1.724  -10.938 1.00 26.15 ? 121 PRO B CB  1 
ATOM   1003 C CG  . PRO A 1 115 ? -17.041 -0.625  -11.789 1.00 25.37 ? 121 PRO B CG  1 
ATOM   1004 C CD  . PRO A 1 115 ? -17.384 0.508   -10.824 1.00 24.27 ? 121 PRO B CD  1 
ATOM   1005 N N   . GLN A 1 116 ? -13.385 -1.547  -10.218 1.00 19.85 ? 122 GLN B N   1 
ATOM   1006 C CA  . GLN A 1 116 ? -11.934 -1.323  -10.462 1.00 18.09 ? 122 GLN B CA  1 
ATOM   1007 C C   . GLN A 1 116 ? -11.689 -0.799  -11.882 1.00 15.55 ? 122 GLN B C   1 
ATOM   1008 O O   . GLN A 1 116 ? -12.466 -1.088  -12.807 1.00 16.86 ? 122 GLN B O   1 
ATOM   1009 C CB  . GLN A 1 116 ? -11.103 -2.569  -10.153 1.00 22.37 ? 122 GLN B CB  1 
ATOM   1010 C CG  . GLN A 1 116 ? -11.246 -3.727  -11.113 1.00 28.99 ? 122 GLN B CG  1 
ATOM   1011 C CD  . GLN A 1 116 ? -12.280 -4.738  -10.681 1.00 42.48 ? 122 GLN B CD  1 
ATOM   1012 O OE1 . GLN A 1 116 ? -13.265 -4.421  -10.010 1.00 47.39 ? 122 GLN B OE1 1 
ATOM   1013 N NE2 . GLN A 1 116 ? -12.072 -5.976  -11.104 1.00 50.44 ? 122 GLN B NE2 1 
ATOM   1014 N N   . THR A 1 117 ? -10.580 -0.093  -12.032 1.00 13.69 ? 123 THR B N   1 
ATOM   1015 C CA  . THR A 1 117 ? -10.159 0.571   -13.269 1.00 13.61 ? 123 THR B CA  1 
ATOM   1016 C C   . THR A 1 117 ? -8.929  -0.131  -13.809 1.00 13.70 ? 123 THR B C   1 
ATOM   1017 O O   . THR A 1 117 ? -7.907  -0.164  -13.108 1.00 15.22 ? 123 THR B O   1 
ATOM   1018 C CB  . THR A 1 117 ? -9.992  2.081   -13.054 1.00 13.93 ? 123 THR B CB  1 
ATOM   1019 O OG1 . THR A 1 117 ? -11.228 2.603   -12.587 1.00 15.04 ? 123 THR B OG1 1 
ATOM   1020 C CG2 . THR A 1 117 ? -9.527  2.754   -14.321 1.00 14.55 ? 123 THR B CG2 1 
ATOM   1021 N N   . THR A 1 118 ? -8.944  -0.536  -15.081 1.00 15.35 ? 124 THR B N   1 
ATOM   1022 C CA  . THR A 1 118 ? -7.761  -1.073  -15.772 1.00 15.65 ? 124 THR B CA  1 
ATOM   1023 C C   . THR A 1 118 ? -6.657  -0.042  -15.935 1.00 14.70 ? 124 THR B C   1 
ATOM   1024 O O   . THR A 1 118 ? -6.956  1.140   -16.358 1.00 16.68 ? 124 THR B O   1 
ATOM   1025 C CB  . THR A 1 118 ? -8.235  -1.528  -17.164 1.00 18.68 ? 124 THR B CB  1 
ATOM   1026 O OG1 . THR A 1 118 ? -9.161  -2.581  -16.988 1.00 22.13 ? 124 THR B OG1 1 
ATOM   1027 C CG2 . THR A 1 118 ? -7.063  -1.905  -18.031 1.00 23.13 ? 124 THR B CG2 1 
ATOM   1028 N N   . LEU A 1 119 ? -5.429  -0.357  -15.579 1.00 13.77 ? 125 LEU B N   1 
ATOM   1029 C CA  . LEU A 1 119 ? -4.268  0.526   -15.722 1.00 13.25 ? 125 LEU B CA  1 
ATOM   1030 C C   . LEU A 1 119 ? -3.537  0.109   -17.005 1.00 16.91 ? 125 LEU B C   1 
ATOM   1031 O O   . LEU A 1 119 ? -3.729  -1.026  -17.458 1.00 21.01 ? 125 LEU B O   1 
ATOM   1032 C CB  . LEU A 1 119 ? -3.299  0.476   -14.537 1.00 13.85 ? 125 LEU B CB  1 
ATOM   1033 C CG  . LEU A 1 119 ? -3.963  0.866   -13.203 1.00 13.11 ? 125 LEU B CG  1 
ATOM   1034 C CD1 . LEU A 1 119 ? -3.034  0.655   -12.031 1.00 13.94 ? 125 LEU B CD1 1 
ATOM   1035 C CD2 . LEU A 1 119 ? -4.450  2.325   -13.242 1.00 14.28 ? 125 LEU B CD2 1 
ATOM   1036 N N   . HIS A 1 120 ? -2.779  0.995   -17.588 1.00 15.71 ? 126 HIS B N   1 
ATOM   1037 C CA  . HIS A 1 120 ? -2.064  0.827   -18.882 1.00 16.16 ? 126 HIS B CA  1 
ATOM   1038 C C   . HIS A 1 120 ? -0.586  1.043   -18.586 1.00 17.87 ? 126 HIS B C   1 
ATOM   1039 O O   . HIS A 1 120 ? -0.107  2.213   -18.579 1.00 23.33 ? 126 HIS B O   1 
ATOM   1040 C CB  . HIS A 1 120 ? -2.586  1.873   -19.903 1.00 17.25 ? 126 HIS B CB  1 
ATOM   1041 C CG  . HIS A 1 120 ? -4.062  1.775   -20.191 1.00 18.82 ? 126 HIS B CG  1 
ATOM   1042 N ND1 . HIS A 1 120 ? -5.005  2.566   -19.533 1.00 23.15 ? 126 HIS B ND1 1 
ATOM   1043 C CD2 . HIS A 1 120 ? -4.752  0.936   -20.974 1.00 23.06 ? 126 HIS B CD2 1 
ATOM   1044 C CE1 . HIS A 1 120 ? -6.220  2.186   -19.925 1.00 24.41 ? 126 HIS B CE1 1 
ATOM   1045 N NE2 . HIS A 1 120 ? -6.081  1.268   -20.862 1.00 21.70 ? 126 HIS B NE2 1 
ATOM   1046 N N   . ILE A 1 121 ? 0.126   0.003   -18.260 1.00 20.24 ? 127 ILE B N   1 
ATOM   1047 C CA  . ILE A 1 121 ? 1.558   0.099   -17.887 1.00 20.72 ? 127 ILE B CA  1 
ATOM   1048 C C   . ILE A 1 121 ? 2.353   -0.676  -18.976 1.00 22.40 ? 127 ILE B C   1 
ATOM   1049 O O   . ILE A 1 121 ? 2.091   -1.859  -19.176 1.00 29.23 ? 127 ILE B O   1 
ATOM   1050 C CB  . ILE A 1 121 ? 1.748   -0.445  -16.449 1.00 22.08 ? 127 ILE B CB  1 
ATOM   1051 C CG1 . ILE A 1 121 ? 0.897   0.306   -15.405 1.00 20.30 ? 127 ILE B CG1 1 
ATOM   1052 C CG2 . ILE A 1 121 ? 3.238   -0.397  -16.140 1.00 27.97 ? 127 ILE B CG2 1 
ATOM   1053 C CD1 . ILE A 1 121 ? 1.221   -0.035  -13.965 1.00 20.09 ? 127 ILE B CD1 1 
ATOM   1054 N N   . GLN A 1 122 ? 3.245   0.006   -19.672 1.00 25.81 ? 128 GLN B N   1 
ATOM   1055 C CA  . GLN A 1 122 ? 4.060   -0.622  -20.763 1.00 28.89 ? 128 GLN B CA  1 
ATOM   1056 C C   . GLN A 1 122 ? 5.305   -1.302  -20.160 1.00 26.28 ? 128 GLN B C   1 
ATOM   1057 O O   . GLN A 1 122 ? 5.685   -2.401  -20.652 1.00 27.84 ? 128 GLN B O   1 
ATOM   1058 C CB  . GLN A 1 122 ? 4.391   0.439   -21.819 1.00 33.02 ? 128 GLN B CB  1 
ATOM   1059 C CG  . GLN A 1 122 ? 5.285   -0.055  -22.967 1.00 42.46 ? 128 GLN B CG  1 
ATOM   1060 C CD  . GLN A 1 122 ? 4.752   -1.227  -23.771 1.00 47.87 ? 128 GLN B CD  1 
ATOM   1061 O OE1 . GLN A 1 122 ? 3.546   -1.411  -23.952 1.00 51.72 ? 128 GLN B OE1 1 
ATOM   1062 N NE2 . GLN A 1 122 ? 5.660   -2.042  -24.288 1.00 50.41 ? 128 GLN B NE2 1 
ATOM   1063 N N   . VAL A 1 123 ? 5.819   -0.773  -19.050 1.00 23.03 ? 129 VAL B N   1 
ATOM   1064 C CA  . VAL A 1 123 ? 7.079   -1.241  -18.392 1.00 20.34 ? 129 VAL B CA  1 
ATOM   1065 C C   . VAL A 1 123 ? 6.732   -1.765  -16.999 1.00 19.50 ? 129 VAL B C   1 
ATOM   1066 O O   . VAL A 1 123 ? 6.410   -0.946  -16.138 1.00 20.33 ? 129 VAL B O   1 
ATOM   1067 C CB  . VAL A 1 123 ? 8.123   -0.116  -18.326 1.00 22.99 ? 129 VAL B CB  1 
ATOM   1068 C CG1 . VAL A 1 123 ? 9.387   -0.504  -17.556 1.00 22.19 ? 129 VAL B CG1 1 
ATOM   1069 C CG2 . VAL A 1 123 ? 8.514   0.379   -19.714 1.00 25.62 ? 129 VAL B CG2 1 
ATOM   1070 N N   . PRO A 1 124 ? 6.622   -3.084  -16.750 1.00 18.92 ? 130 PRO B N   1 
ATOM   1071 C CA  . PRO A 1 124 ? 6.219   -3.581  -15.428 1.00 18.77 ? 130 PRO B CA  1 
ATOM   1072 C C   . PRO A 1 124 ? 7.099   -2.957  -14.369 1.00 18.46 ? 130 PRO B C   1 
ATOM   1073 O O   . PRO A 1 124 ? 8.298   -2.991  -14.426 1.00 18.94 ? 130 PRO B O   1 
ATOM   1074 C CB  . PRO A 1 124 ? 6.456   -5.095  -15.559 1.00 21.41 ? 130 PRO B CB  1 
ATOM   1075 C CG  . PRO A 1 124 ? 6.088   -5.320  -17.024 1.00 21.64 ? 130 PRO B CG  1 
ATOM   1076 C CD  . PRO A 1 124 ? 6.752   -4.188  -17.725 1.00 22.15 ? 130 PRO B CD  1 
ATOM   1077 N N   . PRO A 1 125 ? 6.527   -2.270  -13.371 1.00 16.02 ? 131 PRO B N   1 
ATOM   1078 C CA  . PRO A 1 125 ? 7.338   -1.593  -12.374 1.00 16.04 ? 131 PRO B CA  1 
ATOM   1079 C C   . PRO A 1 125 ? 8.024   -2.536  -11.389 1.00 15.31 ? 131 PRO B C   1 
ATOM   1080 O O   . PRO A 1 125 ? 7.414   -3.461  -10.931 1.00 16.76 ? 131 PRO B O   1 
ATOM   1081 C CB  . PRO A 1 125 ? 6.347   -0.648  -11.675 1.00 16.96 ? 131 PRO B CB  1 
ATOM   1082 C CG  . PRO A 1 125 ? 5.005   -1.203  -12.005 1.00 18.42 ? 131 PRO B CG  1 
ATOM   1083 C CD  . PRO A 1 125 ? 5.089   -1.968  -13.298 1.00 17.00 ? 131 PRO B CD  1 
ATOM   1084 N N   . CYS A 1 126 ? 9.264   -2.196  -11.055 1.00 15.36 ? 132 CYS B N   1 
ATOM   1085 C CA  . CYS A 1 126 ? 9.975   -2.819  -9.911  1.00 17.14 ? 132 CYS B CA  1 
ATOM   1086 C C   . CYS A 1 126 ? 9.886   -1.951  -8.667  1.00 15.51 ? 132 CYS B C   1 
ATOM   1087 O O   . CYS A 1 126 ? 10.067  -2.442  -7.567  1.00 14.59 ? 132 CYS B O   1 
ATOM   1088 C CB  . CYS A 1 126 ? 11.430  -3.080  -10.262 1.00 20.50 ? 132 CYS B CB  1 
ATOM   1089 S SG  . CYS A 1 126 ? 11.575  -4.327  -11.585 1.00 27.34 ? 132 CYS B SG  1 
ATOM   1090 N N   A GLN A 1 127 ? 9.681   -0.632  -8.822  0.25 15.15 ? 133 GLN B N   1 
ATOM   1091 N N   B GLN A 1 127 ? 9.537   -0.681  -8.874  0.25 15.29 ? 133 GLN B N   1 
ATOM   1092 C CA  A GLN A 1 127 ? 9.474   0.305   -7.677  0.25 16.05 ? 133 GLN B CA  1 
ATOM   1093 C CA  B GLN A 1 127 ? 9.467   0.332   -7.802  0.25 16.77 ? 133 GLN B CA  1 
ATOM   1094 C C   A GLN A 1 127 ? 8.389   1.324   -8.042  0.25 15.10 ? 133 GLN B C   1 
ATOM   1095 C C   B GLN A 1 127 ? 8.271   1.234   -8.114  0.25 15.63 ? 133 GLN B C   1 
ATOM   1096 O O   A GLN A 1 127 ? 8.400   1.878   -9.167  0.25 13.26 ? 133 GLN B O   1 
ATOM   1097 O O   B GLN A 1 127 ? 8.011   1.526   -9.313  0.25 13.79 ? 133 GLN B O   1 
ATOM   1098 C CB  A GLN A 1 127 ? 10.714  1.098   -7.244  0.25 17.45 ? 133 GLN B CB  1 
ATOM   1099 C CB  B GLN A 1 127 ? 10.801  1.070   -7.694  0.25 18.94 ? 133 GLN B CB  1 
ATOM   1100 C CG  A GLN A 1 127 ? 11.880  0.273   -6.711  0.25 18.99 ? 133 GLN B CG  1 
ATOM   1101 C CG  B GLN A 1 127 ? 11.954  0.185   -7.249  0.25 21.41 ? 133 GLN B CG  1 
ATOM   1102 C CD  A GLN A 1 127 ? 12.839  -0.038  -7.833  0.25 20.74 ? 133 GLN B CD  1 
ATOM   1103 C CD  B GLN A 1 127 ? 13.126  0.966   -6.713  0.25 22.27 ? 133 GLN B CD  1 
ATOM   1104 O OE1 A GLN A 1 127 ? 12.991  0.748   -8.765  0.25 21.01 ? 133 GLN B OE1 1 
ATOM   1105 O OE1 B GLN A 1 127 ? 13.207  2.180   -6.858  0.25 26.34 ? 133 GLN B OE1 1 
ATOM   1106 N NE2 A GLN A 1 127 ? 13.452  -1.213  -7.779  0.25 21.09 ? 133 GLN B NE2 1 
ATOM   1107 N NE2 B GLN A 1 127 ? 14.056  0.261   -6.104  0.25 24.79 ? 133 GLN B NE2 1 
ATOM   1108 N N   . ILE A 1 128 ? 7.509   1.565   -7.069  1.00 14.18 ? 134 ILE B N   1 
ATOM   1109 C CA  . ILE A 1 128 ? 6.290   2.408   -7.189  1.00 14.35 ? 134 ILE B CA  1 
ATOM   1110 C C   . ILE A 1 128 ? 6.531   3.603   -6.277  1.00 13.78 ? 134 ILE B C   1 
ATOM   1111 O O   . ILE A 1 128 ? 6.865   3.440   -5.097  1.00 13.86 ? 134 ILE B O   1 
ATOM   1112 C CB  . ILE A 1 128 ? 5.039   1.636   -6.772  1.00 15.36 ? 134 ILE B CB  1 
ATOM   1113 C CG1 . ILE A 1 128 ? 4.780   0.344   -7.581  1.00 17.22 ? 134 ILE B CG1 1 
ATOM   1114 C CG2 . ILE A 1 128 ? 3.836   2.588   -6.767  1.00 14.76 ? 134 ILE B CG2 1 
ATOM   1115 C CD1 . ILE A 1 128 ? 4.256   0.574   -8.912  1.00 17.19 ? 134 ILE B CD1 1 
ATOM   1116 N N   . GLY A 1 129 ? 6.263   4.819   -6.781  1.00 13.47 ? 135 GLY B N   1 
ATOM   1117 C CA  . GLY A 1 129 ? 6.200   6.045   -5.993  1.00 13.10 ? 135 GLY B CA  1 
ATOM   1118 C C   . GLY A 1 129 ? 4.768   6.430   -5.694  1.00 12.37 ? 135 GLY B C   1 
ATOM   1119 O O   . GLY A 1 129 ? 3.892   6.274   -6.540  1.00 13.25 ? 135 GLY B O   1 
ATOM   1120 N N   . ILE A 1 130 ? 4.521   6.779   -4.429  1.00 13.27 ? 136 ILE B N   1 
ATOM   1121 C CA  . ILE A 1 130 ? 3.164   7.168   -3.928  1.00 12.74 ? 136 ILE B CA  1 
ATOM   1122 C C   . ILE A 1 130 ? 3.229   8.596   -3.395  1.00 13.22 ? 136 ILE B C   1 
ATOM   1123 O O   . ILE A 1 130 ? 4.074   8.890   -2.539  1.00 12.85 ? 136 ILE B O   1 
ATOM   1124 C CB  . ILE A 1 130 ? 2.682   6.183   -2.837  1.00 13.49 ? 136 ILE B CB  1 
ATOM   1125 C CG1 . ILE A 1 130 ? 2.651   4.765   -3.398  1.00 15.29 ? 136 ILE B CG1 1 
ATOM   1126 C CG2 . ILE A 1 130 ? 1.309   6.589   -2.290  1.00 14.45 ? 136 ILE B CG2 1 
ATOM   1127 C CD1 . ILE A 1 130 ? 2.364   3.720   -2.399  1.00 19.17 ? 136 ILE B CD1 1 
ATOM   1128 N N   . PHE A 1 131 ? 2.403   9.442   -3.963  1.00 13.22 ? 137 PHE B N   1 
ATOM   1129 C CA  . PHE A 1 131 ? 2.313   10.874  -3.607  1.00 12.52 ? 137 PHE B CA  1 
ATOM   1130 C C   . PHE A 1 131 ? 0.935   11.156  -3.058  1.00 11.89 ? 137 PHE B C   1 
ATOM   1131 O O   . PHE A 1 131 ? -0.061  10.849  -3.710  1.00 12.83 ? 137 PHE B O   1 
ATOM   1132 C CB  . PHE A 1 131 ? 2.586   11.769  -4.814  1.00 13.77 ? 137 PHE B CB  1 
ATOM   1133 C CG  . PHE A 1 131 ? 2.395   13.250  -4.558  1.00 15.13 ? 137 PHE B CG  1 
ATOM   1134 C CD1 . PHE A 1 131 ? 3.307   13.904  -3.757  1.00 16.65 ? 137 PHE B CD1 1 
ATOM   1135 C CD2 . PHE A 1 131 ? 1.403   13.976  -5.187  1.00 15.84 ? 137 PHE B CD2 1 
ATOM   1136 C CE1 . PHE A 1 131 ? 3.166   15.273  -3.539  1.00 19.43 ? 137 PHE B CE1 1 
ATOM   1137 C CE2 . PHE A 1 131 ? 1.239   15.334  -4.935  1.00 17.76 ? 137 PHE B CE2 1 
ATOM   1138 C CZ  . PHE A 1 131 ? 2.142   15.967  -4.132  1.00 17.70 ? 137 PHE B CZ  1 
ATOM   1139 N N   . VAL A 1 132 ? 0.875   11.808  -1.900  1.00 12.45 ? 138 VAL B N   1 
ATOM   1140 C CA  . VAL A 1 132 ? -0.388  12.264  -1.282  1.00 12.74 ? 138 VAL B CA  1 
ATOM   1141 C C   . VAL A 1 132 ? -0.343  13.780  -1.064  1.00 11.98 ? 138 VAL B C   1 
ATOM   1142 O O   . VAL A 1 132 ? 0.607   14.272  -0.446  1.00 14.59 ? 138 VAL B O   1 
ATOM   1143 C CB  . VAL A 1 132 ? -0.670  11.560  0.054   1.00 13.01 ? 138 VAL B CB  1 
ATOM   1144 C CG1 . VAL A 1 132 ? -1.971  12.058  0.656   1.00 14.84 ? 138 VAL B CG1 1 
ATOM   1145 C CG2 . VAL A 1 132 ? -0.706  10.045  -0.140  1.00 14.80 ? 138 VAL B CG2 1 
ATOM   1146 N N   . ASP A 1 133 ? -1.320  14.466  -1.616  1.00 12.69 ? 139 ASP B N   1 
ATOM   1147 C CA  . ASP A 1 133 ? -1.552  15.902  -1.292  1.00 14.28 ? 139 ASP B CA  1 
ATOM   1148 C C   . ASP A 1 133 ? -2.850  15.995  -0.503  1.00 12.43 ? 139 ASP B C   1 
ATOM   1149 O O   . ASP A 1 133 ? -3.930  15.861  -1.059  1.00 13.19 ? 139 ASP B O   1 
ATOM   1150 C CB  . ASP A 1 133 ? -1.532  16.768  -2.531  1.00 13.68 ? 139 ASP B CB  1 
ATOM   1151 C CG  . ASP A 1 133 ? -1.671  18.262  -2.237  1.00 16.66 ? 139 ASP B CG  1 
ATOM   1152 O OD1 . ASP A 1 133 ? -2.238  18.620  -1.186  1.00 17.95 ? 139 ASP B OD1 1 
ATOM   1153 O OD2 . ASP A 1 133 ? -1.241  19.016  -3.148  1.00 21.42 ? 139 ASP B OD2 1 
ATOM   1154 N N   . TYR A 1 134 ? -2.719  16.120  0.818   1.00 14.16 ? 140 TYR B N   1 
ATOM   1155 C CA  . TYR A 1 134 ? -3.903  16.049  1.704   1.00 13.95 ? 140 TYR B CA  1 
ATOM   1156 C C   . TYR A 1 134 ? -4.923  17.159  1.389   1.00 16.10 ? 140 TYR B C   1 
ATOM   1157 O O   . TYR A 1 134 ? -6.076  16.909  1.124   1.00 16.91 ? 140 TYR B O   1 
ATOM   1158 C CB  . TYR A 1 134 ? -3.474  16.065  3.182   1.00 14.56 ? 140 TYR B CB  1 
ATOM   1159 C CG  . TYR A 1 134 ? -4.603  15.558  4.043   1.00 14.51 ? 140 TYR B CG  1 
ATOM   1160 C CD1 . TYR A 1 134 ? -5.736  16.321  4.310   1.00 14.83 ? 140 TYR B CD1 1 
ATOM   1161 C CD2 . TYR A 1 134 ? -4.614  14.268  4.553   1.00 14.61 ? 140 TYR B CD2 1 
ATOM   1162 C CE1 . TYR A 1 134 ? -6.827  15.840  5.015   1.00 14.76 ? 140 TYR B CE1 1 
ATOM   1163 C CE2 . TYR A 1 134 ? -5.696  13.765  5.267   1.00 14.08 ? 140 TYR B CE2 1 
ATOM   1164 C CZ  . TYR A 1 134 ? -6.809  14.549  5.536   1.00 14.10 ? 140 TYR B CZ  1 
ATOM   1165 O OH  . TYR A 1 134 ? -7.912  14.115  6.181   1.00 14.98 ? 140 TYR B OH  1 
ATOM   1166 N N   . GLU A 1 135 ? -4.419  18.375  1.301   1.00 17.85 ? 141 GLU B N   1 
ATOM   1167 C CA  . GLU A 1 135 ? -5.317  19.542  1.094   1.00 17.90 ? 141 GLU B CA  1 
ATOM   1168 C C   . GLU A 1 135 ? -5.969  19.450  -0.265  1.00 17.08 ? 141 GLU B C   1 
ATOM   1169 O O   . GLU A 1 135 ? -7.184  19.723  -0.354  1.00 20.64 ? 141 GLU B O   1 
ATOM   1170 C CB  . GLU A 1 135 ? -4.572  20.852  1.296   1.00 21.33 ? 141 GLU B CB  1 
ATOM   1171 C CG  . GLU A 1 135 ? -4.535  21.243  2.783   1.00 26.58 ? 141 GLU B CG  1 
ATOM   1172 C CD  . GLU A 1 135 ? -3.589  20.374  3.549   1.00 28.79 ? 141 GLU B CD  1 
ATOM   1173 O OE1 . GLU A 1 135 ? -3.832  20.160  4.692   1.00 27.55 ? 141 GLU B OE1 1 
ATOM   1174 O OE2 . GLU A 1 135 ? -2.608  19.862  2.949   1.00 30.43 ? 141 GLU B OE2 1 
ATOM   1175 N N   . ALA A 1 136 ? -5.244  19.056  -1.311  1.00 14.87 ? 142 ALA B N   1 
ATOM   1176 C CA  . ALA A 1 136 ? -5.793  18.967  -2.663  1.00 15.43 ? 142 ALA B CA  1 
ATOM   1177 C C   . ALA A 1 136 ? -6.728  17.761  -2.842  1.00 16.78 ? 142 ALA B C   1 
ATOM   1178 O O   . ALA A 1 136 ? -7.509  17.743  -3.804  1.00 18.04 ? 142 ALA B O   1 
ATOM   1179 C CB  . ALA A 1 136 ? -4.668  18.901  -3.660  1.00 16.73 ? 142 ALA B CB  1 
ATOM   1180 N N   . GLY A 1 137 ? -6.724  16.760  -1.959  1.00 15.00 ? 143 GLY B N   1 
ATOM   1181 C CA  . GLY A 1 137 ? -7.516  15.545  -2.149  1.00 14.68 ? 143 GLY B CA  1 
ATOM   1182 C C   . GLY A 1 137 ? -6.967  14.669  -3.288  1.00 12.72 ? 143 GLY B C   1 
ATOM   1183 O O   . GLY A 1 137 ? -7.790  14.258  -4.112  1.00 14.06 ? 143 GLY B O   1 
ATOM   1184 N N   . VAL A 1 138 ? -5.643  14.507  -3.353  1.00 13.17 ? 144 VAL B N   1 
ATOM   1185 C CA  . VAL A 1 138 ? -4.968  13.728  -4.440  1.00 12.59 ? 144 VAL B CA  1 
ATOM   1186 C C   . VAL A 1 138 ? -4.131  12.601  -3.861  1.00 12.30 ? 144 VAL B C   1 
ATOM   1187 O O   . VAL A 1 138 ? -3.296  12.829  -2.956  1.00 13.43 ? 144 VAL B O   1 
ATOM   1188 C CB  . VAL A 1 138 ? -4.092  14.690  -5.255  1.00 14.02 ? 144 VAL B CB  1 
ATOM   1189 C CG1 . VAL A 1 138 ? -3.164  13.971  -6.242  1.00 14.96 ? 144 VAL B CG1 1 
ATOM   1190 C CG2 . VAL A 1 138 ? -4.985  15.690  -5.970  1.00 15.59 ? 144 VAL B CG2 1 
ATOM   1191 N N   . VAL A 1 139 ? -4.230  11.450  -4.537  1.00 12.93 ? 145 VAL B N   1 
ATOM   1192 C CA  . VAL A 1 139 ? -3.262  10.327  -4.367  1.00 11.89 ? 145 VAL B CA  1 
ATOM   1193 C C   . VAL A 1 139 ? -2.771  9.859   -5.743  1.00 10.67 ? 145 VAL B C   1 
ATOM   1194 O O   . VAL A 1 139 ? -3.655  9.499   -6.567  1.00 12.18 ? 145 VAL B O   1 
ATOM   1195 C CB  . VAL A 1 139 ? -3.902  9.150   -3.619  1.00 12.30 ? 145 VAL B CB  1 
ATOM   1196 C CG1 . VAL A 1 139 ? -2.867  8.031   -3.394  1.00 12.23 ? 145 VAL B CG1 1 
ATOM   1197 C CG2 . VAL A 1 139 ? -4.568  9.598   -2.320  1.00 12.44 ? 145 VAL B CG2 1 
ATOM   1198 N N   . SER A 1 140 ? -1.493  9.966   -6.004  1.00 11.64 ? 146 SER B N   1 
ATOM   1199 C CA  . SER A 1 140 ? -0.918  9.611   -7.307  1.00 12.83 ? 146 SER B CA  1 
ATOM   1200 C C   . SER A 1 140 ? 0.141   8.527   -7.141  1.00 11.69 ? 146 SER B C   1 
ATOM   1201 O O   . SER A 1 140 ? 0.855   8.482   -6.158  1.00 12.40 ? 146 SER B O   1 
ATOM   1202 C CB  . SER A 1 140 ? -0.347  10.848  -7.986  1.00 12.87 ? 146 SER B CB  1 
ATOM   1203 O OG  . SER A 1 140 ? -1.372  11.771  -8.359  1.00 13.44 ? 146 SER B OG  1 
ATOM   1204 N N   . PHE A 1 141 ? 0.260   7.725   -8.194  1.00 11.31 ? 147 PHE B N   1 
ATOM   1205 C CA  . PHE A 1 141 ? 1.156   6.575   -8.287  1.00 11.13 ? 147 PHE B CA  1 
ATOM   1206 C C   . PHE A 1 141 ? 2.050   6.767   -9.496  1.00 12.24 ? 147 PHE B C   1 
ATOM   1207 O O   . PHE A 1 141 ? 1.529   7.053   -10.605 1.00 11.29 ? 147 PHE B O   1 
ATOM   1208 C CB  . PHE A 1 141 ? 0.376   5.239   -8.345  1.00 11.67 ? 147 PHE B CB  1 
ATOM   1209 C CG  . PHE A 1 141 ? -0.486  4.999   -7.142  1.00 10.99 ? 147 PHE B CG  1 
ATOM   1210 C CD1 . PHE A 1 141 ? -1.752  5.565   -7.033  1.00 11.27 ? 147 PHE B CD1 1 
ATOM   1211 C CD2 . PHE A 1 141 ? -0.035  4.157   -6.137  1.00 12.01 ? 147 PHE B CD2 1 
ATOM   1212 C CE1 . PHE A 1 141 ? -2.509  5.377   -5.876  1.00 11.31 ? 147 PHE B CE1 1 
ATOM   1213 C CE2 . PHE A 1 141 ? -0.805  3.969   -4.997  1.00 11.23 ? 147 PHE B CE2 1 
ATOM   1214 C CZ  . PHE A 1 141 ? -2.050  4.539   -4.883  1.00 11.04 ? 147 PHE B CZ  1 
ATOM   1215 N N   . TYR A 1 142 ? 3.325   6.470   -9.294  1.00 12.60 ? 148 TYR B N   1 
ATOM   1216 C CA  . TYR A 1 142 ? 4.380   6.694   -10.311 1.00 14.29 ? 148 TYR B CA  1 
ATOM   1217 C C   . TYR A 1 142 ? 5.218   5.445   -10.516 1.00 15.07 ? 148 TYR B C   1 
ATOM   1218 O O   . TYR A 1 142 ? 5.535   4.689   -9.586  1.00 13.91 ? 148 TYR B O   1 
ATOM   1219 C CB  . TYR A 1 142 ? 5.264   7.882   -9.972  1.00 13.33 ? 148 TYR B CB  1 
ATOM   1220 C CG  . TYR A 1 142 ? 4.512   9.192   -9.889  1.00 14.38 ? 148 TYR B CG  1 
ATOM   1221 C CD1 . TYR A 1 142 ? 4.209   9.910   -11.037 1.00 15.35 ? 148 TYR B CD1 1 
ATOM   1222 C CD2 . TYR A 1 142 ? 3.968   9.654   -8.704  1.00 15.63 ? 148 TYR B CD2 1 
ATOM   1223 C CE1 . TYR A 1 142 ? 3.436   11.063  -10.992 1.00 15.76 ? 148 TYR B CE1 1 
ATOM   1224 C CE2 . TYR A 1 142 ? 3.198   10.811  -8.637  1.00 15.72 ? 148 TYR B CE2 1 
ATOM   1225 C CZ  . TYR A 1 142 ? 2.945   11.545  -9.786  1.00 15.90 ? 148 TYR B CZ  1 
ATOM   1226 O OH  . TYR A 1 142 ? 2.159   12.691  -9.748  1.00 18.51 ? 148 TYR B OH  1 
ATOM   1227 N N   . ASN A 1 143 ? 5.652   5.237   -11.747 1.00 15.65 ? 149 ASN B N   1 
ATOM   1228 C CA  . ASN A 1 143 ? 6.415   4.027   -12.172 1.00 14.54 ? 149 ASN B CA  1 
ATOM   1229 C C   . ASN A 1 143 ? 7.899   4.398   -12.137 1.00 14.21 ? 149 ASN B C   1 
ATOM   1230 O O   . ASN A 1 143 ? 8.392   5.065   -13.117 1.00 16.71 ? 149 ASN B O   1 
ATOM   1231 C CB  . ASN A 1 143 ? 5.995   3.590   -13.570 1.00 14.88 ? 149 ASN B CB  1 
ATOM   1232 C CG  . ASN A 1 143 ? 6.698   2.315   -14.034 1.00 15.69 ? 149 ASN B CG  1 
ATOM   1233 O OD1 . ASN A 1 143 ? 7.745   1.977   -13.481 1.00 17.29 ? 149 ASN B OD1 1 
ATOM   1234 N ND2 . ASN A 1 143 ? 6.092   1.636   -14.973 1.00 16.22 ? 149 ASN B ND2 1 
ATOM   1235 N N   . ILE A 1 144 ? 8.635   4.082   -11.086 1.00 16.05 ? 150 ILE B N   1 
ATOM   1236 C CA  . ILE A 1 144 ? 10.015  4.594   -10.885 1.00 16.59 ? 150 ILE B CA  1 
ATOM   1237 C C   . ILE A 1 144 ? 10.907  3.901   -11.935 1.00 18.08 ? 150 ILE B C   1 
ATOM   1238 O O   . ILE A 1 144 ? 11.877  4.554   -12.390 1.00 20.72 ? 150 ILE B O   1 
ATOM   1239 C CB  . ILE A 1 144 ? 10.470  4.332   -9.447  1.00 17.90 ? 150 ILE B CB  1 
ATOM   1240 C CG1 . ILE A 1 144 ? 9.557   4.984   -8.393  1.00 19.84 ? 150 ILE B CG1 1 
ATOM   1241 C CG2 . ILE A 1 144 ? 11.919  4.767   -9.257  1.00 20.71 ? 150 ILE B CG2 1 
ATOM   1242 C CD1 . ILE A 1 144 ? 9.165   6.405   -8.723  1.00 22.18 ? 150 ILE B CD1 1 
ATOM   1243 N N   . THR A 1 145 ? 10.597  2.673   -12.319 1.00 18.38 ? 151 THR B N   1 
ATOM   1244 C CA  . THR A 1 145 ? 11.333  1.861   -13.350 1.00 18.63 ? 151 THR B CA  1 
ATOM   1245 C C   . THR A 1 145 ? 11.289  2.596   -14.685 1.00 21.56 ? 151 THR B C   1 
ATOM   1246 O O   . THR A 1 145 ? 12.312  2.558   -15.413 1.00 25.27 ? 151 THR B O   1 
ATOM   1247 C CB  . THR A 1 145 ? 10.737  0.447   -13.432 1.00 18.68 ? 151 THR B CB  1 
ATOM   1248 O OG1 . THR A 1 145 ? 10.731  -0.076  -12.106 1.00 18.69 ? 151 THR B OG1 1 
ATOM   1249 C CG2 . THR A 1 145 ? 11.559  -0.467  -14.318 1.00 19.52 ? 151 THR B CG2 1 
ATOM   1250 N N   . ASP A 1 146 ? 10.172  3.227   -15.018 1.00 19.64 ? 152 ASP B N   1 
ATOM   1251 C CA  . ASP A 1 146 ? 9.945   3.956   -16.302 1.00 21.11 ? 152 ASP B CA  1 
ATOM   1252 C C   . ASP A 1 146 ? 10.062  5.474   -16.112 1.00 21.80 ? 152 ASP B C   1 
ATOM   1253 O O   . ASP A 1 146 ? 9.109   6.184   -16.478 1.00 22.96 ? 152 ASP B O   1 
ATOM   1254 C CB  . ASP A 1 146 ? 8.643   3.483   -16.890 1.00 21.01 ? 152 ASP B CB  1 
ATOM   1255 C CG  . ASP A 1 146 ? 8.363   4.101   -18.236 1.00 26.71 ? 152 ASP B CG  1 
ATOM   1256 O OD1 . ASP A 1 146 ? 9.319   4.164   -19.031 1.00 26.00 ? 152 ASP B OD1 1 
ATOM   1257 O OD2 . ASP A 1 146 ? 7.219   4.554   -18.431 1.00 26.71 ? 152 ASP B OD2 1 
ATOM   1258 N N   . HIS A 1 147 ? 11.147  5.950   -15.524 1.00 24.21 ? 153 HIS B N   1 
ATOM   1259 C CA  . HIS A 1 147 ? 11.484  7.397   -15.487 1.00 26.03 ? 153 HIS B CA  1 
ATOM   1260 C C   . HIS A 1 147 ? 10.387  8.154   -14.728 1.00 26.13 ? 153 HIS B C   1 
ATOM   1261 O O   . HIS A 1 147 ? 10.149  9.324   -15.015 1.00 28.40 ? 153 HIS B O   1 
ATOM   1262 C CB  . HIS A 1 147 ? 11.600  8.007   -16.899 1.00 32.32 ? 153 HIS B CB  1 
ATOM   1263 C CG  . HIS A 1 147 ? 12.487  7.300   -17.879 1.00 40.83 ? 153 HIS B CG  1 
ATOM   1264 N ND1 . HIS A 1 147 ? 13.870  7.332   -17.790 1.00 48.52 ? 153 HIS B ND1 1 
ATOM   1265 C CD2 . HIS A 1 147 ? 12.191  6.618   -19.009 1.00 44.57 ? 153 HIS B CD2 1 
ATOM   1266 C CE1 . HIS A 1 147 ? 14.389  6.658   -18.801 1.00 48.97 ? 153 HIS B CE1 1 
ATOM   1267 N NE2 . HIS A 1 147 ? 13.378  6.213   -19.567 1.00 48.07 ? 153 HIS B NE2 1 
ATOM   1268 N N   . GLY A 1 148 ? 9.699   7.513   -13.787 1.00 21.65 ? 154 GLY B N   1 
ATOM   1269 C CA  . GLY A 1 148 ? 8.710   8.255   -12.971 1.00 19.27 ? 154 GLY B CA  1 
ATOM   1270 C C   . GLY A 1 148 ? 7.381   8.457   -13.671 1.00 17.35 ? 154 GLY B C   1 
ATOM   1271 O O   . GLY A 1 148 ? 6.679   9.377   -13.253 1.00 17.73 ? 154 GLY B O   1 
ATOM   1272 N N   . SER A 1 149 ? 7.061   7.721   -14.713 1.00 16.89 ? 155 SER B N   1 
ATOM   1273 C CA  . SER A 1 149 ? 5.827   7.956   -15.498 1.00 15.51 ? 155 SER B CA  1 
ATOM   1274 C C   . SER A 1 149 ? 4.575   7.808   -14.621 1.00 15.73 ? 155 SER B C   1 
ATOM   1275 O O   . SER A 1 149 ? 4.520   6.916   -13.730 1.00 16.15 ? 155 SER B O   1 
ATOM   1276 C CB  . SER A 1 149 ? 5.750   7.073   -16.713 1.00 16.27 ? 155 SER B CB  1 
ATOM   1277 O OG  . SER A 1 149 ? 5.811   5.689   -16.435 1.00 17.23 ? 155 SER B OG  1 
ATOM   1278 N N   . LEU A 1 150 ? 3.553   8.580   -14.878 1.00 15.05 ? 156 LEU B N   1 
ATOM   1279 C CA  . LEU A 1 150 ? 2.299   8.440   -14.085 1.00 13.14 ? 156 LEU B CA  1 
ATOM   1280 C C   . LEU A 1 150 ? 1.605   7.116   -14.376 1.00 13.81 ? 156 LEU B C   1 
ATOM   1281 O O   . LEU A 1 150 ? 1.381   6.708   -15.556 1.00 14.47 ? 156 LEU B O   1 
ATOM   1282 C CB  . LEU A 1 150 ? 1.345   9.596   -14.437 1.00 13.56 ? 156 LEU B CB  1 
ATOM   1283 C CG  . LEU A 1 150 ? -0.021  9.627   -13.723 1.00 13.81 ? 156 LEU B CG  1 
ATOM   1284 C CD1 . LEU A 1 150 ? 0.165   9.950   -12.258 1.00 14.74 ? 156 LEU B CD1 1 
ATOM   1285 C CD2 . LEU A 1 150 ? -0.922  10.735  -14.360 1.00 15.19 ? 156 LEU B CD2 1 
ATOM   1286 N N   . ILE A 1 151 ? 1.156   6.460   -13.284 1.00 12.36 ? 157 ILE B N   1 
ATOM   1287 C CA  . ILE A 1 151 ? 0.308   5.272   -13.345 1.00 13.41 ? 157 ILE B CA  1 
ATOM   1288 C C   . ILE A 1 151 ? -1.162  5.619   -13.170 1.00 12.03 ? 157 ILE B C   1 
ATOM   1289 O O   . ILE A 1 151 ? -2.040  5.154   -13.915 1.00 12.56 ? 157 ILE B O   1 
ATOM   1290 C CB  . ILE A 1 151 ? 0.793   4.237   -12.305 1.00 12.37 ? 157 ILE B CB  1 
ATOM   1291 C CG1 . ILE A 1 151 ? 2.194   3.749   -12.616 1.00 13.22 ? 157 ILE B CG1 1 
ATOM   1292 C CG2 . ILE A 1 151 ? -0.188  3.073   -12.228 1.00 12.23 ? 157 ILE B CG2 1 
ATOM   1293 C CD1 . ILE A 1 151 ? 2.770   2.859   -11.512 1.00 14.69 ? 157 ILE B CD1 1 
ATOM   1294 N N   . TYR A 1 152 ? -1.476  6.395   -12.122 1.00 12.02 ? 158 TYR B N   1 
ATOM   1295 C CA  . TYR A 1 152 ? -2.901  6.648   -11.789 1.00 11.28 ? 158 TYR B CA  1 
ATOM   1296 C C   . TYR A 1 152 ? -2.955  7.808   -10.798 1.00 11.83 ? 158 TYR B C   1 
ATOM   1297 O O   . TYR A 1 152 ? -2.082  7.903   -9.913  1.00 11.89 ? 158 TYR B O   1 
ATOM   1298 C CB  . TYR A 1 152 ? -3.570  5.431   -11.097 1.00 11.85 ? 158 TYR B CB  1 
ATOM   1299 C CG  . TYR A 1 152 ? -5.053  5.560   -11.029 1.00 11.68 ? 158 TYR B CG  1 
ATOM   1300 C CD1 . TYR A 1 152 ? -5.871  5.339   -12.133 1.00 12.63 ? 158 TYR B CD1 1 
ATOM   1301 C CD2 . TYR A 1 152 ? -5.680  6.001   -9.866  1.00 11.14 ? 158 TYR B CD2 1 
ATOM   1302 C CE1 . TYR A 1 152 ? -7.242  5.525   -12.059 1.00 13.30 ? 158 TYR B CE1 1 
ATOM   1303 C CE2 . TYR A 1 152 ? -7.033  6.178   -9.788  1.00 11.42 ? 158 TYR B CE2 1 
ATOM   1304 C CZ  . TYR A 1 152 ? -7.819  5.993   -10.898 1.00 13.19 ? 158 TYR B CZ  1 
ATOM   1305 O OH  . TYR A 1 152 ? -9.167  6.209   -10.883 1.00 15.79 ? 158 TYR B OH  1 
ATOM   1306 N N   . THR A 1 153 ? -3.976  8.666   -10.933 1.00 11.60 ? 159 THR B N   1 
ATOM   1307 C CA  . THR A 1 153 ? -4.298  9.736   -9.969  1.00 12.48 ? 159 THR B CA  1 
ATOM   1308 C C   . THR A 1 153 ? -5.748  9.585   -9.534  1.00 11.94 ? 159 THR B C   1 
ATOM   1309 O O   . THR A 1 153 ? -6.680  9.638   -10.352 1.00 13.29 ? 159 THR B O   1 
ATOM   1310 C CB  . THR A 1 153 ? -4.091  11.137  -10.590 1.00 12.54 ? 159 THR B CB  1 
ATOM   1311 O OG1 . THR A 1 153 ? -2.682  11.292  -10.737 1.00 12.73 ? 159 THR B OG1 1 
ATOM   1312 C CG2 . THR A 1 153 ? -4.654  12.227  -9.695  1.00 14.20 ? 159 THR B CG2 1 
ATOM   1313 N N   . PHE A 1 154 ? -5.940  9.417   -8.215  1.00 12.09 ? 160 PHE B N   1 
ATOM   1314 C CA  . PHE A 1 154 ? -7.238  9.642   -7.542  1.00 12.32 ? 160 PHE B CA  1 
ATOM   1315 C C   . PHE A 1 154 ? -7.319  11.137  -7.201  1.00 12.37 ? 160 PHE B C   1 
ATOM   1316 O O   . PHE A 1 154 ? -6.441  11.625  -6.534  1.00 12.22 ? 160 PHE B O   1 
ATOM   1317 C CB  . PHE A 1 154 ? -7.351  8.875   -6.221  1.00 12.23 ? 160 PHE B CB  1 
ATOM   1318 C CG  . PHE A 1 154 ? -7.414  7.369   -6.319  1.00 10.87 ? 160 PHE B CG  1 
ATOM   1319 C CD1 . PHE A 1 154 ? -6.259  6.592   -6.311  1.00 10.82 ? 160 PHE B CD1 1 
ATOM   1320 C CD2 . PHE A 1 154 ? -8.628  6.729   -6.279  1.00 10.90 ? 160 PHE B CD2 1 
ATOM   1321 C CE1 . PHE A 1 154 ? -6.335  5.209   -6.333  1.00 11.18 ? 160 PHE B CE1 1 
ATOM   1322 C CE2 . PHE A 1 154 ? -8.692  5.328   -6.318  1.00 11.13 ? 160 PHE B CE2 1 
ATOM   1323 C CZ  . PHE A 1 154 ? -7.539  4.593   -6.313  1.00 10.53 ? 160 PHE B CZ  1 
ATOM   1324 N N   . SER A 1 155 ? -8.352  11.787  -7.713  1.00 14.55 ? 161 SER B N   1 
ATOM   1325 C CA  . SER A 1 155 ? -8.615  13.179  -7.354  1.00 14.55 ? 161 SER B CA  1 
ATOM   1326 C C   . SER A 1 155 ? -10.005 13.302  -6.742  1.00 14.94 ? 161 SER B C   1 
ATOM   1327 O O   . SER A 1 155 ? -10.801 12.374  -6.742  1.00 16.77 ? 161 SER B O   1 
ATOM   1328 C CB  . SER A 1 155 ? -8.395  14.037  -8.574  1.00 17.21 ? 161 SER B CB  1 
ATOM   1329 O OG  . SER A 1 155 ? -9.404  13.889  -9.523  1.00 20.16 ? 161 SER B OG  1 
ATOM   1330 N N   . GLU A 1 156 ? -10.284 14.485  -6.174  1.00 18.01 ? 162 GLU B N   1 
ATOM   1331 C CA  . GLU A 1 156 ? -11.556 14.698  -5.430  1.00 19.58 ? 162 GLU B CA  1 
ATOM   1332 C C   . GLU A 1 156 ? -11.680 13.670  -4.308  1.00 18.35 ? 162 GLU B C   1 
ATOM   1333 O O   . GLU A 1 156 ? -12.807 13.235  -3.987  1.00 19.74 ? 162 GLU B O   1 
ATOM   1334 C CB  . GLU A 1 156 ? -12.769 14.578  -6.357  1.00 23.15 ? 162 GLU B CB  1 
ATOM   1335 C CG  . GLU A 1 156 ? -12.678 15.394  -7.629  1.00 28.65 ? 162 GLU B CG  1 
ATOM   1336 C CD  . GLU A 1 156 ? -14.037 15.344  -8.295  1.00 39.82 ? 162 GLU B CD  1 
ATOM   1337 O OE1 . GLU A 1 156 ? -14.331 14.333  -8.979  1.00 45.16 ? 162 GLU B OE1 1 
ATOM   1338 O OE2 . GLU A 1 156 ? -14.853 16.244  -8.011  1.00 44.64 ? 162 GLU B OE2 1 
ATOM   1339 N N   . CYS A 1 157 ? -10.552 13.351  -3.667  1.00 16.50 ? 163 CYS B N   1 
ATOM   1340 C CA  . CYS A 1 157 ? -10.580 12.318  -2.611  1.00 14.66 ? 163 CYS B CA  1 
ATOM   1341 C C   . CYS A 1 157 ? -11.277 12.891  -1.370  1.00 16.08 ? 163 CYS B C   1 
ATOM   1342 O O   . CYS A 1 157 ? -10.985 14.083  -1.024  1.00 17.97 ? 163 CYS B O   1 
ATOM   1343 C CB  . CYS A 1 157 ? -9.199  11.816  -2.200  1.00 14.08 ? 163 CYS B CB  1 
ATOM   1344 S SG  . CYS A 1 157 ? -8.291  10.952  -3.519  1.00 14.61 ? 163 CYS B SG  1 
ATOM   1345 N N   . VAL A 1 158 ? -12.090 12.081  -0.724  1.00 15.20 ? 164 VAL B N   1 
ATOM   1346 C CA  . VAL A 1 158 ? -12.751 12.535  0.522   1.00 17.00 ? 164 VAL B CA  1 
ATOM   1347 C C   . VAL A 1 158 ? -12.117 11.670  1.609   1.00 15.48 ? 164 VAL B C   1 
ATOM   1348 O O   . VAL A 1 158 ? -12.613 10.592  1.970   1.00 18.42 ? 164 VAL B O   1 
ATOM   1349 C CB  . VAL A 1 158 ? -14.294 12.458  0.375   1.00 19.35 ? 164 VAL B CB  1 
ATOM   1350 C CG1 . VAL A 1 158 ? -14.913 12.894  1.709   1.00 20.92 ? 164 VAL B CG1 1 
ATOM   1351 C CG2 . VAL A 1 158 ? -14.799 13.327  -0.769  1.00 21.77 ? 164 VAL B CG2 1 
ATOM   1352 N N   . PHE A 1 159 ? -10.958 12.079  2.131   1.00 13.97 ? 165 PHE B N   1 
ATOM   1353 C CA  . PHE A 1 159 ? -10.153 11.296  3.084   1.00 14.76 ? 165 PHE B CA  1 
ATOM   1354 C C   . PHE A 1 159 ? -10.967 11.029  4.340   1.00 17.26 ? 165 PHE B C   1 
ATOM   1355 O O   . PHE A 1 159 ? -11.003 9.887   4.823   1.00 16.88 ? 165 PHE B O   1 
ATOM   1356 C CB  . PHE A 1 159 ? -8.786  11.916  3.303   1.00 14.76 ? 165 PHE B CB  1 
ATOM   1357 C CG  . PHE A 1 159 ? -7.913  12.008  2.063   1.00 13.14 ? 165 PHE B CG  1 
ATOM   1358 C CD1 . PHE A 1 159 ? -7.755  10.880  1.258   1.00 13.48 ? 165 PHE B CD1 1 
ATOM   1359 C CD2 . PHE A 1 159 ? -7.234  13.165  1.719   1.00 14.42 ? 165 PHE B CD2 1 
ATOM   1360 C CE1 . PHE A 1 159 ? -6.941  10.942  0.137   1.00 14.40 ? 165 PHE B CE1 1 
ATOM   1361 C CE2 . PHE A 1 159 ? -6.411  13.227  0.601   1.00 14.48 ? 165 PHE B CE2 1 
ATOM   1362 C CZ  . PHE A 1 159 ? -6.246  12.085  -0.170  1.00 13.99 ? 165 PHE B CZ  1 
ATOM   1363 N N   . ALA A 1 160 ? -11.554 12.083  4.886   1.00 15.75 ? 166 ALA B N   1 
ATOM   1364 C CA  . ALA A 1 160 ? -12.492 12.000  6.029   1.00 16.29 ? 166 ALA B CA  1 
ATOM   1365 C C   . ALA A 1 160 ? -11.815 11.485  7.294   1.00 15.73 ? 166 ALA B C   1 
ATOM   1366 O O   . ALA A 1 160 ? -12.535 10.884  8.149   1.00 17.36 ? 166 ALA B O   1 
ATOM   1367 C CB  . ALA A 1 160 ? -13.708 11.201  5.689   1.00 17.08 ? 166 ALA B CB  1 
ATOM   1368 N N   . GLY A 1 161 ? -10.539 11.705  7.444   1.00 17.11 ? 167 GLY B N   1 
ATOM   1369 C CA  . GLY A 1 161 ? -9.770  11.287  8.625   1.00 17.04 ? 167 GLY B CA  1 
ATOM   1370 C C   . GLY A 1 161 ? -8.282  11.247  8.362   1.00 15.40 ? 167 GLY B C   1 
ATOM   1371 O O   . GLY A 1 161 ? -7.825  11.550  7.233   1.00 15.42 ? 167 GLY B O   1 
ATOM   1372 N N   . PRO A 1 162 ? -7.489  10.934  9.372   1.00 14.38 ? 168 PRO B N   1 
ATOM   1373 C CA  . PRO A 1 162 ? -6.056  10.762  9.199   1.00 13.38 ? 168 PRO B CA  1 
ATOM   1374 C C   . PRO A 1 162 ? -5.802  9.606   8.222   1.00 13.63 ? 168 PRO B C   1 
ATOM   1375 O O   . PRO A 1 162 ? -6.565  8.647   8.203   1.00 14.41 ? 168 PRO B O   1 
ATOM   1376 C CB  . PRO A 1 162 ? -5.475  10.444  10.580  1.00 14.15 ? 168 PRO B CB  1 
ATOM   1377 C CG  . PRO A 1 162 ? -6.663  10.834  11.511  1.00 14.30 ? 168 PRO B CG  1 
ATOM   1378 C CD  . PRO A 1 162 ? -7.911  10.631  10.750  1.00 14.31 ? 168 PRO B CD  1 
ATOM   1379 N N   . LEU A 1 163 ? -4.711  9.738   7.479   1.00 12.99 ? 169 LEU B N   1 
ATOM   1380 C CA  . LEU A 1 163 ? -4.320  8.674   6.496   1.00 12.52 ? 169 LEU B CA  1 
ATOM   1381 C C   . LEU A 1 163 ? -3.123  7.906   7.031   1.00 14.05 ? 169 LEU B C   1 
ATOM   1382 O O   . LEU A 1 163 ? -2.215  8.496   7.623   1.00 14.45 ? 169 LEU B O   1 
ATOM   1383 C CB  . LEU A 1 163 ? -3.962  9.312   5.154   1.00 13.97 ? 169 LEU B CB  1 
ATOM   1384 C CG  . LEU A 1 163 ? -5.117  9.901   4.338   1.00 14.72 ? 169 LEU B CG  1 
ATOM   1385 C CD1 . LEU A 1 163 ? -4.554  10.581  3.123   1.00 15.36 ? 169 LEU B CD1 1 
ATOM   1386 C CD2 . LEU A 1 163 ? -6.169  8.834   3.975   1.00 15.70 ? 169 LEU B CD2 1 
ATOM   1387 N N   . ARG A 1 164 ? -3.077  6.627   6.677   1.00 13.79 ? 170 ARG B N   1 
ATOM   1388 C CA  . ARG A 1 164 ? -1.909  5.764   6.934   1.00 13.02 ? 170 ARG B CA  1 
ATOM   1389 C C   . ARG A 1 164 ? -1.418  5.082   5.652   1.00 11.12 ? 170 ARG B C   1 
ATOM   1390 O O   . ARG A 1 164 ? -2.238  4.694   4.828   1.00 11.84 ? 170 ARG B O   1 
ATOM   1391 C CB  . ARG A 1 164 ? -2.241  4.698   7.979   1.00 14.38 ? 170 ARG B CB  1 
ATOM   1392 C CG  . ARG A 1 164 ? -2.632  5.399   9.294   1.00 17.70 ? 170 ARG B CG  1 
ATOM   1393 C CD  . ARG A 1 164 ? -2.911  4.518   10.458  1.00 20.10 ? 170 ARG B CD  1 
ATOM   1394 N NE  . ARG A 1 164 ? -1.696  3.822   10.829  1.00 19.12 ? 170 ARG B NE  1 
ATOM   1395 C CZ  . ARG A 1 164 ? -1.649  2.955   11.834  1.00 19.57 ? 170 ARG B CZ  1 
ATOM   1396 N NH1 . ARG A 1 164 ? -2.706  2.765   12.592  1.00 19.54 ? 170 ARG B NH1 1 
ATOM   1397 N NH2 . ARG A 1 164 ? -0.523  2.317   12.088  1.00 17.21 ? 170 ARG B NH2 1 
ATOM   1398 N N   . PRO A 1 165 ? -0.100  4.959   5.458   1.00 11.10 ? 171 PRO B N   1 
ATOM   1399 C CA  . PRO A 1 165 ? 0.397   4.111   4.356   1.00 11.51 ? 171 PRO B CA  1 
ATOM   1400 C C   . PRO A 1 165 ? -0.158  2.687   4.496   1.00 10.51 ? 171 PRO B C   1 
ATOM   1401 O O   . PRO A 1 165 ? -0.320  2.160   5.594   1.00 11.56 ? 171 PRO B O   1 
ATOM   1402 C CB  . PRO A 1 165 ? 1.916   4.128   4.521   1.00 11.62 ? 171 PRO B CB  1 
ATOM   1403 C CG  . PRO A 1 165 ? 2.181   5.404   5.373   1.00 12.47 ? 171 PRO B CG  1 
ATOM   1404 C CD  . PRO A 1 165 ? 1.000   5.448   6.301   1.00 13.26 ? 171 PRO B CD  1 
ATOM   1405 N N   . PHE A 1 166 ? -0.556  2.112   3.356   1.00 10.66 ? 172 PHE B N   1 
ATOM   1406 C CA  . PHE A 1 166 ? -1.254  0.807   3.294   1.00 11.24 ? 172 PHE B CA  1 
ATOM   1407 C C   . PHE A 1 166 ? -0.482  -0.151  2.370   1.00 10.19 ? 172 PHE B C   1 
ATOM   1408 O O   . PHE A 1 166 ? -0.046  0.233   1.267   1.00 10.45 ? 172 PHE B O   1 
ATOM   1409 C CB  . PHE A 1 166 ? -2.663  1.009   2.752   1.00 11.43 ? 172 PHE B CB  1 
ATOM   1410 C CG  . PHE A 1 166 ? -3.421  -0.282  2.497   1.00 11.61 ? 172 PHE B CG  1 
ATOM   1411 C CD1 . PHE A 1 166 ? -3.980  -0.992  3.549   1.00 12.27 ? 172 PHE B CD1 1 
ATOM   1412 C CD2 . PHE A 1 166 ? -3.454  -0.859  1.238   1.00 12.48 ? 172 PHE B CD2 1 
ATOM   1413 C CE1 . PHE A 1 166 ? -4.619  -2.203  3.338   1.00 12.54 ? 172 PHE B CE1 1 
ATOM   1414 C CE2 . PHE A 1 166 ? -4.076  -2.087  1.046   1.00 11.61 ? 172 PHE B CE2 1 
ATOM   1415 C CZ  . PHE A 1 166 ? -4.673  -2.743  2.091   1.00 12.34 ? 172 PHE B CZ  1 
ATOM   1416 N N   . PHE A 1 167 ? -0.369  -1.415  2.814   1.00 10.54 ? 173 PHE B N   1 
ATOM   1417 C CA  . PHE A 1 167 ? 0.395   -2.478  2.120   1.00 10.52 ? 173 PHE B CA  1 
ATOM   1418 C C   . PHE A 1 167 ? -0.377  -3.787  2.170   1.00 12.17 ? 173 PHE B C   1 
ATOM   1419 O O   . PHE A 1 167 ? -0.882  -4.145  3.244   1.00 11.29 ? 173 PHE B O   1 
ATOM   1420 C CB  . PHE A 1 167 ? 1.774   -2.682  2.776   1.00 11.18 ? 173 PHE B CB  1 
ATOM   1421 C CG  . PHE A 1 167 ? 2.575   -1.410  2.953   1.00 10.71 ? 173 PHE B CG  1 
ATOM   1422 C CD1 . PHE A 1 167 ? 2.370   -0.628  4.075   1.00 10.93 ? 173 PHE B CD1 1 
ATOM   1423 C CD2 . PHE A 1 167 ? 3.514   -0.991  2.020   1.00 12.99 ? 173 PHE B CD2 1 
ATOM   1424 C CE1 . PHE A 1 167 ? 3.040   0.578   4.240   1.00 10.82 ? 173 PHE B CE1 1 
ATOM   1425 C CE2 . PHE A 1 167 ? 4.214   0.182   2.216   1.00 12.74 ? 173 PHE B CE2 1 
ATOM   1426 C CZ  . PHE A 1 167 ? 3.977   0.963   3.324   1.00 13.08 ? 173 PHE B CZ  1 
ATOM   1427 N N   . ASN A 1 168 ? -0.332  -4.529  1.061   1.00 11.40 ? 174 ASN B N   1 
ATOM   1428 C CA  . ASN A 1 168 ? -0.754  -5.947  1.032   1.00 10.25 ? 174 ASN B CA  1 
ATOM   1429 C C   . ASN A 1 168 ? 0.326   -6.699  0.258   1.00 10.64 ? 174 ASN B C   1 
ATOM   1430 O O   . ASN A 1 168 ? 0.558   -6.404  -0.916  1.00 11.27 ? 174 ASN B O   1 
ATOM   1431 C CB  . ASN A 1 168 ? -2.116  -6.076  0.354   1.00 11.17 ? 174 ASN B CB  1 
ATOM   1432 C CG  . ASN A 1 168 ? -2.646  -7.487  0.419   1.00 12.66 ? 174 ASN B CG  1 
ATOM   1433 O OD1 . ASN A 1 168 ? -2.013  -8.423  0.891   1.00 13.39 ? 174 ASN B OD1 1 
ATOM   1434 N ND2 . ASN A 1 168 ? -3.877  -7.689  -0.032  1.00 14.02 ? 174 ASN B ND2 1 
ATOM   1435 N N   . VAL A 1 169 ? 0.970   -7.679  0.923   1.00 11.18 ? 175 VAL B N   1 
ATOM   1436 C CA  . VAL A 1 169 ? 2.030   -8.476  0.255   1.00 11.34 ? 175 VAL B CA  1 
ATOM   1437 C C   . VAL A 1 169 ? 1.421   -9.508  -0.690  1.00 11.60 ? 175 VAL B C   1 
ATOM   1438 O O   . VAL A 1 169 ? 2.199   -10.125 -1.456  1.00 12.28 ? 175 VAL B O   1 
ATOM   1439 C CB  . VAL A 1 169 ? 3.016   -9.149  1.241   1.00 12.41 ? 175 VAL B CB  1 
ATOM   1440 C CG1 . VAL A 1 169 ? 3.744   -8.148  2.101   1.00 12.98 ? 175 VAL B CG1 1 
ATOM   1441 C CG2 . VAL A 1 169 ? 2.332   -10.157 2.128   1.00 12.42 ? 175 VAL B CG2 1 
ATOM   1442 N N   . GLY A 1 170 ? 0.112   -9.724  -0.586  1.00 11.81 ? 176 GLY B N   1 
ATOM   1443 C CA  . GLY A 1 170 ? -0.589  -10.756 -1.383  1.00 13.62 ? 176 GLY B CA  1 
ATOM   1444 C C   . GLY A 1 170 ? -0.393  -12.150 -0.854  1.00 13.84 ? 176 GLY B C   1 
ATOM   1445 O O   . GLY A 1 170 ? 0.526   -12.428 -0.071  1.00 12.80 ? 176 GLY B O   1 
ATOM   1446 N N   . PHE A 1 171 ? -1.282  -13.029 -1.315  0.42 15.04 ? 177 PHE B N   1 
ATOM   1447 C CA  . PHE A 1 171 ? -1.265  -14.484 -1.032  0.42 14.89 ? 177 PHE B CA  1 
ATOM   1448 C C   . PHE A 1 171 ? -0.053  -15.123 -1.717  0.42 14.32 ? 177 PHE B C   1 
ATOM   1449 O O   . PHE A 1 171 ? 0.458   -14.538 -2.692  0.42 14.72 ? 177 PHE B O   1 
ATOM   1450 C CB  . PHE A 1 171 ? -2.588  -15.108 -1.487  0.42 16.24 ? 177 PHE B CB  1 
ATOM   1451 C CG  . PHE A 1 171 ? -3.809  -14.628 -0.739  0.42 17.53 ? 177 PHE B CG  1 
ATOM   1452 C CD1 . PHE A 1 171 ? -3.942  -14.863 0.618   0.42 19.31 ? 177 PHE B CD1 1 
ATOM   1453 C CD2 . PHE A 1 171 ? -4.846  -13.971 -1.388  0.42 19.80 ? 177 PHE B CD2 1 
ATOM   1454 C CE1 . PHE A 1 171 ? -5.071  -14.449 1.310   0.42 19.71 ? 177 PHE B CE1 1 
ATOM   1455 C CE2 . PHE A 1 171 ? -5.972  -13.549 -0.692  0.42 19.53 ? 177 PHE B CE2 1 
ATOM   1456 C CZ  . PHE A 1 171 ? -6.079  -13.787 0.657   0.42 19.82 ? 177 PHE B CZ  1 
ATOM   1457 N N   . ASN A 1 172 ? 0.373   -16.294 -1.235  1.00 14.00 ? 178 ASN B N   1 
ATOM   1458 C CA  . ASN A 1 172 ? 1.434   -17.030 -1.941  1.00 13.33 ? 178 ASN B CA  1 
ATOM   1459 C C   . ASN A 1 172 ? 0.962   -18.465 -2.145  1.00 13.51 ? 178 ASN B C   1 
ATOM   1460 O O   . ASN A 1 172 ? 1.717   -19.419 -1.892  1.00 15.18 ? 178 ASN B O   1 
ATOM   1461 C CB  . ASN A 1 172 ? 2.742   -16.971 -1.190  1.00 13.72 ? 178 ASN B CB  1 
ATOM   1462 C CG  . ASN A 1 172 ? 3.882   -17.592 -1.964  1.00 14.58 ? 178 ASN B CG  1 
ATOM   1463 O OD1 . ASN A 1 172 ? 3.910   -17.552 -3.190  1.00 13.64 ? 178 ASN B OD1 1 
ATOM   1464 N ND2 . ASN A 1 172 ? 4.876   -18.096 -1.251  1.00 16.73 ? 178 ASN B ND2 1 
ATOM   1465 N N   . TYR A 1 173 ? -0.241  -18.620 -2.665  0.42 13.71 ? 179 TYR B N   1 
ATOM   1466 C CA  . TYR A 1 173 ? -0.787  -19.954 -3.016  0.42 14.30 ? 179 TYR B CA  1 
ATOM   1467 C C   . TYR A 1 173 ? 0.100   -20.588 -4.095  0.42 14.69 ? 179 TYR B C   1 
ATOM   1468 O O   . TYR A 1 173 ? 0.347   -21.822 -3.928  0.42 15.39 ? 179 TYR B O   1 
ATOM   1469 C CB  . TYR A 1 173 ? -2.274  -19.818 -3.352  0.42 15.13 ? 179 TYR B CB  1 
ATOM   1470 C CG  . TYR A 1 173 ? -3.139  -19.401 -2.186  0.42 16.32 ? 179 TYR B CG  1 
ATOM   1471 C CD1 . TYR A 1 173 ? -3.041  -20.034 -0.953  0.42 17.87 ? 179 TYR B CD1 1 
ATOM   1472 C CD2 . TYR A 1 173 ? -4.076  -18.394 -2.317  0.42 17.49 ? 179 TYR B CD2 1 
ATOM   1473 C CE1 . TYR A 1 173 ? -3.851  -19.678 0.115   0.42 17.82 ? 179 TYR B CE1 1 
ATOM   1474 C CE2 . TYR A 1 173 ? -4.880  -18.014 -1.251  0.42 16.43 ? 179 TYR B CE2 1 
ATOM   1475 C CZ  . TYR A 1 173 ? -4.772  -18.662 -0.034  0.42 18.09 ? 179 TYR B CZ  1 
ATOM   1476 O OH  . TYR A 1 173 ? -5.578  -18.282 1.002   0.42 20.60 ? 179 TYR B OH  1 
ATOM   1477 N N   . SER A 1 174 ? 0.631   -19.799 -5.049  1.00 14.05 ? 180 SER B N   1 
ATOM   1478 C CA  . SER A 1 174 ? 1.370   -20.264 -6.251  1.00 15.54 ? 180 SER B CA  1 
ATOM   1479 C C   . SER A 1 174 ? 2.803   -20.669 -5.908  1.00 13.72 ? 180 SER B C   1 
ATOM   1480 O O   . SER A 1 174 ? 3.439   -21.315 -6.787  1.00 16.01 ? 180 SER B O   1 
ATOM   1481 C CB  . SER A 1 174 ? 1.434   -19.198 -7.320  1.00 14.95 ? 180 SER B CB  1 
ATOM   1482 O OG  . SER A 1 174 ? 2.177   -18.056 -6.807  1.00 15.93 ? 180 SER B OG  1 
ATOM   1483 N N   . GLY A 1 175 ? 3.333   -20.254 -4.766  1.00 12.64 ? 181 GLY B N   1 
ATOM   1484 C CA  . GLY A 1 175 ? 4.778   -20.361 -4.543  1.00 13.22 ? 181 GLY B CA  1 
ATOM   1485 C C   . GLY A 1 175 ? 5.598   -19.366 -5.314  1.00 14.54 ? 181 GLY B C   1 
ATOM   1486 O O   . GLY A 1 175 ? 6.846   -19.411 -5.175  1.00 16.67 ? 181 GLY B O   1 
ATOM   1487 N N   . GLY A 1 176 ? 5.009   -18.470 -6.103  1.00 13.48 ? 182 GLY B N   1 
ATOM   1488 C CA  . GLY A 1 176 ? 5.736   -17.486 -6.904  1.00 13.17 ? 182 GLY B CA  1 
ATOM   1489 C C   . GLY A 1 176 ? 5.680   -16.072 -6.324  1.00 13.83 ? 182 GLY B C   1 
ATOM   1490 O O   . GLY A 1 176 ? 6.243   -15.154 -6.984  1.00 16.22 ? 182 GLY B O   1 
ATOM   1491 N N   . ASN A 1 177 ? 5.062   -15.888 -5.166  1.00 11.48 ? 183 ASN B N   1 
ATOM   1492 C CA  . ASN A 1 177 ? 4.838   -14.536 -4.613  1.00 11.34 ? 183 ASN B CA  1 
ATOM   1493 C C   . ASN A 1 177 ? 5.427   -14.399 -3.202  1.00 12.44 ? 183 ASN B C   1 
ATOM   1494 O O   . ASN A 1 177 ? 4.936   -13.534 -2.447  1.00 12.45 ? 183 ASN B O   1 
ATOM   1495 C CB  . ASN A 1 177 ? 3.361   -14.167 -4.596  1.00 11.77 ? 183 ASN B CB  1 
ATOM   1496 C CG  . ASN A 1 177 ? 3.133   -12.684 -4.412  1.00 11.92 ? 183 ASN B CG  1 
ATOM   1497 O OD1 . ASN A 1 177 ? 3.893   -11.904 -4.966  1.00 12.64 ? 183 ASN B OD1 1 
ATOM   1498 N ND2 . ASN A 1 177 ? 2.073   -12.360 -3.697  1.00 12.47 ? 183 ASN B ND2 1 
ATOM   1499 N N   . ALA A 1 178 ? 6.537   -15.063 -2.891  1.00 12.21 ? 184 ALA B N   1 
ATOM   1500 C CA  . ALA A 1 178 ? 7.124   -14.996 -1.536  1.00 12.57 ? 184 ALA B CA  1 
ATOM   1501 C C   . ALA A 1 178 ? 7.893   -13.703 -1.305  1.00 12.91 ? 184 ALA B C   1 
ATOM   1502 O O   . ALA A 1 178 ? 8.169   -13.381 -0.137  1.00 14.80 ? 184 ALA B O   1 
ATOM   1503 C CB  . ALA A 1 178 ? 8.069   -16.194 -1.315  1.00 13.26 ? 184 ALA B CB  1 
ATOM   1504 N N   . ALA A 1 179 ? 8.295   -13.024 -2.356  1.00 13.18 ? 185 ALA B N   1 
ATOM   1505 C CA  . ALA A 1 179 ? 9.211   -11.870 -2.194  1.00 13.16 ? 185 ALA B CA  1 
ATOM   1506 C C   . ALA A 1 179 ? 8.586   -10.764 -1.345  1.00 12.95 ? 185 ALA B C   1 
ATOM   1507 O O   . ALA A 1 179 ? 7.354   -10.562 -1.323  1.00 13.04 ? 185 ALA B O   1 
ATOM   1508 C CB  . ALA A 1 179 ? 9.617   -11.321 -3.528  1.00 13.16 ? 185 ALA B CB  1 
ATOM   1509 N N   . PRO A 1 180 ? 9.417   -9.997  -0.634  1.00 12.61 ? 186 PRO B N   1 
ATOM   1510 C CA  . PRO A 1 180 ? 8.894   -8.927  0.219   1.00 12.73 ? 186 PRO B CA  1 
ATOM   1511 C C   . PRO A 1 180 ? 8.467   -7.646  -0.527  1.00 12.07 ? 186 PRO B C   1 
ATOM   1512 O O   . PRO A 1 180 ? 8.853   -7.417  -1.657  1.00 13.07 ? 186 PRO B O   1 
ATOM   1513 C CB  . PRO A 1 180 ? 10.120  -8.583  1.081   1.00 13.68 ? 186 PRO B CB  1 
ATOM   1514 C CG  . PRO A 1 180 ? 11.288  -8.861  0.189   1.00 15.24 ? 186 PRO B CG  1 
ATOM   1515 C CD  . PRO A 1 180 ? 10.874  -10.132 -0.566  1.00 14.58 ? 186 PRO B CD  1 
ATOM   1516 N N   . LEU A 1 181 ? 7.666   -6.842  0.152   1.00 11.93 ? 187 LEU B N   1 
ATOM   1517 C CA  . LEU A 1 181 ? 7.584   -5.391  -0.146  1.00 12.00 ? 187 LEU B CA  1 
ATOM   1518 C C   . LEU A 1 181 ? 8.700   -4.724  0.650   1.00 13.30 ? 187 LEU B C   1 
ATOM   1519 O O   . LEU A 1 181 ? 8.844   -5.036  1.854   1.00 14.86 ? 187 LEU B O   1 
ATOM   1520 C CB  . LEU A 1 181 ? 6.223   -4.869  0.239   1.00 12.32 ? 187 LEU B CB  1 
ATOM   1521 C CG  . LEU A 1 181 ? 5.037   -5.390  -0.576  1.00 13.24 ? 187 LEU B CG  1 
ATOM   1522 C CD1 . LEU A 1 181 ? 3.716   -4.899  -0.011  1.00 14.21 ? 187 LEU B CD1 1 
ATOM   1523 C CD2 . LEU A 1 181 ? 5.114   -4.988  -2.033  1.00 14.95 ? 187 LEU B CD2 1 
ATOM   1524 N N   . LYS A 1 182 ? 9.384   -3.763  0.041   1.00 12.80 ? 188 LYS B N   1 
ATOM   1525 C CA  . LYS A 1 182 ? 10.480  -3.039  0.753   1.00 13.55 ? 188 LYS B CA  1 
ATOM   1526 C C   . LYS A 1 182 ? 10.248  -1.550  0.613   1.00 13.44 ? 188 LYS B C   1 
ATOM   1527 O O   . LYS A 1 182 ? 10.165  -1.066  -0.556  1.00 14.50 ? 188 LYS B O   1 
ATOM   1528 C CB  . LYS A 1 182 ? 11.874  -3.423  0.246   1.00 15.27 ? 188 LYS B CB  1 
ATOM   1529 C CG  . LYS A 1 182 ? 12.200  -4.897  0.171   1.00 18.72 ? 188 LYS B CG  1 
ATOM   1530 C CD  . LYS A 1 182 ? 13.657  -5.137  -0.224  1.00 23.26 ? 188 LYS B CD  1 
ATOM   1531 C CE  . LYS A 1 182 ? 13.964  -6.587  -0.516  1.00 27.76 ? 188 LYS B CE  1 
ATOM   1532 N NZ  . LYS A 1 182 ? 15.363  -6.726  -1.003  1.00 34.37 ? 188 LYS B NZ  1 
ATOM   1533 N N   . LEU A 1 183 ? 10.368  -0.811  1.692   1.00 13.63 ? 189 LEU B N   1 
ATOM   1534 C CA  . LEU A 1 183 ? 10.401  0.681   1.595   1.00 14.45 ? 189 LEU B CA  1 
ATOM   1535 C C   . LEU A 1 183 ? 11.790  1.083   1.135   1.00 15.77 ? 189 LEU B C   1 
ATOM   1536 O O   . LEU A 1 183 ? 12.755  0.777   1.862   1.00 19.33 ? 189 LEU B O   1 
ATOM   1537 C CB  . LEU A 1 183 ? 9.979   1.272   2.942   1.00 14.43 ? 189 LEU B CB  1 
ATOM   1538 C CG  . LEU A 1 183 ? 8.465   1.236   3.157   1.00 15.13 ? 189 LEU B CG  1 
ATOM   1539 C CD1 . LEU A 1 183 ? 8.017   1.197   4.615   1.00 20.88 ? 189 LEU B CD1 1 
ATOM   1540 C CD2 . LEU A 1 183 ? 7.746   2.335   2.364   1.00 14.04 ? 189 LEU B CD2 1 
ATOM   1541 N N   . CYS A 1 184 ? 11.879  1.831   0.035   1.00 17.64 ? 190 CYS B N   1 
ATOM   1542 C CA  . CYS A 1 184 ? 13.172  2.190   -0.603  1.00 19.69 ? 190 CYS B CA  1 
ATOM   1543 C C   . CYS A 1 184 ? 13.750  3.391   0.106   1.00 20.71 ? 190 CYS B C   1 
ATOM   1544 O O   . CYS A 1 184 ? 13.038  4.269   0.529   1.00 20.57 ? 190 CYS B O   1 
ATOM   1545 C CB  . CYS A 1 184 ? 12.972  2.683   -2.016  1.00 21.71 ? 190 CYS B CB  1 
ATOM   1546 S SG  . CYS A 1 184 ? 12.041  1.572   -3.061  1.00 22.24 ? 190 CYS B SG  1 
ATOM   1547 N N   . PRO A 1 185 ? 15.094  3.500   0.186   1.00 25.80 ? 191 PRO B N   1 
ATOM   1548 C CA  . PRO A 1 185 ? 15.708  4.652   0.816   1.00 30.86 ? 191 PRO B CA  1 
ATOM   1549 C C   . PRO A 1 185 ? 15.460  5.909   -0.027  1.00 27.92 ? 191 PRO B C   1 
ATOM   1550 O O   . PRO A 1 185 ? 15.375  5.827   -1.259  1.00 28.49 ? 191 PRO B O   1 
ATOM   1551 C CB  . PRO A 1 185 ? 17.180  4.199   0.926   1.00 30.79 ? 191 PRO B CB  1 
ATOM   1552 C CG  . PRO A 1 185 ? 17.369  3.269   -0.230  1.00 31.57 ? 191 PRO B CG  1 
ATOM   1553 C CD  . PRO A 1 185 ? 16.067  2.498   -0.293  1.00 28.53 ? 191 PRO B CD  1 
ATOM   1554 N N   . LEU A 1 186 ? 15.385  7.027   0.691   1.00 33.82 ? 192 LEU B N   1 
ATOM   1555 C CA  . LEU A 1 186 ? 15.409  8.436   0.238   1.00 38.53 ? 192 LEU B CA  1 
ATOM   1556 C C   . LEU A 1 186 ? 16.750  8.744   -0.431  1.00 41.97 ? 192 LEU B C   1 
ATOM   1557 O O   . LEU A 1 186 ? 16.699  9.559   -1.358  1.00 47.99 ? 192 LEU B O   1 
ATOM   1558 C CB  . LEU A 1 186 ? 15.235  9.327   1.474   1.00 38.87 ? 192 LEU B CB  1 
HETATM 1559 C C10 . JFM B 2 .   ? -3.288  -14.604 5.830   0.42 21.40 ? 201 JFM B C10 1 
HETATM 1560 C C13 . JFM B 2 .   ? -4.921  -16.630 4.793   0.42 21.62 ? 201 JFM B C13 1 
HETATM 1561 C C01 . JFM B 2 .   ? 0.080   -20.236 0.579   0.42 15.44 ? 201 JFM B C01 1 
HETATM 1562 S S02 . JFM B 2 .   ? -0.020  -18.847 1.657   0.42 15.46 ? 201 JFM B S02 1 
HETATM 1563 O O03 . JFM B 2 .   ? -0.030  -17.505 1.069   0.42 16.33 ? 201 JFM B O03 1 
HETATM 1564 O O04 . JFM B 2 .   ? 1.181   -18.787 2.508   0.42 18.00 ? 201 JFM B O04 1 
HETATM 1565 N N05 . JFM B 2 .   ? -1.301  -19.059 2.714   0.42 16.54 ? 201 JFM B N05 1 
HETATM 1566 C C06 . JFM B 2 .   ? -1.741  -17.876 3.461   0.42 17.87 ? 201 JFM B C06 1 
HETATM 1567 C C07 . JFM B 2 .   ? -2.930  -18.148 4.404   0.42 19.67 ? 201 JFM B C07 1 
HETATM 1568 C C08 . JFM B 2 .   ? -3.546  -16.824 4.897   0.42 21.03 ? 201 JFM B C08 1 
HETATM 1569 C C09 . JFM B 2 .   ? -2.724  -15.807 5.408   0.42 21.88 ? 201 JFM B C09 1 
HETATM 1570 C C11 . JFM B 2 .   ? -4.667  -14.411 5.734   0.42 21.58 ? 201 JFM B C11 1 
HETATM 1571 C C12 . JFM B 2 .   ? -5.480  -15.425 5.225   0.42 21.48 ? 201 JFM B C12 1 
HETATM 1572 C C1  . EDO C 3 .   ? -16.942 -16.276 8.042   1.00 46.70 ? 202 EDO B C1  1 
HETATM 1573 O O1  . EDO C 3 .   ? -15.809 -15.464 8.264   1.00 38.47 ? 202 EDO B O1  1 
HETATM 1574 C C2  . EDO C 3 .   ? -17.036 -16.736 6.651   1.00 46.48 ? 202 EDO B C2  1 
HETATM 1575 O O2  . EDO C 3 .   ? -15.954 -17.576 6.329   1.00 51.42 ? 202 EDO B O2  1 
HETATM 1576 S S   . SO4 D 4 .   ? -17.697 -4.389  0.278   1.00 38.69 ? 203 SO4 B S   1 
HETATM 1577 O O1  . SO4 D 4 .   ? -16.676 -4.198  1.273   1.00 25.07 ? 203 SO4 B O1  1 
HETATM 1578 O O2  . SO4 D 4 .   ? -18.946 -4.693  0.911   1.00 43.80 ? 203 SO4 B O2  1 
HETATM 1579 O O3  . SO4 D 4 .   ? -17.850 -3.135  -0.451  1.00 46.44 ? 203 SO4 B O3  1 
HETATM 1580 O O4  . SO4 D 4 .   ? -17.336 -5.431  -0.664  1.00 40.02 ? 203 SO4 B O4  1 
HETATM 1581 O O   . HOH E 5 .   ? 5.791   -15.772 -11.389 1.00 34.65 ? 301 HOH B O   1 
HETATM 1582 O O   . HOH E 5 .   ? 13.239  0.031   -11.058 1.00 27.94 ? 302 HOH B O   1 
HETATM 1583 O O   . HOH E 5 .   ? 7.668   -15.013 -8.933  1.00 39.14 ? 303 HOH B O   1 
HETATM 1584 O O   . HOH E 5 .   ? -6.165  -7.957  -12.237 1.00 32.01 ? 304 HOH B O   1 
HETATM 1585 O O   . HOH E 5 .   ? 12.271  -14.879 -4.225  1.00 24.45 ? 305 HOH B O   1 
HETATM 1586 O O   . HOH E 5 .   ? 3.063   -21.499 13.191  1.00 26.92 ? 306 HOH B O   1 
HETATM 1587 O O   . HOH E 5 .   ? -15.219 9.393   1.484   1.00 25.34 ? 307 HOH B O   1 
HETATM 1588 O O   . HOH E 5 .   ? -15.014 -13.508 7.041   1.00 23.15 ? 308 HOH B O   1 
HETATM 1589 O O   . HOH E 5 .   ? 12.737  -12.460 -3.333  1.00 45.32 ? 309 HOH B O   1 
HETATM 1590 O O   . HOH E 5 .   ? -5.397  19.377  6.490   1.00 17.25 ? 310 HOH B O   1 
HETATM 1591 O O   . HOH E 5 .   ? 5.301   -14.466 20.842  1.00 37.82 ? 311 HOH B O   1 
HETATM 1592 O O   . HOH E 5 .   ? -4.202  0.427   14.109  1.00 25.80 ? 312 HOH B O   1 
HETATM 1593 O O   . HOH E 5 .   ? 8.435   -23.131 4.612   1.00 37.86 ? 313 HOH B O   1 
HETATM 1594 O O   . HOH E 5 .   ? 12.645  8.221   -7.707  1.00 31.45 ? 314 HOH B O   1 
HETATM 1595 O O   . HOH E 5 .   ? 6.785   -9.026  12.439  1.00 20.25 ? 315 HOH B O   1 
HETATM 1596 O O   . HOH E 5 .   ? -1.128  -23.288 -2.438  1.00 36.08 ? 316 HOH B O   1 
HETATM 1597 O O   . HOH E 5 .   ? -7.171  14.273  10.742  1.00 19.22 ? 317 HOH B O   1 
HETATM 1598 O O   . HOH E 5 .   ? 11.672  -3.982  14.788  1.00 33.17 ? 318 HOH B O   1 
HETATM 1599 O O   . HOH E 5 .   ? -12.523 -1.778  -5.765  1.00 26.52 ? 319 HOH B O   1 
HETATM 1600 O O   . HOH E 5 .   ? 4.038   -20.905 -9.321  1.00 24.52 ? 320 HOH B O   1 
HETATM 1601 O O   . HOH E 5 .   ? -11.207 -4.195  14.796  1.00 29.39 ? 321 HOH B O   1 
HETATM 1602 O O   . HOH E 5 .   ? 15.132  -2.279  -9.520  1.00 37.34 ? 322 HOH B O   1 
HETATM 1603 O O   . HOH E 5 .   ? 5.003   -4.847  -10.785 1.00 15.42 ? 323 HOH B O   1 
HETATM 1604 O O   . HOH E 5 .   ? -10.637 16.095  -10.371 1.00 31.08 ? 324 HOH B O   1 
HETATM 1605 O O   . HOH E 5 .   ? -15.413 -1.456  5.094   1.00 34.28 ? 325 HOH B O   1 
HETATM 1606 O O   . HOH E 5 .   ? 6.619   18.503  2.336   1.00 35.61 ? 326 HOH B O   1 
HETATM 1607 O O   . HOH E 5 .   ? 0.916   20.772  6.272   1.00 47.57 ? 327 HOH B O   1 
HETATM 1608 O O   . HOH E 5 .   ? -11.654 -2.444  5.532   1.00 30.57 ? 328 HOH B O   1 
HETATM 1609 O O   . HOH E 5 .   ? -10.747 0.137   12.416  1.00 33.18 ? 329 HOH B O   1 
HETATM 1610 O O   . HOH E 5 .   ? -5.247  14.165  12.851  1.00 30.34 ? 330 HOH B O   1 
HETATM 1611 O O   . HOH E 5 .   ? -0.722  18.264  -5.672  1.00 27.03 ? 331 HOH B O   1 
HETATM 1612 O O   . HOH E 5 .   ? -1.932  13.530  -12.018 1.00 18.59 ? 332 HOH B O   1 
HETATM 1613 O O   . HOH E 5 .   ? -11.065 8.205   10.244  1.00 26.66 ? 333 HOH B O   1 
HETATM 1614 O O   . HOH E 5 .   ? -8.689  1.878   -3.475  1.00 12.97 ? 334 HOH B O   1 
HETATM 1615 O O   . HOH E 5 .   ? -14.440 -2.120  -14.315 1.00 36.15 ? 335 HOH B O   1 
HETATM 1616 O O   . HOH E 5 .   ? -8.702  16.903  -6.067  1.00 20.49 ? 336 HOH B O   1 
HETATM 1617 O O   . HOH E 5 .   ? -15.223 12.240  -4.641  1.00 34.75 ? 337 HOH B O   1 
HETATM 1618 O O   . HOH E 5 .   ? 7.995   -14.896 2.097   1.00 19.99 ? 338 HOH B O   1 
HETATM 1619 O O   . HOH E 5 .   ? 2.268   3.160   -19.437 1.00 33.17 ? 339 HOH B O   1 
HETATM 1620 O O   . HOH E 5 .   ? 10.877  -8.052  -3.685  1.00 26.29 ? 340 HOH B O   1 
HETATM 1621 O O   . HOH E 5 .   ? -16.848 -0.572  -2.256  1.00 35.62 ? 341 HOH B O   1 
HETATM 1622 O O   . HOH E 5 .   ? -13.895 4.832   8.151   1.00 25.46 ? 342 HOH B O   1 
HETATM 1623 O O   . HOH E 5 .   ? 14.526  -4.958  -9.289  1.00 28.95 ? 343 HOH B O   1 
HETATM 1624 O O   . HOH E 5 .   ? 3.191   -13.174 -0.394  1.00 15.15 ? 344 HOH B O   1 
HETATM 1625 O O   . HOH E 5 .   ? -6.754  -7.137  -2.515  1.00 31.13 ? 345 HOH B O   1 
HETATM 1626 O O   . HOH E 5 .   ? 0.735   -11.364 -11.696 1.00 16.13 ? 346 HOH B O   1 
HETATM 1627 O O   . HOH E 5 .   ? 10.368  4.856   0.604   1.00 17.20 ? 347 HOH B O   1 
HETATM 1628 O O   . HOH E 5 .   ? -0.357  14.311  -8.425  1.00 25.36 ? 348 HOH B O   1 
HETATM 1629 O O   . HOH E 5 .   ? -9.267  -14.312 2.788   1.00 33.01 ? 349 HOH B O   1 
HETATM 1630 O O   . HOH E 5 .   ? -1.031  20.298  0.612   1.00 31.40 ? 350 HOH B O   1 
HETATM 1631 O O   . HOH E 5 .   ? -10.356 15.352  6.046   1.00 20.64 ? 351 HOH B O   1 
HETATM 1632 O O   . HOH E 5 .   ? -13.468 0.339   5.951   1.00 18.97 ? 352 HOH B O   1 
HETATM 1633 O O   . HOH E 5 .   ? 15.642  -2.387  4.595   1.00 24.52 ? 353 HOH B O   1 
HETATM 1634 O O   . HOH E 5 .   ? 10.021  5.919   3.173   1.00 18.91 ? 354 HOH B O   1 
HETATM 1635 O O   . HOH E 5 .   ? 10.345  -10.182 12.586  1.00 24.40 ? 355 HOH B O   1 
HETATM 1636 O O   . HOH E 5 .   ? -1.981  3.490   -16.117 1.00 17.99 ? 356 HOH B O   1 
HETATM 1637 O O   . HOH E 5 .   ? -10.579 7.842   -9.155  1.00 18.16 ? 357 HOH B O   1 
HETATM 1638 O O   . HOH E 5 .   ? 14.084  2.095   10.123  1.00 33.84 ? 358 HOH B O   1 
HETATM 1639 O O   . HOH E 5 .   ? 2.661   -10.547 12.049  1.00 21.26 ? 359 HOH B O   1 
HETATM 1640 O O   . HOH E 5 .   ? -2.917  -14.479 16.824  1.00 26.94 ? 360 HOH B O   1 
HETATM 1641 O O   . HOH E 5 .   ? -5.839  -10.340 -15.294 1.00 28.00 ? 361 HOH B O   1 
HETATM 1642 O O   . HOH E 5 .   ? 1.911   -22.270 4.199   1.00 25.10 ? 362 HOH B O   1 
HETATM 1643 O O   . HOH E 5 .   ? 12.782  7.160   -12.000 1.00 34.55 ? 363 HOH B O   1 
HETATM 1644 O O   . HOH E 5 .   ? 4.966   -17.679 1.640   1.00 29.04 ? 364 HOH B O   1 
HETATM 1645 O O   . HOH E 5 .   ? -6.564  -11.215 13.290  1.00 25.45 ? 365 HOH B O   1 
HETATM 1646 O O   . HOH E 5 .   ? 14.163  -1.508  2.632   1.00 28.11 ? 366 HOH B O   1 
HETATM 1647 O O   . HOH E 5 .   ? -9.609  -8.626  7.201   1.00 15.50 ? 367 HOH B O   1 
HETATM 1648 O O   . HOH E 5 .   ? 2.153   7.943   -17.947 1.00 19.12 ? 368 HOH B O   1 
HETATM 1649 O O   . HOH E 5 .   ? -11.767 -13.637 3.272   1.00 36.32 ? 369 HOH B O   1 
HETATM 1650 O O   . HOH E 5 .   ? -2.169  21.655  -2.911  1.00 30.57 ? 370 HOH B O   1 
HETATM 1651 O O   . HOH E 5 .   ? -4.370  4.261   -17.387 1.00 18.07 ? 371 HOH B O   1 
HETATM 1652 O O   . HOH E 5 .   ? -3.895  18.397  10.547  1.00 37.87 ? 372 HOH B O   1 
HETATM 1653 O O   . HOH E 5 .   ? -14.381 8.142   -0.291  1.00 30.43 ? 373 HOH B O   1 
HETATM 1654 O O   . HOH E 5 .   ? 0.213   -15.718 -9.960  1.00 23.73 ? 374 HOH B O   1 
HETATM 1655 O O   . HOH E 5 .   ? -2.940  12.598  12.077  1.00 27.25 ? 375 HOH B O   1 
HETATM 1656 O O   . HOH E 5 .   ? -7.399  -15.320 15.711  1.00 16.50 ? 376 HOH B O   1 
HETATM 1657 O O   . HOH E 5 .   ? -16.754 -11.039 6.238   1.00 28.60 ? 377 HOH B O   1 
HETATM 1658 O O   . HOH E 5 .   ? 4.042   3.473   -16.212 1.00 19.60 ? 378 HOH B O   1 
HETATM 1659 O O   . HOH E 5 .   ? 5.520   -6.861  -8.927  1.00 15.24 ? 379 HOH B O   1 
HETATM 1660 O O   . HOH E 5 .   ? -0.626  21.602  4.513   1.00 40.17 ? 380 HOH B O   1 
HETATM 1661 O O   . HOH E 5 .   ? 11.887  2.938   -19.256 1.00 46.56 ? 381 HOH B O   1 
HETATM 1662 O O   . HOH E 5 .   ? -1.728  -13.217 -9.333  1.00 22.57 ? 382 HOH B O   1 
HETATM 1663 O O   . HOH E 5 .   ? 3.134   -7.874  16.613  1.00 28.48 ? 383 HOH B O   1 
HETATM 1664 O O   . HOH E 5 .   ? 5.421   -11.855 0.680   1.00 14.17 ? 384 HOH B O   1 
HETATM 1665 O O   . HOH E 5 .   ? 1.987   2.474   0.739   1.00 14.10 ? 385 HOH B O   1 
HETATM 1666 O O   . HOH E 5 .   ? -9.090  9.520   13.942  1.00 22.89 ? 386 HOH B O   1 
HETATM 1667 O O   . HOH E 5 .   ? 7.958   -13.534 -5.341  1.00 16.52 ? 387 HOH B O   1 
HETATM 1668 O O   . HOH E 5 .   ? -3.834  16.672  13.053  1.00 28.02 ? 388 HOH B O   1 
HETATM 1669 O O   . HOH E 5 .   ? -0.973  -8.185  19.751  1.00 24.24 ? 389 HOH B O   1 
HETATM 1670 O O   . HOH E 5 .   ? 2.356   -11.083 20.739  1.00 35.75 ? 390 HOH B O   1 
HETATM 1671 O O   . HOH E 5 .   ? -12.620 9.605   -2.115  1.00 18.44 ? 391 HOH B O   1 
HETATM 1672 O O   . HOH E 5 .   ? -3.885  -18.017 11.461  1.00 23.90 ? 392 HOH B O   1 
HETATM 1673 O O   . HOH E 5 .   ? 13.925  5.265   -15.066 1.00 36.16 ? 393 HOH B O   1 
HETATM 1674 O O   . HOH E 5 .   ? -0.086  15.422  9.395   1.00 29.68 ? 394 HOH B O   1 
HETATM 1675 O O   . HOH E 5 .   ? -1.271  17.879  10.610  1.00 41.14 ? 395 HOH B O   1 
HETATM 1676 O O   . HOH E 5 .   ? -3.808  -12.692 15.265  1.00 36.62 ? 396 HOH B O   1 
HETATM 1677 O O   . HOH E 5 .   ? 7.621   -18.641 8.011   1.00 29.23 ? 397 HOH B O   1 
HETATM 1678 O O   . HOH E 5 .   ? 8.189   10.407  -16.924 1.00 43.42 ? 398 HOH B O   1 
HETATM 1679 O O   . HOH E 5 .   ? -2.929  -12.541 -3.708  1.00 20.33 ? 399 HOH B O   1 
HETATM 1680 O O   . HOH E 5 .   ? 5.704   -10.925 -11.614 1.00 49.16 ? 400 HOH B O   1 
HETATM 1681 O O   . HOH E 5 .   ? -2.495  -3.790  -16.682 1.00 24.00 ? 401 HOH B O   1 
HETATM 1682 O O   . HOH E 5 .   ? 1.956   -7.660  -16.553 1.00 45.06 ? 402 HOH B O   1 
HETATM 1683 O O   . HOH E 5 .   ? 1.239   3.933   -16.568 1.00 18.06 ? 403 HOH B O   1 
HETATM 1684 O O   . HOH E 5 .   ? -11.244 16.501  -2.716  1.00 29.93 ? 404 HOH B O   1 
HETATM 1685 O O   . HOH E 5 .   ? 3.655   10.472  -17.158 1.00 24.35 ? 405 HOH B O   1 
HETATM 1686 O O   . HOH E 5 .   ? 3.922   19.406  3.092   1.00 30.68 ? 406 HOH B O   1 
HETATM 1687 O O   . HOH E 5 .   ? 10.109  11.645  7.439   1.00 34.14 ? 407 HOH B O   1 
HETATM 1688 O O   . HOH E 5 .   ? -5.460  -10.100 -0.759  1.00 30.47 ? 408 HOH B O   1 
HETATM 1689 O O   . HOH E 5 .   ? 5.472   1.259   14.959  1.00 36.87 ? 409 HOH B O   1 
HETATM 1690 O O   . HOH E 5 .   ? 5.230   2.078   -18.369 1.00 25.11 ? 410 HOH B O   1 
HETATM 1691 O O   . HOH E 5 .   ? 10.124  -16.455 -6.702  1.00 33.62 ? 411 HOH B O   1 
HETATM 1692 O O   . HOH E 5 .   ? -14.321 0.504   11.068  1.00 38.50 ? 412 HOH B O   1 
HETATM 1693 O O   . HOH E 5 .   ? 10.739  -9.225  6.282   1.00 25.27 ? 413 HOH B O   1 
HETATM 1694 O O   . HOH E 5 .   ? -4.715  -13.970 21.004  1.00 25.46 ? 414 HOH B O   1 
HETATM 1695 O O   . HOH E 5 .   ? 15.188  -8.616  10.311  1.00 31.00 ? 415 HOH B O   1 
HETATM 1696 O O   . HOH E 5 .   ? 3.650   -7.915  -14.299 1.00 32.41 ? 416 HOH B O   1 
HETATM 1697 O O   . HOH E 5 .   ? 9.205   -18.072 5.948   1.00 39.79 ? 417 HOH B O   1 
HETATM 1698 O O   . HOH E 5 .   ? 2.680   10.090  12.634  1.00 27.77 ? 418 HOH B O   1 
HETATM 1699 O O   . HOH E 5 .   ? -14.630 -19.730 4.636   1.00 46.24 ? 419 HOH B O   1 
HETATM 1700 O O   . HOH E 5 .   ? 5.227   11.849  -14.273 1.00 37.48 ? 420 HOH B O   1 
HETATM 1701 O O   . HOH E 5 .   ? 7.075   -20.131 -1.803  1.00 23.88 ? 421 HOH B O   1 
HETATM 1702 O O   . HOH E 5 .   ? 7.825   -18.465 12.713  1.00 32.29 ? 422 HOH B O   1 
HETATM 1703 O O   . HOH E 5 .   ? 11.958  -9.202  4.077   1.00 25.33 ? 423 HOH B O   1 
HETATM 1704 O O   . HOH E 5 .   ? -4.298  -11.655 11.882  1.00 23.02 ? 424 HOH B O   1 
HETATM 1705 O O   . HOH E 5 .   ? 15.476  1.508   3.722   1.00 37.73 ? 425 HOH B O   1 
HETATM 1706 O O   . HOH E 5 .   ? -0.756  -21.661 11.085  0.50 23.92 ? 426 HOH B O   1 
HETATM 1707 O O   . HOH E 5 .   ? 16.449  -5.102  9.124   1.00 30.44 ? 427 HOH B O   1 
HETATM 1708 O O   . HOH E 5 .   ? 11.288  8.559   -10.554 1.00 34.64 ? 428 HOH B O   1 
HETATM 1709 O O   . HOH E 5 .   ? -9.818  1.818   18.110  1.00 36.35 ? 429 HOH B O   1 
HETATM 1710 O O   . HOH E 5 .   ? -14.597 2.332   7.610   1.00 34.27 ? 430 HOH B O   1 
HETATM 1711 O O   . HOH E 5 .   ? 2.765   -10.282 -13.269 1.00 32.61 ? 431 HOH B O   1 
HETATM 1712 O O   . HOH E 5 .   ? -2.435  23.532  5.460   1.00 32.60 ? 432 HOH B O   1 
HETATM 1713 O O   . HOH E 5 .   ? -13.572 9.637   -4.612  1.00 37.39 ? 433 HOH B O   1 
HETATM 1714 O O   . HOH E 5 .   ? 9.248   -17.708 1.778   1.00 33.94 ? 434 HOH B O   1 
HETATM 1715 O O   . HOH E 5 .   ? 17.281  -1.657  12.584  1.00 31.52 ? 435 HOH B O   1 
HETATM 1716 O O   . HOH E 5 .   ? 11.121  -16.409 0.973   1.00 39.47 ? 436 HOH B O   1 
HETATM 1717 O O   . HOH E 5 .   ? 15.709  -1.826  0.519   1.00 36.59 ? 437 HOH B O   1 
HETATM 1718 O O   . HOH E 5 .   ? -12.451 -5.731  16.259  1.00 38.47 ? 438 HOH B O   1 
HETATM 1719 O O   . HOH E 5 .   ? 4.235   -12.365 22.167  1.00 47.46 ? 439 HOH B O   1 
HETATM 1720 O O   . HOH E 5 .   ? -2.420  15.628  -10.048 1.00 28.79 ? 440 HOH B O   1 
HETATM 1721 O O   . HOH E 5 .   ? -6.858  17.950  -8.261  1.00 38.07 ? 441 HOH B O   1 
HETATM 1722 O O   . HOH E 5 .   ? -13.231 7.128   -9.138  1.00 27.16 ? 442 HOH B O   1 
HETATM 1723 O O   . HOH E 5 .   ? -16.701 10.916  -2.750  1.00 29.62 ? 443 HOH B O   1 
HETATM 1724 O O   . HOH E 5 .   ? -7.701  -11.277 -1.511  1.00 34.27 ? 444 HOH B O   1 
# 
